data_7DM1
#
_entry.id   7DM1
#
_cell.length_a   92.605
_cell.length_b   78.144
_cell.length_c   132.613
_cell.angle_alpha   90.000
_cell.angle_beta   90.360
_cell.angle_gamma   90.000
#
_symmetry.space_group_name_H-M   'P 1 21 1'
#
loop_
_entity.id
_entity.type
_entity.pdbx_description
1 polymer 'Phosphate-binding protein PstS 1'
2 polymer 'light chain'
3 polymer 'heavy chain'
4 non-polymer 'PHOSPHATE ION'
5 water water
#
loop_
_entity_poly.entity_id
_entity_poly.type
_entity_poly.pdbx_seq_one_letter_code
_entity_poly.pdbx_strand_id
1 'polypeptide(L)'
;MGSKPPSGSPETGAGAGTVATTPASSPVTLAETGSTLLYPLFNLWGPAFHERYPNVTITAQGTGSGAGIAQAAAGTVNIG
ASDAYLSEGDMAAHKGLMNIALAISAQQVNYNLPGVSEHLKLNGKVLAAMYQGTIKTWDDPQIAALNPGVNLPGTAVVPL
HRSDGSGDTFLFTQYLSKQDPEGWGKSPGFGTTVDFPAVPGALGENGNGGMVTGCAETPGCVAYIGISFLDQASQRGLGE
AQLGNSSGNFLLPDAQSIQAAAAGFASKTPANQAISMIDGPAPDGYPIINYEYAIVNNRQKDAATAQTLQAFLHWAITDG
NKASFLDQVHFQPLPPAVVKLSDALIATISSLEHHHHHH
;
B,A
2 'polypeptide(L)'
;SWAQSALTQPRSVSGSPGQSVTISCTGSRSDVGGYDYVSWYQQHPGRVPKLMIYDVTKRPSGVPDRFSGSRSGNTASLTI
SGLQADDEADYYCSSFAGSSTYVVFGGGTTLTVLGQPKAAPSVTLFPPSSEELQANKATLVCLISDFYPGAVTVAWKADS
SPVKAGVETTTPSKQSNNKYAASSYLSLTPEQWKSHRSYSCQVTHEGSTVEKTVAPTECS
;
C,E
3 'polypeptide(L)'
;EVQLVESGGGLVQPGRSLRLSCTDSGFTFSEYALSWVRQAPGKGLEWVGFIRSKAYGGTTEYAASVKGRFTISRDDSKSV
AYLQMNSLKTEDTAVYFCTGPRPYYDSSGYYPYYFDYWGQGTLVTVSSASTKGPSVFPLAPSSKSTSGGTAALGCLVKDY
FPEPVTVSWNSGALTSGVHTFPAVLQSSGLYSLSSVVTVPSSSLGTQTYICNVNHKPSNTKVDKRVEPKSCDK
;
D,F
#
# COMPACT_ATOMS: atom_id res chain seq x y z
N THR A 18 -44.02 -13.11 0.90
CA THR A 18 -43.41 -13.58 2.14
C THR A 18 -42.62 -14.87 1.89
N VAL A 19 -41.32 -14.84 2.21
CA VAL A 19 -40.44 -15.96 1.91
C VAL A 19 -40.58 -17.04 2.98
N ALA A 20 -40.66 -18.29 2.55
CA ALA A 20 -40.62 -19.39 3.51
C ALA A 20 -39.21 -19.50 4.08
N THR A 21 -39.12 -19.60 5.41
CA THR A 21 -37.85 -19.78 6.08
C THR A 21 -37.69 -21.17 6.68
N THR A 22 -38.73 -21.98 6.65
CA THR A 22 -38.75 -23.36 7.10
C THR A 22 -39.18 -24.23 5.94
N PRO A 23 -38.49 -25.33 5.66
CA PRO A 23 -38.90 -26.21 4.56
C PRO A 23 -40.09 -27.06 4.98
N ALA A 24 -40.60 -27.80 4.00
CA ALA A 24 -41.62 -28.80 4.31
C ALA A 24 -41.03 -29.88 5.19
N SER A 25 -41.91 -30.59 5.86
CA SER A 25 -41.52 -31.66 6.75
C SER A 25 -41.61 -33.04 6.09
N SER A 26 -42.25 -33.13 4.92
CA SER A 26 -42.31 -34.34 4.11
C SER A 26 -41.06 -34.46 3.25
N PRO A 27 -40.76 -35.67 2.75
CA PRO A 27 -39.48 -35.87 2.04
C PRO A 27 -39.44 -35.11 0.71
N VAL A 28 -38.36 -34.35 0.53
CA VAL A 28 -38.14 -33.50 -0.63
C VAL A 28 -36.68 -33.62 -1.06
N THR A 29 -36.45 -33.70 -2.37
CA THR A 29 -35.11 -33.71 -2.94
C THR A 29 -34.90 -32.42 -3.74
N LEU A 30 -33.88 -31.66 -3.37
CA LEU A 30 -33.45 -30.52 -4.18
C LEU A 30 -32.19 -30.97 -4.91
N ALA A 31 -32.29 -31.03 -6.23
CA ALA A 31 -31.17 -31.43 -7.07
C ALA A 31 -30.50 -30.17 -7.59
N GLU A 32 -29.18 -30.14 -7.48
CA GLU A 32 -28.36 -29.04 -7.97
C GLU A 32 -27.30 -29.57 -8.95
N THR A 33 -26.93 -28.72 -9.90
CA THR A 33 -25.73 -28.95 -10.68
C THR A 33 -25.32 -27.62 -11.29
N GLY A 34 -24.08 -27.57 -11.76
CA GLY A 34 -23.58 -26.40 -12.47
C GLY A 34 -22.23 -25.90 -11.98
N SER A 35 -22.09 -24.58 -11.90
CA SER A 35 -20.84 -23.88 -11.54
C SER A 35 -19.92 -24.71 -10.65
N THR A 36 -18.70 -24.98 -11.12
CA THR A 36 -17.68 -25.57 -10.27
C THR A 36 -17.10 -24.55 -9.31
N LEU A 37 -17.18 -23.26 -9.63
CA LEU A 37 -16.74 -22.25 -8.67
C LEU A 37 -17.60 -22.29 -7.40
N LEU A 38 -18.91 -22.44 -7.56
CA LEU A 38 -19.82 -22.49 -6.43
C LEU A 38 -19.86 -23.87 -5.78
N TYR A 39 -19.51 -24.92 -6.53
CA TYR A 39 -19.66 -26.28 -6.00
C TYR A 39 -19.04 -26.48 -4.61
N PRO A 40 -17.79 -26.10 -4.32
CA PRO A 40 -17.24 -26.37 -2.98
C PRO A 40 -18.06 -25.74 -1.87
N LEU A 41 -18.61 -24.56 -2.11
CA LEU A 41 -19.50 -23.94 -1.14
C LEU A 41 -20.83 -24.67 -1.08
N PHE A 42 -21.40 -25.02 -2.24
CA PHE A 42 -22.68 -25.71 -2.24
C PHE A 42 -22.60 -27.06 -1.55
N ASN A 43 -21.45 -27.71 -1.64
CA ASN A 43 -21.21 -28.97 -0.93
C ASN A 43 -21.02 -28.77 0.57
N LEU A 44 -20.97 -27.54 1.07
CA LEU A 44 -21.06 -27.29 2.51
C LEU A 44 -22.49 -26.94 2.91
N TRP A 45 -23.14 -26.07 2.14
CA TRP A 45 -24.54 -25.69 2.38
C TRP A 45 -25.46 -26.90 2.47
N GLY A 46 -25.44 -27.74 1.43
CA GLY A 46 -26.32 -28.88 1.34
C GLY A 46 -26.32 -29.74 2.59
N PRO A 47 -25.13 -30.24 2.96
CA PRO A 47 -25.05 -31.05 4.19
C PRO A 47 -25.51 -30.32 5.44
N ALA A 48 -25.24 -29.02 5.54
CA ALA A 48 -25.62 -28.33 6.77
C ALA A 48 -27.13 -28.19 6.86
N PHE A 49 -27.77 -27.82 5.74
CA PHE A 49 -29.23 -27.74 5.70
C PHE A 49 -29.86 -29.11 5.90
N HIS A 50 -29.28 -30.14 5.30
CA HIS A 50 -29.79 -31.50 5.50
C HIS A 50 -29.68 -31.93 6.96
N GLU A 51 -28.64 -31.49 7.66
CA GLU A 51 -28.48 -31.84 9.07
C GLU A 51 -29.60 -31.25 9.90
N ARG A 52 -29.97 -29.99 9.62
CA ARG A 52 -31.07 -29.35 10.32
C ARG A 52 -32.44 -29.84 9.88
N TYR A 53 -32.56 -30.35 8.65
CA TYR A 53 -33.85 -30.78 8.10
C TYR A 53 -33.64 -32.07 7.35
N PRO A 54 -33.50 -33.20 8.07
CA PRO A 54 -33.09 -34.44 7.41
C PRO A 54 -34.11 -34.99 6.41
N ASN A 55 -35.33 -34.44 6.37
CA ASN A 55 -36.26 -34.82 5.32
C ASN A 55 -35.89 -34.20 3.97
N VAL A 56 -35.01 -33.21 3.94
CA VAL A 56 -34.64 -32.52 2.71
C VAL A 56 -33.34 -33.11 2.20
N THR A 57 -33.42 -33.86 1.11
CA THR A 57 -32.23 -34.41 0.42
C THR A 57 -31.72 -33.37 -0.59
N ILE A 58 -30.44 -33.03 -0.48
CA ILE A 58 -29.84 -32.04 -1.37
C ILE A 58 -28.65 -32.69 -2.06
N THR A 59 -28.71 -32.81 -3.39
CA THR A 59 -27.59 -33.33 -4.16
C THR A 59 -26.98 -32.22 -5.00
N ALA A 60 -25.65 -32.26 -5.15
CA ALA A 60 -24.90 -31.21 -5.83
C ALA A 60 -23.88 -31.81 -6.79
N GLN A 61 -23.33 -30.98 -7.67
CA GLN A 61 -22.41 -31.51 -8.65
C GLN A 61 -21.73 -30.38 -9.40
N GLY A 62 -20.43 -30.55 -9.66
CA GLY A 62 -19.67 -29.57 -10.40
C GLY A 62 -19.67 -29.89 -11.88
N THR A 63 -20.34 -29.06 -12.69
CA THR A 63 -20.41 -29.35 -14.11
C THR A 63 -20.23 -28.12 -15.00
N GLY A 64 -20.10 -26.94 -14.44
CA GLY A 64 -19.99 -25.72 -15.20
C GLY A 64 -21.29 -24.94 -15.25
N SER A 65 -21.16 -23.62 -15.31
CA SER A 65 -22.35 -22.76 -15.34
C SER A 65 -23.18 -23.00 -16.60
N GLY A 66 -22.56 -23.42 -17.69
CA GLY A 66 -23.32 -23.75 -18.88
C GLY A 66 -24.31 -24.87 -18.64
N ALA A 67 -23.83 -25.99 -18.10
CA ALA A 67 -24.72 -27.09 -17.75
C ALA A 67 -25.74 -26.69 -16.68
N GLY A 68 -25.36 -25.80 -15.76
CA GLY A 68 -26.30 -25.39 -14.72
C GLY A 68 -27.49 -24.63 -15.27
N ILE A 69 -27.23 -23.67 -16.14
CA ILE A 69 -28.32 -22.98 -16.83
C ILE A 69 -29.14 -23.96 -17.64
N ALA A 70 -28.46 -24.79 -18.44
CA ALA A 70 -29.15 -25.72 -19.35
C ALA A 70 -30.02 -26.72 -18.58
N GLN A 71 -29.51 -27.27 -17.49
CA GLN A 71 -30.29 -28.27 -16.78
C GLN A 71 -31.41 -27.65 -15.95
N ALA A 72 -31.18 -26.47 -15.36
CA ALA A 72 -32.29 -25.81 -14.67
C ALA A 72 -33.40 -25.43 -15.63
N ALA A 73 -33.05 -25.05 -16.86
CA ALA A 73 -34.07 -24.66 -17.82
C ALA A 73 -34.87 -25.87 -18.30
N ALA A 74 -34.20 -27.00 -18.48
CA ALA A 74 -34.88 -28.22 -18.86
C ALA A 74 -35.63 -28.88 -17.71
N GLY A 75 -35.35 -28.46 -16.48
CA GLY A 75 -36.06 -29.00 -15.34
C GLY A 75 -35.52 -30.29 -14.78
N THR A 76 -34.30 -30.71 -15.17
CA THR A 76 -33.70 -31.91 -14.63
C THR A 76 -33.15 -31.70 -13.22
N VAL A 77 -32.82 -30.46 -12.86
CA VAL A 77 -32.46 -30.10 -11.50
C VAL A 77 -33.36 -28.98 -11.00
N ASN A 78 -33.38 -28.80 -9.68
CA ASN A 78 -34.13 -27.70 -9.08
C ASN A 78 -33.32 -26.43 -9.03
N ILE A 79 -32.00 -26.54 -8.97
CA ILE A 79 -31.10 -25.40 -8.84
C ILE A 79 -29.98 -25.59 -9.85
N GLY A 80 -29.87 -24.67 -10.80
CA GLY A 80 -28.68 -24.58 -11.62
C GLY A 80 -27.78 -23.55 -10.97
N ALA A 81 -26.51 -23.89 -10.79
CA ALA A 81 -25.55 -22.97 -10.23
C ALA A 81 -24.79 -22.28 -11.36
N SER A 82 -24.70 -20.95 -11.29
CA SER A 82 -24.09 -20.22 -12.38
C SER A 82 -23.38 -18.98 -11.86
N ASP A 83 -22.15 -18.77 -12.34
CA ASP A 83 -21.47 -17.50 -12.11
C ASP A 83 -21.91 -16.43 -13.09
N ALA A 84 -22.75 -16.78 -14.05
CA ALA A 84 -23.24 -15.85 -15.06
C ALA A 84 -24.74 -15.67 -14.89
N TYR A 85 -25.20 -14.43 -14.92
CA TYR A 85 -26.64 -14.18 -14.98
C TYR A 85 -27.20 -14.63 -16.32
N LEU A 86 -28.51 -14.78 -16.38
CA LEU A 86 -29.17 -15.17 -17.62
C LEU A 86 -29.12 -14.03 -18.63
N SER A 87 -28.91 -14.38 -19.90
CA SER A 87 -28.99 -13.40 -20.97
C SER A 87 -30.44 -13.01 -21.22
N GLU A 88 -30.63 -11.88 -21.89
CA GLU A 88 -31.97 -11.60 -22.40
C GLU A 88 -32.41 -12.69 -23.38
N GLY A 89 -31.46 -13.34 -24.05
CA GLY A 89 -31.80 -14.47 -24.90
C GLY A 89 -32.17 -15.71 -24.11
N ASP A 90 -31.56 -15.90 -22.94
CA ASP A 90 -31.96 -16.97 -22.05
C ASP A 90 -33.37 -16.71 -21.50
N MET A 91 -33.60 -15.50 -20.98
CA MET A 91 -34.89 -15.21 -20.39
C MET A 91 -36.01 -15.24 -21.43
N ALA A 92 -35.69 -15.00 -22.70
CA ALA A 92 -36.68 -15.10 -23.76
C ALA A 92 -36.91 -16.54 -24.20
N ALA A 93 -36.00 -17.46 -23.87
CA ALA A 93 -36.17 -18.86 -24.22
C ALA A 93 -36.87 -19.65 -23.12
N HIS A 94 -36.69 -19.27 -21.85
CA HIS A 94 -37.25 -20.02 -20.71
C HIS A 94 -37.82 -19.05 -19.69
N LYS A 95 -39.12 -18.74 -19.79
CA LYS A 95 -39.70 -17.90 -18.74
C LYS A 95 -40.06 -18.76 -17.53
N GLY A 96 -40.22 -18.10 -16.38
CA GLY A 96 -40.17 -18.73 -15.10
C GLY A 96 -38.77 -18.78 -14.52
N LEU A 97 -37.76 -18.79 -15.37
CA LEU A 97 -36.38 -18.95 -14.94
C LEU A 97 -35.84 -17.62 -14.42
N MET A 98 -35.19 -17.64 -13.25
CA MET A 98 -34.57 -16.44 -12.71
C MET A 98 -33.18 -16.80 -12.19
N ASN A 99 -32.35 -15.76 -12.04
CA ASN A 99 -31.04 -15.92 -11.42
C ASN A 99 -31.05 -15.21 -10.06
N ILE A 100 -30.97 -15.99 -8.98
CA ILE A 100 -31.05 -15.46 -7.62
C ILE A 100 -29.66 -15.41 -7.01
N ALA A 101 -29.18 -14.20 -6.73
CA ALA A 101 -27.86 -14.02 -6.13
C ALA A 101 -27.80 -14.67 -4.76
N LEU A 102 -26.77 -15.48 -4.54
CA LEU A 102 -26.57 -16.16 -3.27
C LEU A 102 -25.35 -15.67 -2.50
N ALA A 103 -24.33 -15.18 -3.19
CA ALA A 103 -23.07 -14.80 -2.58
C ALA A 103 -22.25 -14.07 -3.62
N ILE A 104 -21.09 -13.56 -3.21
CA ILE A 104 -20.19 -12.84 -4.09
C ILE A 104 -18.88 -13.60 -4.16
N SER A 105 -18.52 -14.05 -5.37
CA SER A 105 -17.28 -14.78 -5.61
C SER A 105 -16.32 -13.94 -6.42
N ALA A 106 -15.19 -14.54 -6.80
CA ALA A 106 -14.14 -13.82 -7.51
C ALA A 106 -13.31 -14.82 -8.28
N GLN A 107 -12.49 -14.31 -9.20
CA GLN A 107 -11.67 -15.14 -10.07
C GLN A 107 -10.25 -14.61 -10.12
N GLN A 108 -9.27 -15.53 -10.04
CA GLN A 108 -7.88 -15.13 -10.14
C GLN A 108 -7.29 -15.60 -11.47
N VAL A 109 -6.17 -15.00 -11.85
CA VAL A 109 -5.37 -15.50 -12.95
C VAL A 109 -4.17 -16.23 -12.33
N ASN A 110 -4.08 -17.52 -12.57
CA ASN A 110 -2.96 -18.34 -12.13
C ASN A 110 -1.98 -18.56 -13.28
N TYR A 111 -0.73 -18.83 -12.94
CA TYR A 111 0.30 -19.09 -13.94
C TYR A 111 1.36 -20.00 -13.35
N ASN A 112 2.06 -20.73 -14.22
CA ASN A 112 3.05 -21.71 -13.79
C ASN A 112 4.44 -21.20 -14.19
N LEU A 113 5.06 -20.46 -13.28
CA LEU A 113 6.40 -19.89 -13.44
C LEU A 113 7.15 -20.19 -12.15
N PRO A 114 7.76 -21.38 -12.04
CA PRO A 114 8.40 -21.76 -10.78
C PRO A 114 9.54 -20.85 -10.34
N GLY A 115 10.25 -20.23 -11.27
CA GLY A 115 11.30 -19.35 -10.83
C GLY A 115 10.88 -17.96 -10.40
N VAL A 116 9.58 -17.71 -10.31
CA VAL A 116 9.05 -16.36 -10.13
C VAL A 116 8.27 -16.35 -8.81
N SER A 117 8.80 -15.65 -7.81
CA SER A 117 8.19 -15.63 -6.49
C SER A 117 7.18 -14.50 -6.32
N GLU A 118 7.28 -13.46 -7.14
CA GLU A 118 6.39 -12.31 -7.02
C GLU A 118 5.00 -12.62 -7.54
N HIS A 119 4.02 -11.90 -7.01
CA HIS A 119 2.70 -11.82 -7.62
C HIS A 119 2.82 -10.90 -8.82
N LEU A 120 2.89 -11.49 -10.01
CA LEU A 120 2.99 -10.69 -11.23
C LEU A 120 1.74 -9.83 -11.41
N LYS A 121 1.96 -8.58 -11.81
CA LYS A 121 0.89 -7.68 -12.22
C LYS A 121 0.56 -7.94 -13.68
N LEU A 122 -0.73 -8.10 -13.97
CA LEU A 122 -1.26 -8.22 -15.32
C LEU A 122 -2.55 -7.41 -15.40
N ASN A 123 -2.95 -7.03 -16.63
CA ASN A 123 -4.21 -6.34 -16.85
C ASN A 123 -4.91 -6.96 -18.06
N GLY A 124 -6.05 -6.38 -18.43
CA GLY A 124 -6.86 -6.99 -19.47
C GLY A 124 -6.24 -6.91 -20.85
N LYS A 125 -5.56 -5.81 -21.15
CA LYS A 125 -4.95 -5.68 -22.47
C LYS A 125 -3.77 -6.63 -22.63
N VAL A 126 -2.95 -6.78 -21.59
CA VAL A 126 -1.85 -7.73 -21.66
C VAL A 126 -2.38 -9.15 -21.73
N LEU A 127 -3.39 -9.48 -20.92
CA LEU A 127 -3.93 -10.83 -20.95
C LEU A 127 -4.62 -11.11 -22.28
N ALA A 128 -5.34 -10.13 -22.84
CA ALA A 128 -5.96 -10.30 -24.14
C ALA A 128 -4.91 -10.62 -25.21
N ALA A 129 -3.77 -9.93 -25.16
CA ALA A 129 -2.71 -10.19 -26.14
C ALA A 129 -2.09 -11.56 -25.94
N MET A 130 -2.10 -12.09 -24.71
CA MET A 130 -1.61 -13.43 -24.46
C MET A 130 -2.56 -14.48 -25.01
N TYR A 131 -3.86 -14.28 -24.80
CA TYR A 131 -4.83 -15.22 -25.32
C TYR A 131 -5.07 -15.05 -26.81
N GLN A 132 -4.59 -13.95 -27.40
CA GLN A 132 -4.65 -13.76 -28.84
C GLN A 132 -3.37 -14.16 -29.55
N GLY A 133 -2.31 -14.46 -28.80
CA GLY A 133 -1.10 -15.01 -29.40
C GLY A 133 -0.09 -13.99 -29.85
N THR A 134 -0.35 -12.69 -29.70
CA THR A 134 0.65 -11.69 -30.07
C THR A 134 1.73 -11.54 -29.00
N ILE A 135 1.37 -11.71 -27.74
CA ILE A 135 2.36 -11.91 -26.69
C ILE A 135 2.54 -13.40 -26.50
N LYS A 136 3.73 -13.90 -26.83
CA LYS A 136 3.99 -15.33 -26.87
C LYS A 136 4.98 -15.79 -25.81
N THR A 137 5.73 -14.87 -25.22
CA THR A 137 6.84 -15.20 -24.35
C THR A 137 6.72 -14.39 -23.08
N TRP A 138 7.13 -15.00 -21.97
CA TRP A 138 6.81 -14.41 -20.67
C TRP A 138 7.67 -13.21 -20.33
N ASP A 139 8.82 -13.00 -20.99
CA ASP A 139 9.60 -11.81 -20.76
C ASP A 139 9.34 -10.73 -21.81
N ASP A 140 8.19 -10.82 -22.48
CA ASP A 140 7.76 -9.77 -23.38
C ASP A 140 7.77 -8.45 -22.63
N PRO A 141 8.30 -7.37 -23.21
CA PRO A 141 8.31 -6.07 -22.52
C PRO A 141 6.92 -5.64 -22.03
N GLN A 142 5.85 -6.03 -22.72
CA GLN A 142 4.53 -5.63 -22.25
C GLN A 142 4.22 -6.24 -20.89
N ILE A 143 4.76 -7.41 -20.62
CA ILE A 143 4.57 -8.04 -19.28
C ILE A 143 5.64 -7.46 -18.34
N ALA A 144 6.87 -7.45 -18.79
CA ALA A 144 7.96 -7.02 -17.92
C ALA A 144 7.76 -5.56 -17.47
N ALA A 145 7.16 -4.71 -18.30
CA ALA A 145 7.01 -3.30 -17.95
C ALA A 145 6.05 -3.09 -16.77
N LEU A 146 5.04 -3.95 -16.62
CA LEU A 146 4.18 -3.90 -15.44
C LEU A 146 4.86 -4.49 -14.22
N ASN A 147 6.01 -5.16 -14.42
CA ASN A 147 6.73 -5.85 -13.34
C ASN A 147 8.20 -5.46 -13.32
N PRO A 148 8.51 -4.16 -13.27
CA PRO A 148 9.92 -3.76 -13.24
C PRO A 148 10.60 -4.34 -12.00
N GLY A 149 11.84 -4.76 -12.17
CA GLY A 149 12.56 -5.38 -11.07
C GLY A 149 12.25 -6.84 -10.84
N VAL A 150 11.45 -7.46 -11.71
CA VAL A 150 11.18 -8.89 -11.63
C VAL A 150 11.89 -9.56 -12.79
N ASN A 151 12.65 -10.61 -12.50
CA ASN A 151 13.31 -11.38 -13.54
C ASN A 151 12.31 -12.37 -14.13
N LEU A 152 11.89 -12.12 -15.38
CA LEU A 152 10.98 -13.04 -16.05
C LEU A 152 11.74 -13.95 -17.00
N PRO A 153 11.30 -15.19 -17.14
CA PRO A 153 11.99 -16.14 -18.01
C PRO A 153 11.58 -15.98 -19.46
N GLY A 154 12.33 -16.64 -20.34
CA GLY A 154 11.95 -16.66 -21.74
C GLY A 154 11.01 -17.81 -22.05
N THR A 155 10.13 -18.14 -21.12
CA THR A 155 9.24 -19.27 -21.29
C THR A 155 8.05 -18.90 -22.18
N ALA A 156 7.71 -19.81 -23.09
CA ALA A 156 6.54 -19.65 -23.95
C ALA A 156 5.27 -19.57 -23.11
N VAL A 157 4.41 -18.60 -23.44
CA VAL A 157 3.09 -18.50 -22.84
C VAL A 157 2.20 -19.62 -23.40
N VAL A 158 1.53 -20.34 -22.51
CA VAL A 158 0.57 -21.36 -22.89
C VAL A 158 -0.78 -20.98 -22.30
N PRO A 159 -1.64 -20.34 -23.09
CA PRO A 159 -2.92 -19.84 -22.56
C PRO A 159 -3.97 -20.94 -22.48
N LEU A 160 -4.45 -21.21 -21.27
CA LEU A 160 -5.45 -22.24 -21.02
C LEU A 160 -6.84 -21.62 -20.95
N HIS A 161 -7.81 -22.27 -21.59
CA HIS A 161 -9.20 -21.86 -21.48
C HIS A 161 -10.04 -23.05 -21.08
N ARG A 162 -11.28 -22.77 -20.71
CA ARG A 162 -12.21 -23.82 -20.32
C ARG A 162 -12.79 -24.49 -21.55
N SER A 163 -12.92 -25.81 -21.49
CA SER A 163 -13.50 -26.58 -22.58
C SER A 163 -15.02 -26.70 -22.47
N ASP A 164 -15.58 -26.54 -21.29
CA ASP A 164 -17.03 -26.63 -21.08
C ASP A 164 -17.62 -25.24 -20.97
N GLY A 165 -18.91 -25.13 -21.23
CA GLY A 165 -19.62 -23.88 -20.94
C GLY A 165 -19.40 -23.50 -19.49
N SER A 166 -18.90 -22.29 -19.24
CA SER A 166 -18.31 -21.97 -17.94
C SER A 166 -18.60 -20.53 -17.53
N GLY A 167 -19.07 -20.35 -16.28
CA GLY A 167 -19.19 -19.01 -15.73
C GLY A 167 -17.85 -18.30 -15.60
N ASP A 168 -16.80 -19.05 -15.29
CA ASP A 168 -15.47 -18.45 -15.23
C ASP A 168 -15.06 -17.88 -16.59
N THR A 169 -15.34 -18.59 -17.68
CA THR A 169 -15.07 -18.01 -19.00
C THR A 169 -15.79 -16.68 -19.16
N PHE A 170 -17.08 -16.67 -18.81
CA PHE A 170 -17.91 -15.47 -18.89
C PHE A 170 -17.24 -14.29 -18.19
N LEU A 171 -16.78 -14.49 -16.95
CA LEU A 171 -16.19 -13.39 -16.18
C LEU A 171 -14.87 -12.95 -16.77
N PHE A 172 -14.02 -13.91 -17.12
CA PHE A 172 -12.71 -13.59 -17.68
C PHE A 172 -12.84 -12.88 -19.02
N THR A 173 -13.70 -13.38 -19.91
CA THR A 173 -13.87 -12.70 -21.18
C THR A 173 -14.59 -11.37 -21.03
N GLN A 174 -15.38 -11.17 -19.97
CA GLN A 174 -15.93 -9.83 -19.73
C GLN A 174 -14.84 -8.87 -19.29
N TYR A 175 -13.86 -9.37 -18.55
CA TYR A 175 -12.76 -8.52 -18.12
C TYR A 175 -11.88 -8.13 -19.31
N LEU A 176 -11.60 -9.10 -20.20
CA LEU A 176 -10.90 -8.79 -21.44
C LEU A 176 -11.70 -7.83 -22.31
N SER A 177 -13.00 -8.10 -22.50
CA SER A 177 -13.82 -7.20 -23.29
C SER A 177 -13.90 -5.79 -22.71
N LYS A 178 -13.99 -5.67 -21.39
CA LYS A 178 -14.19 -4.34 -20.83
C LYS A 178 -12.91 -3.53 -20.84
N GLN A 179 -11.78 -4.18 -20.64
CA GLN A 179 -10.51 -3.48 -20.61
C GLN A 179 -9.88 -3.36 -21.99
N ASP A 180 -10.29 -4.19 -22.95
CA ASP A 180 -9.82 -4.11 -24.33
C ASP A 180 -11.01 -4.07 -25.27
N PRO A 181 -11.80 -3.00 -25.24
CA PRO A 181 -13.05 -2.99 -26.01
C PRO A 181 -12.85 -2.97 -27.50
N GLU A 182 -11.77 -2.35 -27.99
CA GLU A 182 -11.52 -2.30 -29.42
C GLU A 182 -10.89 -3.58 -29.95
N GLY A 183 -10.29 -4.38 -29.09
CA GLY A 183 -9.67 -5.64 -29.48
C GLY A 183 -10.54 -6.78 -29.08
N TRP A 184 -10.29 -7.37 -27.89
CA TRP A 184 -11.03 -8.53 -27.45
C TRP A 184 -12.54 -8.27 -27.41
N GLY A 185 -12.94 -7.06 -27.02
CA GLY A 185 -14.36 -6.73 -26.98
C GLY A 185 -15.04 -6.86 -28.34
N LYS A 186 -14.34 -6.55 -29.43
CA LYS A 186 -14.91 -6.73 -30.76
C LYS A 186 -14.98 -8.19 -31.17
N SER A 187 -13.93 -8.96 -30.87
CA SER A 187 -13.89 -10.38 -31.16
C SER A 187 -12.80 -10.99 -30.31
N PRO A 188 -13.03 -12.14 -29.65
CA PRO A 188 -14.28 -12.89 -29.69
C PRO A 188 -15.33 -12.48 -28.64
N GLY A 189 -15.10 -11.38 -27.93
CA GLY A 189 -16.11 -10.95 -26.97
C GLY A 189 -16.19 -11.86 -25.76
N PHE A 190 -17.37 -11.91 -25.14
CA PHE A 190 -17.58 -12.63 -23.89
C PHE A 190 -18.77 -13.56 -23.99
N GLY A 191 -18.80 -14.54 -23.08
CA GLY A 191 -19.86 -15.52 -23.04
C GLY A 191 -19.43 -16.71 -22.19
N THR A 192 -20.40 -17.56 -21.88
CA THR A 192 -20.09 -18.79 -21.16
C THR A 192 -19.31 -19.75 -22.05
N THR A 193 -19.52 -19.65 -23.36
CA THR A 193 -18.65 -20.24 -24.38
C THR A 193 -18.18 -19.13 -25.30
N VAL A 194 -16.89 -19.17 -25.66
CA VAL A 194 -16.24 -18.15 -26.46
C VAL A 194 -15.28 -18.85 -27.42
N ASP A 195 -15.17 -18.34 -28.64
CA ASP A 195 -14.22 -18.90 -29.60
C ASP A 195 -12.83 -18.31 -29.32
N PHE A 196 -12.08 -19.01 -28.50
CA PHE A 196 -10.74 -18.54 -28.15
C PHE A 196 -9.82 -18.65 -29.37
N PRO A 197 -9.02 -17.63 -29.65
CA PRO A 197 -8.08 -17.71 -30.77
C PRO A 197 -7.21 -18.96 -30.66
N ALA A 198 -7.04 -19.65 -31.79
CA ALA A 198 -6.20 -20.85 -31.86
C ALA A 198 -4.73 -20.46 -31.96
N VAL A 199 -4.19 -20.01 -30.85
CA VAL A 199 -2.76 -19.74 -30.75
C VAL A 199 -2.06 -21.09 -30.61
N PRO A 200 -0.85 -21.25 -31.17
CA PRO A 200 -0.15 -22.54 -31.03
C PRO A 200 0.12 -22.87 -29.58
N GLY A 201 -0.34 -24.06 -29.16
CA GLY A 201 -0.10 -24.56 -27.83
C GLY A 201 -1.26 -24.40 -26.86
N ALA A 202 -2.26 -23.60 -27.20
CA ALA A 202 -3.39 -23.39 -26.28
C ALA A 202 -4.15 -24.69 -26.05
N LEU A 203 -4.62 -24.86 -24.82
CA LEU A 203 -5.34 -26.07 -24.43
C LEU A 203 -6.68 -25.71 -23.79
N GLY A 204 -7.61 -26.65 -23.82
CA GLY A 204 -8.89 -26.51 -23.15
C GLY A 204 -9.02 -27.55 -22.05
N GLU A 205 -9.62 -27.16 -20.92
CA GLU A 205 -9.76 -28.02 -19.76
C GLU A 205 -11.21 -28.02 -19.25
N ASN A 206 -11.62 -29.12 -18.63
CA ASN A 206 -12.96 -29.25 -18.07
C ASN A 206 -12.94 -28.84 -16.60
N GLY A 207 -13.75 -27.84 -16.25
CA GLY A 207 -13.89 -27.40 -14.88
C GLY A 207 -12.71 -26.63 -14.35
N ASN A 208 -12.93 -25.91 -13.23
CA ASN A 208 -11.84 -25.25 -12.52
C ASN A 208 -10.77 -26.25 -12.12
N GLY A 209 -11.18 -27.47 -11.77
CA GLY A 209 -10.20 -28.49 -11.43
C GLY A 209 -9.30 -28.82 -12.60
N GLY A 210 -9.87 -28.89 -13.81
CA GLY A 210 -9.07 -29.13 -14.98
C GLY A 210 -8.08 -28.01 -15.27
N MET A 211 -8.49 -26.76 -15.01
CA MET A 211 -7.60 -25.62 -15.18
C MET A 211 -6.46 -25.66 -14.18
N VAL A 212 -6.73 -26.03 -12.93
CA VAL A 212 -5.66 -26.13 -11.96
C VAL A 212 -4.62 -27.15 -12.42
N THR A 213 -5.07 -28.38 -12.70
CA THR A 213 -4.12 -29.44 -13.00
C THR A 213 -3.45 -29.23 -14.35
N GLY A 214 -4.15 -28.65 -15.32
CA GLY A 214 -3.55 -28.37 -16.61
C GLY A 214 -2.53 -27.25 -16.52
N CYS A 215 -2.81 -26.23 -15.70
CA CYS A 215 -1.85 -25.17 -15.46
C CYS A 215 -0.62 -25.69 -14.76
N ALA A 216 -0.81 -26.54 -13.76
CA ALA A 216 0.28 -27.08 -12.98
C ALA A 216 1.15 -28.06 -13.76
N GLU A 217 0.67 -28.54 -14.92
CA GLU A 217 1.38 -29.59 -15.64
C GLU A 217 2.48 -29.05 -16.54
N THR A 218 2.33 -27.86 -17.12
CA THR A 218 3.33 -27.32 -18.03
C THR A 218 3.75 -25.94 -17.57
N PRO A 219 5.04 -25.69 -17.34
CA PRO A 219 5.48 -24.34 -17.03
C PRO A 219 5.22 -23.40 -18.19
N GLY A 220 4.88 -22.16 -17.87
CA GLY A 220 4.47 -21.19 -18.86
C GLY A 220 2.97 -21.07 -19.04
N CYS A 221 2.19 -21.97 -18.44
CA CYS A 221 0.73 -21.87 -18.57
C CYS A 221 0.21 -20.65 -17.82
N VAL A 222 -0.88 -20.10 -18.33
CA VAL A 222 -1.67 -19.08 -17.64
C VAL A 222 -3.13 -19.50 -17.76
N ALA A 223 -3.88 -19.29 -16.69
CA ALA A 223 -5.25 -19.80 -16.62
C ALA A 223 -6.08 -18.87 -15.74
N TYR A 224 -7.36 -18.77 -16.08
CA TYR A 224 -8.34 -18.06 -15.28
C TYR A 224 -9.07 -19.08 -14.42
N ILE A 225 -9.08 -18.88 -13.09
CA ILE A 225 -9.51 -19.92 -12.16
C ILE A 225 -10.30 -19.32 -10.99
N GLY A 226 -11.41 -19.96 -10.63
CA GLY A 226 -12.29 -19.40 -9.60
C GLY A 226 -11.65 -19.43 -8.22
N ILE A 227 -11.97 -18.42 -7.41
CA ILE A 227 -11.26 -18.24 -6.14
C ILE A 227 -11.51 -19.36 -5.16
N SER A 228 -12.55 -20.20 -5.36
CA SER A 228 -12.70 -21.37 -4.51
C SER A 228 -11.66 -22.46 -4.83
N PHE A 229 -10.86 -22.28 -5.87
CA PHE A 229 -9.78 -23.19 -6.22
C PHE A 229 -8.42 -22.58 -5.94
N LEU A 230 -8.37 -21.36 -5.43
CA LEU A 230 -7.11 -20.67 -5.17
C LEU A 230 -6.23 -21.49 -4.23
N ASP A 231 -6.81 -22.05 -3.18
CA ASP A 231 -6.02 -22.84 -2.24
C ASP A 231 -5.38 -24.02 -2.94
N GLN A 232 -6.15 -24.73 -3.76
CA GLN A 232 -5.60 -25.84 -4.53
C GLN A 232 -4.50 -25.35 -5.49
N ALA A 233 -4.74 -24.22 -6.15
CA ALA A 233 -3.74 -23.69 -7.08
C ALA A 233 -2.45 -23.34 -6.36
N SER A 234 -2.55 -22.72 -5.19
CA SER A 234 -1.34 -22.42 -4.42
C SER A 234 -0.63 -23.69 -3.97
N GLN A 235 -1.39 -24.72 -3.60
CA GLN A 235 -0.75 -25.95 -3.15
C GLN A 235 0.07 -26.56 -4.26
N ARG A 236 -0.42 -26.47 -5.50
CA ARG A 236 0.30 -27.00 -6.64
C ARG A 236 1.41 -26.07 -7.14
N GLY A 237 1.70 -24.99 -6.43
CA GLY A 237 2.82 -24.13 -6.79
C GLY A 237 2.52 -23.09 -7.84
N LEU A 238 1.26 -22.85 -8.17
CA LEU A 238 0.91 -21.87 -9.17
C LEU A 238 1.02 -20.47 -8.61
N GLY A 239 1.56 -19.54 -9.40
CA GLY A 239 1.53 -18.15 -9.04
C GLY A 239 0.14 -17.55 -9.18
N GLU A 240 -0.08 -16.43 -8.50
CA GLU A 240 -1.38 -15.76 -8.48
C GLU A 240 -1.19 -14.29 -8.82
N ALA A 241 -1.87 -13.83 -9.86
CA ALA A 241 -1.61 -12.49 -10.40
C ALA A 241 -2.34 -11.41 -9.62
N GLN A 242 -1.73 -10.22 -9.60
CA GLN A 242 -2.44 -9.00 -9.23
C GLN A 242 -2.98 -8.37 -10.50
N LEU A 243 -4.29 -8.19 -10.58
CA LEU A 243 -4.91 -7.73 -11.80
C LEU A 243 -5.17 -6.23 -11.72
N GLY A 244 -4.95 -5.53 -12.83
CA GLY A 244 -5.20 -4.10 -12.87
C GLY A 244 -6.69 -3.82 -12.98
N ASN A 245 -7.14 -2.80 -12.24
CA ASN A 245 -8.49 -2.30 -12.38
C ASN A 245 -8.48 -1.03 -13.23
N SER A 246 -9.67 -0.46 -13.47
CA SER A 246 -9.74 0.71 -14.36
C SER A 246 -9.11 1.95 -13.73
N SER A 247 -8.89 1.95 -12.43
CA SER A 247 -8.28 3.10 -11.79
C SER A 247 -6.76 3.09 -11.89
N GLY A 248 -6.15 2.07 -12.50
CA GLY A 248 -4.72 1.95 -12.60
C GLY A 248 -4.05 1.15 -11.51
N ASN A 249 -4.79 0.69 -10.50
CA ASN A 249 -4.21 -0.07 -9.39
C ASN A 249 -4.24 -1.56 -9.69
N PHE A 250 -3.28 -2.29 -9.09
CA PHE A 250 -3.14 -3.74 -9.27
C PHE A 250 -3.38 -4.44 -7.93
N LEU A 251 -4.25 -5.46 -7.93
CA LEU A 251 -4.76 -6.01 -6.66
C LEU A 251 -4.86 -7.52 -6.70
N LEU A 252 -4.67 -8.13 -5.55
CA LEU A 252 -5.03 -9.52 -5.35
C LEU A 252 -6.48 -9.60 -4.86
N PRO A 253 -7.18 -10.71 -5.15
CA PRO A 253 -8.53 -10.84 -4.59
C PRO A 253 -8.42 -11.25 -3.13
N ASP A 254 -8.93 -10.40 -2.25
CA ASP A 254 -9.08 -10.73 -0.84
C ASP A 254 -10.40 -10.16 -0.36
N ALA A 255 -10.72 -10.40 0.91
CA ALA A 255 -11.98 -9.95 1.47
C ALA A 255 -12.21 -8.47 1.22
N GLN A 256 -11.16 -7.66 1.36
CA GLN A 256 -11.37 -6.22 1.26
C GLN A 256 -11.46 -5.75 -0.19
N SER A 257 -10.64 -6.30 -1.09
CA SER A 257 -10.68 -5.84 -2.48
C SER A 257 -11.98 -6.28 -3.15
N ILE A 258 -12.47 -7.48 -2.82
CA ILE A 258 -13.76 -7.96 -3.32
C ILE A 258 -14.91 -7.11 -2.77
N GLN A 259 -14.90 -6.80 -1.46
CA GLN A 259 -15.90 -5.92 -0.85
C GLN A 259 -15.95 -4.58 -1.52
N ALA A 260 -14.77 -3.97 -1.71
CA ALA A 260 -14.71 -2.63 -2.31
C ALA A 260 -15.31 -2.63 -3.71
N ALA A 261 -15.04 -3.68 -4.48
CA ALA A 261 -15.62 -3.80 -5.81
C ALA A 261 -17.14 -3.91 -5.74
N ALA A 262 -17.65 -4.78 -4.86
CA ALA A 262 -19.08 -5.03 -4.83
C ALA A 262 -19.86 -3.82 -4.34
N ALA A 263 -19.24 -2.97 -3.52
CA ALA A 263 -19.98 -2.00 -2.72
C ALA A 263 -20.70 -0.97 -3.59
N GLY A 264 -20.04 -0.47 -4.63
CA GLY A 264 -20.70 0.43 -5.54
C GLY A 264 -21.86 -0.19 -6.30
N PHE A 265 -21.73 -1.47 -6.61
CA PHE A 265 -22.83 -2.12 -7.34
C PHE A 265 -23.94 -2.51 -6.37
N ALA A 266 -23.77 -2.27 -5.08
CA ALA A 266 -24.81 -2.72 -4.13
C ALA A 266 -26.14 -2.01 -4.42
N SER A 267 -26.11 -0.71 -4.66
CA SER A 267 -27.34 0.08 -4.90
C SER A 267 -27.78 0.01 -6.37
N LYS A 268 -26.92 -0.47 -7.26
CA LYS A 268 -27.28 -0.54 -8.68
C LYS A 268 -27.78 -1.92 -9.07
N THR A 269 -27.83 -2.88 -8.17
CA THR A 269 -28.29 -4.21 -8.56
C THR A 269 -29.78 -4.14 -8.87
N PRO A 270 -30.22 -4.55 -10.06
CA PRO A 270 -31.63 -4.43 -10.42
C PRO A 270 -32.47 -5.54 -9.79
N ALA A 271 -33.79 -5.38 -9.93
CA ALA A 271 -34.73 -6.31 -9.29
C ALA A 271 -34.47 -7.75 -9.70
N ASN A 272 -34.13 -7.97 -10.97
CA ASN A 272 -33.88 -9.34 -11.42
C ASN A 272 -32.45 -9.80 -11.15
N GLN A 273 -31.61 -8.93 -10.57
CA GLN A 273 -30.26 -9.20 -10.07
C GLN A 273 -29.26 -9.52 -11.18
N ALA A 274 -29.64 -9.41 -12.45
CA ALA A 274 -28.71 -9.66 -13.55
C ALA A 274 -27.84 -8.43 -13.74
N ILE A 275 -26.59 -8.48 -13.29
CA ILE A 275 -25.70 -7.33 -13.39
C ILE A 275 -24.26 -7.81 -13.40
N SER A 276 -23.44 -7.19 -14.25
CA SER A 276 -22.02 -7.49 -14.28
C SER A 276 -21.30 -6.51 -13.36
N MET A 277 -20.54 -7.05 -12.42
CA MET A 277 -19.69 -6.26 -11.54
C MET A 277 -18.23 -6.34 -11.95
N ILE A 278 -17.97 -6.64 -13.21
CA ILE A 278 -16.60 -6.76 -13.72
C ILE A 278 -16.03 -5.36 -13.93
N ASP A 279 -14.80 -5.15 -13.45
CA ASP A 279 -14.00 -3.97 -13.82
C ASP A 279 -14.69 -2.68 -13.35
N GLY A 280 -15.05 -2.65 -12.06
CA GLY A 280 -15.72 -1.52 -11.46
C GLY A 280 -14.85 -0.29 -11.34
N PRO A 281 -15.47 0.85 -10.97
CA PRO A 281 -14.72 2.10 -10.83
C PRO A 281 -14.10 2.33 -9.46
N ALA A 282 -14.36 1.48 -8.47
CA ALA A 282 -13.74 1.69 -7.17
C ALA A 282 -12.24 1.51 -7.30
N PRO A 283 -11.44 2.44 -6.80
CA PRO A 283 -9.99 2.35 -7.00
C PRO A 283 -9.34 1.20 -6.25
N ASP A 284 -9.94 0.77 -5.14
CA ASP A 284 -9.49 -0.39 -4.40
C ASP A 284 -10.29 -1.66 -4.74
N GLY A 285 -11.06 -1.65 -5.82
CA GLY A 285 -11.90 -2.78 -6.17
C GLY A 285 -11.21 -3.82 -7.02
N TYR A 286 -11.38 -5.07 -6.65
CA TYR A 286 -10.84 -6.14 -7.48
C TYR A 286 -11.70 -6.26 -8.72
N PRO A 287 -11.10 -6.39 -9.92
CA PRO A 287 -11.89 -6.21 -11.14
C PRO A 287 -12.68 -7.42 -11.60
N ILE A 288 -12.40 -8.63 -11.10
CA ILE A 288 -13.18 -9.79 -11.53
C ILE A 288 -13.91 -10.38 -10.33
N ILE A 289 -15.08 -9.82 -10.01
CA ILE A 289 -15.98 -10.33 -9.00
C ILE A 289 -17.36 -10.57 -9.65
N ASN A 290 -18.23 -11.26 -8.91
CA ASN A 290 -19.50 -11.67 -9.48
C ASN A 290 -20.46 -12.14 -8.38
N TYR A 291 -21.76 -12.11 -8.70
CA TYR A 291 -22.74 -12.83 -7.91
C TYR A 291 -22.70 -14.30 -8.31
N GLU A 292 -22.70 -15.17 -7.31
CA GLU A 292 -23.01 -16.58 -7.52
C GLU A 292 -24.53 -16.71 -7.56
N TYR A 293 -25.07 -17.29 -8.63
CA TYR A 293 -26.51 -17.29 -8.85
C TYR A 293 -27.08 -18.69 -8.67
N ALA A 294 -28.27 -18.77 -8.09
CA ALA A 294 -29.11 -19.94 -8.25
C ALA A 294 -30.01 -19.70 -9.44
N ILE A 295 -29.89 -20.54 -10.47
CA ILE A 295 -30.82 -20.53 -11.59
C ILE A 295 -31.97 -21.46 -11.21
N VAL A 296 -33.17 -20.89 -11.06
CA VAL A 296 -34.34 -21.64 -10.62
C VAL A 296 -35.55 -21.14 -11.40
N ASN A 297 -36.56 -22.00 -11.48
CA ASN A 297 -37.83 -21.68 -12.12
C ASN A 297 -38.88 -21.24 -11.09
N ASN A 298 -39.72 -20.28 -11.50
CA ASN A 298 -40.95 -19.83 -10.85
C ASN A 298 -41.77 -20.96 -10.27
N ARG A 299 -41.90 -22.03 -11.04
CA ARG A 299 -42.84 -23.09 -10.73
C ARG A 299 -42.07 -24.36 -10.39
N GLN A 300 -42.37 -24.93 -9.23
CA GLN A 300 -41.91 -26.25 -8.86
C GLN A 300 -43.07 -27.24 -8.98
N LYS A 301 -42.76 -28.52 -8.76
CA LYS A 301 -43.71 -29.59 -9.04
C LYS A 301 -44.86 -29.63 -8.03
N ASP A 302 -44.66 -29.12 -6.80
CA ASP A 302 -45.73 -29.19 -5.81
C ASP A 302 -45.44 -28.21 -4.67
N ALA A 303 -46.45 -28.05 -3.80
CA ALA A 303 -46.36 -27.06 -2.73
C ALA A 303 -45.17 -27.33 -1.83
N ALA A 304 -44.88 -28.61 -1.55
CA ALA A 304 -43.82 -28.93 -0.61
C ALA A 304 -42.45 -28.61 -1.18
N THR A 305 -42.23 -28.92 -2.46
CA THR A 305 -40.95 -28.61 -3.09
C THR A 305 -40.72 -27.11 -3.19
N ALA A 306 -41.79 -26.35 -3.50
CA ALA A 306 -41.67 -24.89 -3.61
C ALA A 306 -41.31 -24.28 -2.27
N GLN A 307 -42.09 -24.60 -1.23
CA GLN A 307 -41.75 -24.15 0.12
C GLN A 307 -40.32 -24.53 0.50
N THR A 308 -39.95 -25.79 0.26
CA THR A 308 -38.64 -26.26 0.68
C THR A 308 -37.52 -25.60 -0.11
N LEU A 309 -37.72 -25.41 -1.42
CA LEU A 309 -36.73 -24.70 -2.20
C LEU A 309 -36.61 -23.25 -1.74
N GLN A 310 -37.74 -22.62 -1.38
CA GLN A 310 -37.70 -21.26 -0.81
C GLN A 310 -36.87 -21.23 0.47
N ALA A 311 -37.09 -22.21 1.35
CA ALA A 311 -36.43 -22.21 2.64
C ALA A 311 -34.92 -22.46 2.51
N PHE A 312 -34.51 -23.33 1.58
CA PHE A 312 -33.09 -23.57 1.41
C PHE A 312 -32.39 -22.32 0.88
N LEU A 313 -32.97 -21.71 -0.16
CA LEU A 313 -32.38 -20.52 -0.76
C LEU A 313 -32.32 -19.38 0.25
N HIS A 314 -33.38 -19.18 1.02
CA HIS A 314 -33.38 -18.15 2.02
C HIS A 314 -32.36 -18.46 3.12
N TRP A 315 -32.26 -19.72 3.52
CA TRP A 315 -31.24 -20.11 4.47
C TRP A 315 -29.85 -19.85 3.91
N ALA A 316 -29.65 -20.14 2.62
CA ALA A 316 -28.33 -19.98 2.02
C ALA A 316 -27.87 -18.53 2.03
N ILE A 317 -28.77 -17.58 1.83
CA ILE A 317 -28.35 -16.17 1.83
C ILE A 317 -28.32 -15.54 3.21
N THR A 318 -28.71 -16.27 4.26
CA THR A 318 -28.65 -15.75 5.62
C THR A 318 -27.72 -16.61 6.47
N ASP A 319 -28.13 -17.81 6.89
CA ASP A 319 -27.19 -18.68 7.61
C ASP A 319 -26.00 -19.05 6.75
N GLY A 320 -26.24 -19.37 5.48
CA GLY A 320 -25.19 -19.79 4.58
C GLY A 320 -24.21 -18.70 4.21
N ASN A 321 -24.52 -17.44 4.53
CA ASN A 321 -23.62 -16.33 4.28
C ASN A 321 -22.77 -15.98 5.48
N LYS A 322 -22.87 -16.74 6.58
CA LYS A 322 -22.00 -16.47 7.70
C LYS A 322 -20.56 -16.71 7.29
N ALA A 323 -19.65 -15.96 7.91
CA ALA A 323 -18.24 -16.11 7.54
C ALA A 323 -17.76 -17.53 7.71
N SER A 324 -18.33 -18.28 8.67
CA SER A 324 -17.92 -19.67 8.87
C SER A 324 -18.08 -20.50 7.60
N PHE A 325 -19.05 -20.18 6.74
CA PHE A 325 -19.15 -20.82 5.43
C PHE A 325 -18.27 -20.12 4.41
N LEU A 326 -18.52 -18.83 4.18
CA LEU A 326 -17.94 -18.13 3.03
C LEU A 326 -16.42 -18.03 3.11
N ASP A 327 -15.85 -17.96 4.32
CA ASP A 327 -14.39 -17.81 4.43
C ASP A 327 -13.67 -19.05 3.94
N GLN A 328 -14.31 -20.22 3.99
CA GLN A 328 -13.66 -21.44 3.54
C GLN A 328 -13.34 -21.39 2.05
N VAL A 329 -14.13 -20.66 1.27
CA VAL A 329 -13.98 -20.59 -0.17
C VAL A 329 -13.62 -19.18 -0.64
N HIS A 330 -13.34 -18.27 0.29
CA HIS A 330 -12.91 -16.90 -0.01
C HIS A 330 -14.02 -16.08 -0.69
N PHE A 331 -15.28 -16.37 -0.40
CA PHE A 331 -16.39 -15.58 -0.90
C PHE A 331 -16.72 -14.45 0.08
N GLN A 332 -17.53 -13.51 -0.39
CA GLN A 332 -18.00 -12.41 0.43
C GLN A 332 -19.51 -12.43 0.50
N PRO A 333 -20.10 -11.93 1.59
CA PRO A 333 -21.55 -12.04 1.76
C PRO A 333 -22.28 -11.02 0.90
N LEU A 334 -23.53 -11.35 0.59
CA LEU A 334 -24.41 -10.38 -0.05
C LEU A 334 -24.62 -9.19 0.87
N PRO A 335 -24.59 -7.96 0.36
CA PRO A 335 -24.93 -6.81 1.19
C PRO A 335 -26.41 -6.80 1.53
N PRO A 336 -26.81 -6.05 2.57
CA PRO A 336 -28.21 -6.14 3.03
C PRO A 336 -29.25 -5.81 1.97
N ALA A 337 -29.01 -4.78 1.16
CA ALA A 337 -29.97 -4.45 0.11
C ALA A 337 -30.10 -5.56 -0.94
N VAL A 338 -29.06 -6.33 -1.16
CA VAL A 338 -29.14 -7.38 -2.17
C VAL A 338 -29.86 -8.61 -1.64
N VAL A 339 -29.65 -8.91 -0.35
CA VAL A 339 -30.43 -9.96 0.32
C VAL A 339 -31.92 -9.70 0.17
N LYS A 340 -32.32 -8.43 0.32
CA LYS A 340 -33.71 -8.06 0.11
C LYS A 340 -34.16 -8.42 -1.30
N LEU A 341 -33.36 -8.05 -2.30
CA LEU A 341 -33.68 -8.37 -3.69
C LEU A 341 -33.76 -9.88 -3.90
N SER A 342 -32.85 -10.64 -3.30
CA SER A 342 -32.89 -12.09 -3.45
C SER A 342 -34.13 -12.69 -2.83
N ASP A 343 -34.47 -12.28 -1.59
CA ASP A 343 -35.69 -12.77 -0.97
C ASP A 343 -36.90 -12.45 -1.83
N ALA A 344 -36.91 -11.28 -2.46
CA ALA A 344 -38.01 -10.91 -3.34
C ALA A 344 -38.20 -11.93 -4.45
N LEU A 345 -37.09 -12.41 -5.05
CA LEU A 345 -37.20 -13.42 -6.10
C LEU A 345 -37.57 -14.78 -5.52
N ILE A 346 -37.00 -15.14 -4.37
CA ILE A 346 -37.29 -16.42 -3.75
C ILE A 346 -38.78 -16.55 -3.44
N ALA A 347 -39.37 -15.48 -2.91
CA ALA A 347 -40.77 -15.50 -2.49
C ALA A 347 -41.74 -15.76 -3.64
N THR A 348 -41.28 -15.67 -4.89
CA THR A 348 -42.15 -15.93 -6.04
C THR A 348 -42.16 -17.40 -6.45
N ILE A 349 -41.38 -18.25 -5.79
CA ILE A 349 -41.32 -19.66 -6.17
C ILE A 349 -42.60 -20.33 -5.68
N SER A 350 -43.41 -20.78 -6.63
CA SER A 350 -44.70 -21.40 -6.27
C SER A 350 -44.94 -22.67 -7.06
N SER A 351 -46.14 -23.22 -6.92
CA SER A 351 -46.58 -24.44 -7.62
C SER A 351 -48.03 -24.28 -8.04
N THR B 18 -50.64 -21.00 67.83
CA THR B 18 -51.72 -20.72 66.89
C THR B 18 -51.88 -19.22 66.65
N VAL B 19 -51.82 -18.80 65.39
CA VAL B 19 -51.86 -17.39 65.06
C VAL B 19 -53.29 -16.88 65.16
N ALA B 20 -53.46 -15.69 65.75
CA ALA B 20 -54.77 -15.07 65.78
C ALA B 20 -55.09 -14.49 64.42
N THR B 21 -56.27 -14.82 63.90
CA THR B 21 -56.78 -14.28 62.66
C THR B 21 -57.83 -13.19 62.87
N THR B 22 -58.43 -13.13 64.05
CA THR B 22 -59.40 -12.09 64.35
C THR B 22 -58.83 -11.18 65.42
N PRO B 23 -58.91 -9.87 65.26
CA PRO B 23 -58.42 -8.96 66.31
C PRO B 23 -59.38 -8.95 67.49
N ALA B 24 -58.97 -8.26 68.55
CA ALA B 24 -59.89 -8.04 69.66
C ALA B 24 -60.99 -7.06 69.25
N SER B 25 -62.05 -7.02 70.07
CA SER B 25 -63.17 -6.14 69.78
C SER B 25 -63.07 -4.80 70.50
N SER B 26 -62.29 -4.74 71.58
CA SER B 26 -61.99 -3.49 72.25
C SER B 26 -61.15 -2.59 71.34
N PRO B 27 -61.05 -1.30 71.65
CA PRO B 27 -60.28 -0.37 70.79
C PRO B 27 -58.78 -0.56 70.92
N VAL B 28 -58.12 -0.82 69.80
CA VAL B 28 -56.67 -0.96 69.78
C VAL B 28 -56.10 -0.06 68.69
N THR B 29 -54.98 0.59 69.01
CA THR B 29 -54.22 1.35 68.03
C THR B 29 -52.90 0.63 67.76
N LEU B 30 -52.68 0.26 66.50
CA LEU B 30 -51.41 -0.27 66.03
C LEU B 30 -50.71 0.83 65.25
N ALA B 31 -49.59 1.31 65.76
CA ALA B 31 -48.87 2.42 65.17
C ALA B 31 -47.66 1.89 64.40
N GLU B 32 -47.42 2.48 63.24
CA GLU B 32 -46.34 2.08 62.35
C GLU B 32 -45.51 3.28 61.95
N THR B 33 -44.22 3.06 61.78
CA THR B 33 -43.36 4.05 61.12
C THR B 33 -42.20 3.33 60.47
N GLY B 34 -41.53 4.02 59.56
CA GLY B 34 -40.32 3.47 58.99
C GLY B 34 -40.24 3.54 57.49
N SER B 35 -39.79 2.44 56.89
CA SER B 35 -39.50 2.28 55.46
C SER B 35 -40.40 3.06 54.53
N THR B 36 -39.85 4.07 53.84
CA THR B 36 -40.64 4.77 52.82
C THR B 36 -40.93 3.89 51.62
N LEU B 37 -40.20 2.78 51.45
CA LEU B 37 -40.53 1.83 50.38
C LEU B 37 -41.87 1.16 50.67
N LEU B 38 -42.07 0.74 51.92
CA LEU B 38 -43.27 0.03 52.31
C LEU B 38 -44.44 0.96 52.59
N TYR B 39 -44.17 2.24 52.85
CA TYR B 39 -45.24 3.13 53.27
C TYR B 39 -46.42 3.19 52.29
N PRO B 40 -46.24 3.31 50.97
CA PRO B 40 -47.42 3.34 50.08
C PRO B 40 -48.34 2.14 50.25
N LEU B 41 -47.76 0.95 50.43
CA LEU B 41 -48.55 -0.25 50.65
C LEU B 41 -49.21 -0.23 52.02
N PHE B 42 -48.43 0.14 53.04
CA PHE B 42 -48.97 0.13 54.40
C PHE B 42 -50.14 1.08 54.54
N ASN B 43 -50.13 2.20 53.81
CA ASN B 43 -51.21 3.17 53.77
C ASN B 43 -52.42 2.67 52.98
N LEU B 44 -52.35 1.47 52.43
CA LEU B 44 -53.50 0.78 51.88
C LEU B 44 -53.96 -0.36 52.77
N TRP B 45 -53.00 -1.05 53.40
CA TRP B 45 -53.30 -2.13 54.32
C TRP B 45 -54.08 -1.63 55.52
N GLY B 46 -53.56 -0.60 56.20
CA GLY B 46 -54.18 -0.02 57.36
C GLY B 46 -55.65 0.31 57.17
N PRO B 47 -55.97 1.17 56.20
CA PRO B 47 -57.38 1.52 55.96
C PRO B 47 -58.25 0.32 55.62
N ALA B 48 -57.75 -0.62 54.82
CA ALA B 48 -58.55 -1.79 54.48
C ALA B 48 -58.90 -2.61 55.71
N PHE B 49 -57.90 -2.88 56.55
CA PHE B 49 -58.13 -3.57 57.82
C PHE B 49 -59.04 -2.76 58.72
N HIS B 50 -58.82 -1.44 58.77
CA HIS B 50 -59.66 -0.59 59.61
C HIS B 50 -61.10 -0.61 59.15
N GLU B 51 -61.32 -0.66 57.83
CA GLU B 51 -62.69 -0.77 57.31
C GLU B 51 -63.34 -2.06 57.76
N ARG B 52 -62.57 -3.14 57.83
CA ARG B 52 -63.14 -4.44 58.19
C ARG B 52 -63.31 -4.59 59.70
N TYR B 53 -62.47 -3.91 60.49
CA TYR B 53 -62.53 -3.94 61.95
C TYR B 53 -62.44 -2.51 62.45
N PRO B 54 -63.54 -1.75 62.44
CA PRO B 54 -63.46 -0.31 62.78
C PRO B 54 -62.93 -0.03 64.18
N ASN B 55 -62.83 -1.03 65.07
CA ASN B 55 -62.26 -0.78 66.39
C ASN B 55 -60.74 -0.79 66.41
N VAL B 56 -60.09 -1.13 65.30
CA VAL B 56 -58.64 -1.15 65.19
C VAL B 56 -58.20 0.08 64.40
N THR B 57 -57.50 0.98 65.06
CA THR B 57 -56.85 2.12 64.42
C THR B 57 -55.44 1.71 63.98
N ILE B 58 -55.09 2.03 62.73
CA ILE B 58 -53.77 1.79 62.14
C ILE B 58 -53.22 3.14 61.67
N THR B 59 -52.13 3.60 62.28
CA THR B 59 -51.45 4.79 61.80
C THR B 59 -50.12 4.40 61.18
N ALA B 60 -49.72 5.16 60.14
CA ALA B 60 -48.56 4.83 59.33
C ALA B 60 -47.78 6.11 59.04
N GLN B 61 -46.49 5.95 58.72
CA GLN B 61 -45.64 7.09 58.38
C GLN B 61 -44.36 6.60 57.71
N GLY B 62 -43.84 7.41 56.78
CA GLY B 62 -42.64 7.08 56.03
C GLY B 62 -41.42 7.78 56.60
N THR B 63 -40.51 7.05 57.23
CA THR B 63 -39.38 7.69 57.88
C THR B 63 -38.06 7.01 57.58
N GLY B 64 -38.02 6.04 56.69
CA GLY B 64 -36.82 5.25 56.45
C GLY B 64 -36.72 4.08 57.42
N SER B 65 -36.03 3.04 56.95
CA SER B 65 -35.96 1.79 57.72
C SER B 65 -35.17 1.95 59.00
N GLY B 66 -34.16 2.83 59.01
CA GLY B 66 -33.42 3.10 60.22
C GLY B 66 -34.31 3.60 61.34
N ALA B 67 -35.13 4.61 61.05
CA ALA B 67 -36.11 5.06 62.03
C ALA B 67 -37.10 3.95 62.37
N GLY B 68 -37.47 3.13 61.38
CA GLY B 68 -38.37 2.02 61.64
C GLY B 68 -37.84 1.06 62.68
N ILE B 69 -36.59 0.63 62.52
CA ILE B 69 -36.00 -0.31 63.47
C ILE B 69 -35.86 0.32 64.84
N ALA B 70 -35.34 1.55 64.88
CA ALA B 70 -35.08 2.19 66.16
C ALA B 70 -36.37 2.45 66.93
N GLN B 71 -37.44 2.84 66.24
CA GLN B 71 -38.68 3.16 66.95
C GLN B 71 -39.41 1.91 67.43
N ALA B 72 -39.35 0.83 66.67
CA ALA B 72 -39.85 -0.45 67.16
C ALA B 72 -39.02 -0.95 68.34
N ALA B 73 -37.69 -0.82 68.24
CA ALA B 73 -36.83 -1.25 69.33
C ALA B 73 -37.06 -0.38 70.58
N ALA B 74 -37.29 0.91 70.40
CA ALA B 74 -37.60 1.78 71.53
C ALA B 74 -39.00 1.53 72.09
N GLY B 75 -39.88 0.89 71.33
CA GLY B 75 -41.25 0.68 71.77
C GLY B 75 -42.19 1.86 71.55
N THR B 76 -41.78 2.85 70.76
CA THR B 76 -42.70 3.94 70.44
C THR B 76 -43.77 3.51 69.46
N VAL B 77 -43.50 2.49 68.64
CA VAL B 77 -44.47 1.99 67.68
C VAL B 77 -44.57 0.48 67.87
N ASN B 78 -45.68 -0.07 67.37
CA ASN B 78 -45.86 -1.52 67.36
C ASN B 78 -45.18 -2.17 66.16
N ILE B 79 -45.15 -1.48 65.01
CA ILE B 79 -44.56 -2.00 63.78
C ILE B 79 -43.51 -1.02 63.28
N GLY B 80 -42.25 -1.42 63.30
CA GLY B 80 -41.24 -0.72 62.54
C GLY B 80 -41.14 -1.37 61.18
N ALA B 81 -41.36 -0.62 60.11
CA ALA B 81 -41.20 -1.13 58.76
C ALA B 81 -39.74 -1.00 58.33
N SER B 82 -39.15 -2.11 57.86
CA SER B 82 -37.78 -2.08 57.39
C SER B 82 -37.63 -2.96 56.15
N ASP B 83 -36.87 -2.46 55.17
CA ASP B 83 -36.45 -3.32 54.07
C ASP B 83 -35.24 -4.16 54.44
N ALA B 84 -34.60 -3.84 55.57
CA ALA B 84 -33.42 -4.56 56.04
C ALA B 84 -33.82 -5.41 57.24
N TYR B 85 -33.38 -6.66 57.24
CA TYR B 85 -33.54 -7.51 58.41
C TYR B 85 -32.63 -7.04 59.54
N LEU B 86 -32.92 -7.51 60.75
CA LEU B 86 -32.09 -7.15 61.90
C LEU B 86 -30.73 -7.85 61.86
N SER B 87 -29.69 -7.14 62.23
CA SER B 87 -28.38 -7.75 62.35
C SER B 87 -28.33 -8.68 63.56
N GLU B 88 -27.28 -9.50 63.63
CA GLU B 88 -27.14 -10.37 64.79
C GLU B 88 -26.84 -9.57 66.05
N GLY B 89 -26.22 -8.40 65.90
CA GLY B 89 -26.04 -7.51 67.03
C GLY B 89 -27.33 -6.86 67.45
N ASP B 90 -28.16 -6.45 66.48
CA ASP B 90 -29.51 -5.97 66.77
C ASP B 90 -30.28 -6.99 67.59
N MET B 91 -30.22 -8.26 67.19
CA MET B 91 -31.07 -9.29 67.79
C MET B 91 -30.65 -9.59 69.22
N ALA B 92 -29.34 -9.62 69.49
CA ALA B 92 -28.90 -9.94 70.85
C ALA B 92 -29.10 -8.75 71.79
N ALA B 93 -29.04 -7.53 71.26
CA ALA B 93 -29.27 -6.34 72.10
C ALA B 93 -30.74 -6.18 72.47
N HIS B 94 -31.65 -6.46 71.54
CA HIS B 94 -33.09 -6.39 71.74
C HIS B 94 -33.67 -7.77 71.43
N LYS B 95 -33.80 -8.63 72.42
CA LYS B 95 -34.59 -9.82 72.16
C LYS B 95 -36.05 -9.54 72.50
N GLY B 96 -36.93 -10.37 71.97
CA GLY B 96 -38.28 -9.97 71.71
C GLY B 96 -38.48 -9.35 70.35
N LEU B 97 -37.41 -8.79 69.77
CA LEU B 97 -37.50 -8.16 68.46
C LEU B 97 -37.36 -9.19 67.35
N MET B 98 -38.19 -9.08 66.33
CA MET B 98 -38.20 -9.98 65.20
C MET B 98 -38.41 -9.18 63.93
N ASN B 99 -38.03 -9.77 62.80
CA ASN B 99 -38.33 -9.19 61.50
C ASN B 99 -39.24 -10.17 60.77
N ILE B 100 -40.52 -9.81 60.67
CA ILE B 100 -41.54 -10.65 60.05
C ILE B 100 -41.72 -10.19 58.60
N ALA B 101 -41.46 -11.10 57.66
CA ALA B 101 -41.61 -10.80 56.24
C ALA B 101 -43.08 -10.65 55.87
N LEU B 102 -43.42 -9.53 55.23
CA LEU B 102 -44.78 -9.22 54.82
C LEU B 102 -45.03 -9.33 53.31
N ALA B 103 -44.01 -9.11 52.48
CA ALA B 103 -44.12 -9.24 51.02
C ALA B 103 -42.72 -9.13 50.43
N ILE B 104 -42.63 -9.12 49.10
CA ILE B 104 -41.36 -9.06 48.39
C ILE B 104 -41.32 -7.79 47.55
N SER B 105 -40.34 -6.93 47.81
CA SER B 105 -40.17 -5.68 47.11
C SER B 105 -38.89 -5.71 46.28
N ALA B 106 -38.61 -4.59 45.59
CA ALA B 106 -37.42 -4.51 44.76
C ALA B 106 -36.99 -3.05 44.68
N GLN B 107 -35.79 -2.85 44.12
CA GLN B 107 -35.20 -1.52 43.99
C GLN B 107 -34.61 -1.36 42.61
N GLN B 108 -34.90 -0.22 41.97
CA GLN B 108 -34.38 0.08 40.65
C GLN B 108 -33.28 1.12 40.77
N VAL B 109 -32.44 1.21 39.75
CA VAL B 109 -31.47 2.29 39.64
C VAL B 109 -31.99 3.25 38.59
N ASN B 110 -32.27 4.48 39.01
CA ASN B 110 -32.78 5.51 38.12
C ASN B 110 -31.64 6.45 37.74
N TYR B 111 -31.79 7.11 36.60
CA TYR B 111 -30.83 8.13 36.18
C TYR B 111 -31.56 9.21 35.39
N ASN B 112 -30.90 10.36 35.28
CA ASN B 112 -31.48 11.52 34.57
C ASN B 112 -30.65 11.76 33.31
N LEU B 113 -31.06 11.12 32.22
CA LEU B 113 -30.38 11.21 30.93
C LEU B 113 -31.45 11.29 29.85
N PRO B 114 -32.01 12.49 29.63
CA PRO B 114 -33.30 12.56 28.92
C PRO B 114 -33.21 12.18 27.45
N GLY B 115 -32.04 12.32 26.82
CA GLY B 115 -31.88 11.92 25.44
C GLY B 115 -31.57 10.46 25.23
N VAL B 116 -31.36 9.71 26.30
CA VAL B 116 -31.13 8.27 26.22
C VAL B 116 -32.50 7.60 26.35
N SER B 117 -32.99 6.99 25.27
CA SER B 117 -34.28 6.31 25.34
C SER B 117 -34.13 4.91 25.94
N GLU B 118 -33.04 4.22 25.64
CA GLU B 118 -32.90 2.84 26.05
C GLU B 118 -32.86 2.73 27.58
N HIS B 119 -33.19 1.54 28.07
CA HIS B 119 -32.94 1.21 29.47
C HIS B 119 -31.46 0.82 29.58
N LEU B 120 -30.65 1.69 30.17
CA LEU B 120 -29.21 1.48 30.23
C LEU B 120 -28.89 0.21 31.00
N LYS B 121 -27.93 -0.55 30.50
CA LYS B 121 -27.42 -1.70 31.24
C LYS B 121 -26.36 -1.22 32.22
N LEU B 122 -26.51 -1.58 33.49
CA LEU B 122 -25.52 -1.29 34.53
C LEU B 122 -25.34 -2.52 35.41
N ASN B 123 -24.19 -2.58 36.10
CA ASN B 123 -23.96 -3.68 37.04
C ASN B 123 -23.26 -3.14 38.29
N GLY B 124 -22.95 -4.08 39.19
CA GLY B 124 -22.37 -3.69 40.47
C GLY B 124 -21.00 -3.05 40.32
N LYS B 125 -20.14 -3.63 39.50
CA LYS B 125 -18.80 -3.08 39.32
C LYS B 125 -18.87 -1.66 38.75
N VAL B 126 -19.67 -1.46 37.70
CA VAL B 126 -19.77 -0.14 37.11
C VAL B 126 -20.38 0.85 38.09
N LEU B 127 -21.47 0.43 38.78
CA LEU B 127 -22.16 1.33 39.71
C LEU B 127 -21.29 1.65 40.91
N ALA B 128 -20.50 0.68 41.38
CA ALA B 128 -19.57 0.98 42.47
C ALA B 128 -18.53 1.99 42.02
N ALA B 129 -18.03 1.85 40.79
CA ALA B 129 -17.07 2.83 40.27
C ALA B 129 -17.68 4.22 40.19
N MET B 130 -18.96 4.32 39.85
CA MET B 130 -19.63 5.62 39.83
C MET B 130 -19.74 6.21 41.22
N TYR B 131 -20.12 5.40 42.21
CA TYR B 131 -20.25 5.93 43.55
C TYR B 131 -18.89 6.17 44.20
N GLN B 132 -17.85 5.51 43.73
CA GLN B 132 -16.50 5.78 44.22
C GLN B 132 -15.79 6.88 43.45
N GLY B 133 -16.37 7.35 42.35
CA GLY B 133 -15.82 8.49 41.65
C GLY B 133 -14.80 8.18 40.58
N THR B 134 -14.49 6.92 40.32
CA THR B 134 -13.55 6.64 39.24
C THR B 134 -14.24 6.63 37.88
N ILE B 135 -15.54 6.33 37.83
CA ILE B 135 -16.33 6.59 36.64
C ILE B 135 -17.11 7.88 36.89
N LYS B 136 -16.74 8.94 36.16
CA LYS B 136 -17.27 10.28 36.37
C LYS B 136 -18.04 10.83 35.20
N THR B 137 -18.09 10.13 34.09
CA THR B 137 -18.65 10.67 32.87
C THR B 137 -19.46 9.57 32.22
N TRP B 138 -20.61 9.94 31.67
CA TRP B 138 -21.58 8.93 31.25
C TRP B 138 -21.18 8.16 30.00
N ASP B 139 -20.25 8.65 29.18
CA ASP B 139 -19.79 7.87 28.03
C ASP B 139 -18.50 7.13 28.32
N ASP B 140 -18.22 6.89 29.58
CA ASP B 140 -17.09 6.04 29.98
C ASP B 140 -17.17 4.69 29.26
N PRO B 141 -16.06 4.21 28.68
CA PRO B 141 -16.08 2.90 27.99
C PRO B 141 -16.62 1.76 28.83
N GLN B 142 -16.50 1.81 30.16
CA GLN B 142 -17.08 0.75 30.96
C GLN B 142 -18.60 0.77 30.90
N ILE B 143 -19.21 1.93 30.73
CA ILE B 143 -20.65 1.99 30.53
C ILE B 143 -20.98 1.65 29.08
N ALA B 144 -20.26 2.29 28.15
CA ALA B 144 -20.53 2.12 26.73
C ALA B 144 -20.41 0.66 26.31
N ALA B 145 -19.47 -0.08 26.91
CA ALA B 145 -19.27 -1.46 26.50
C ALA B 145 -20.46 -2.34 26.90
N LEU B 146 -21.12 -2.02 28.01
CA LEU B 146 -22.37 -2.69 28.34
C LEU B 146 -23.51 -2.23 27.45
N ASN B 147 -23.40 -1.05 26.86
CA ASN B 147 -24.47 -0.47 26.04
C ASN B 147 -24.00 -0.12 24.63
N PRO B 148 -23.44 -1.09 23.89
CA PRO B 148 -22.90 -0.76 22.57
C PRO B 148 -23.99 -0.30 21.62
N GLY B 149 -23.70 0.76 20.88
CA GLY B 149 -24.68 1.37 20.01
C GLY B 149 -25.54 2.41 20.66
N VAL B 150 -25.56 2.50 21.99
CA VAL B 150 -26.31 3.56 22.64
C VAL B 150 -25.50 4.85 22.56
N ASN B 151 -26.20 5.94 22.23
CA ASN B 151 -25.63 7.28 22.20
C ASN B 151 -25.50 7.80 23.64
N LEU B 152 -24.31 7.77 24.17
CA LEU B 152 -24.21 8.27 25.54
C LEU B 152 -23.64 9.69 25.55
N PRO B 153 -24.11 10.56 26.45
CA PRO B 153 -23.55 11.91 26.51
C PRO B 153 -22.28 11.95 27.34
N GLY B 154 -21.48 12.99 27.11
CA GLY B 154 -20.36 13.28 27.98
C GLY B 154 -20.76 14.02 29.24
N THR B 155 -21.92 13.69 29.81
CA THR B 155 -22.40 14.31 31.03
C THR B 155 -21.63 13.80 32.24
N ALA B 156 -21.37 14.71 33.17
CA ALA B 156 -20.85 14.31 34.47
C ALA B 156 -21.87 13.44 35.21
N VAL B 157 -21.38 12.34 35.78
CA VAL B 157 -22.20 11.49 36.66
C VAL B 157 -22.34 12.17 38.02
N VAL B 158 -23.57 12.25 38.52
CA VAL B 158 -23.83 12.79 39.84
C VAL B 158 -24.42 11.69 40.71
N PRO B 159 -23.60 11.02 41.52
CA PRO B 159 -24.09 9.89 42.34
C PRO B 159 -24.82 10.40 43.58
N LEU B 160 -26.08 10.02 43.69
CA LEU B 160 -26.97 10.48 44.75
C LEU B 160 -27.24 9.34 45.71
N HIS B 161 -27.09 9.59 47.01
CA HIS B 161 -27.38 8.60 48.05
C HIS B 161 -28.40 9.14 49.04
N ARG B 162 -28.90 8.25 49.90
CA ARG B 162 -29.84 8.66 50.94
C ARG B 162 -29.11 9.29 52.11
N SER B 163 -29.67 10.39 52.62
CA SER B 163 -29.16 11.06 53.83
C SER B 163 -29.57 10.35 55.11
N ASP B 164 -30.68 9.62 55.08
CA ASP B 164 -31.26 9.03 56.28
C ASP B 164 -30.98 7.53 56.32
N GLY B 165 -31.02 6.98 57.53
CA GLY B 165 -30.96 5.54 57.72
C GLY B 165 -31.99 4.84 56.85
N SER B 166 -31.52 4.03 55.91
CA SER B 166 -32.34 3.65 54.76
C SER B 166 -32.20 2.18 54.46
N GLY B 167 -33.34 1.48 54.43
CA GLY B 167 -33.37 0.13 53.88
C GLY B 167 -32.91 0.10 52.43
N ASP B 168 -33.28 1.12 51.64
CA ASP B 168 -32.81 1.16 50.26
C ASP B 168 -31.29 1.27 50.19
N THR B 169 -30.67 1.91 51.18
CA THR B 169 -29.20 1.95 51.18
C THR B 169 -28.64 0.57 51.49
N PHE B 170 -29.28 -0.16 52.40
CA PHE B 170 -28.88 -1.52 52.71
C PHE B 170 -28.91 -2.41 51.47
N LEU B 171 -30.01 -2.37 50.73
CA LEU B 171 -30.13 -3.22 49.54
C LEU B 171 -29.09 -2.84 48.48
N PHE B 172 -28.96 -1.55 48.19
CA PHE B 172 -28.05 -1.11 47.14
C PHE B 172 -26.60 -1.43 47.50
N THR B 173 -26.17 -1.08 48.72
CA THR B 173 -24.79 -1.35 49.09
C THR B 173 -24.49 -2.84 49.23
N GLN B 174 -25.50 -3.67 49.52
CA GLN B 174 -25.29 -5.11 49.45
C GLN B 174 -25.08 -5.55 48.02
N TYR B 175 -25.80 -4.95 47.08
CA TYR B 175 -25.61 -5.29 45.68
C TYR B 175 -24.20 -4.95 45.23
N LEU B 176 -23.74 -3.74 45.56
CA LEU B 176 -22.38 -3.33 45.27
C LEU B 176 -21.37 -4.21 46.00
N SER B 177 -21.65 -4.54 47.26
CA SER B 177 -20.73 -5.35 48.05
C SER B 177 -20.62 -6.77 47.52
N LYS B 178 -21.73 -7.35 47.06
CA LYS B 178 -21.67 -8.72 46.57
C LYS B 178 -21.04 -8.80 45.20
N GLN B 179 -21.28 -7.80 44.35
CA GLN B 179 -20.75 -7.87 43.00
C GLN B 179 -19.32 -7.33 42.89
N ASP B 180 -18.90 -6.50 43.84
CA ASP B 180 -17.55 -5.97 43.91
C ASP B 180 -16.94 -6.31 45.26
N PRO B 181 -16.74 -7.61 45.55
CA PRO B 181 -16.29 -8.02 46.90
C PRO B 181 -14.97 -7.41 47.33
N GLU B 182 -14.02 -7.29 46.40
CA GLU B 182 -12.68 -6.81 46.75
C GLU B 182 -12.58 -5.30 46.78
N GLY B 183 -13.57 -4.60 46.24
CA GLY B 183 -13.58 -3.15 46.28
C GLY B 183 -14.59 -2.63 47.28
N TRP B 184 -15.79 -2.31 46.79
CA TRP B 184 -16.84 -1.76 47.65
C TRP B 184 -17.15 -2.68 48.82
N GLY B 185 -17.04 -4.00 48.64
CA GLY B 185 -17.28 -4.92 49.73
C GLY B 185 -16.31 -4.73 50.89
N LYS B 186 -15.06 -4.36 50.59
CA LYS B 186 -14.14 -4.13 51.70
C LYS B 186 -14.41 -2.78 52.33
N SER B 187 -14.69 -1.76 51.53
CA SER B 187 -15.09 -0.46 52.06
C SER B 187 -15.82 0.27 50.96
N PRO B 188 -16.92 0.97 51.28
CA PRO B 188 -17.46 1.12 52.62
C PRO B 188 -18.47 0.02 53.05
N GLY B 189 -18.57 -1.08 52.31
CA GLY B 189 -19.45 -2.14 52.77
C GLY B 189 -20.92 -1.77 52.66
N PHE B 190 -21.75 -2.47 53.45
CA PHE B 190 -23.20 -2.32 53.37
C PHE B 190 -23.79 -2.00 54.74
N GLY B 191 -24.94 -1.34 54.72
CA GLY B 191 -25.65 -0.99 55.94
C GLY B 191 -26.78 -0.05 55.61
N THR B 192 -27.63 0.17 56.62
CA THR B 192 -28.66 1.20 56.45
C THR B 192 -28.07 2.60 56.51
N THR B 193 -26.91 2.73 57.14
CA THR B 193 -26.07 3.93 57.07
C THR B 193 -24.71 3.48 56.58
N VAL B 194 -24.25 4.09 55.50
CA VAL B 194 -22.94 3.79 54.92
C VAL B 194 -22.23 5.11 54.67
N ASP B 195 -20.92 5.14 54.89
CA ASP B 195 -20.16 6.33 54.53
C ASP B 195 -19.87 6.28 53.03
N PHE B 196 -20.72 6.94 52.27
CA PHE B 196 -20.51 6.99 50.84
C PHE B 196 -19.29 7.86 50.52
N PRO B 197 -18.47 7.49 49.54
CA PRO B 197 -17.30 8.29 49.20
C PRO B 197 -17.72 9.69 48.78
N ALA B 198 -16.91 10.68 49.16
CA ALA B 198 -17.22 12.08 48.89
C ALA B 198 -16.71 12.48 47.50
N VAL B 199 -17.27 11.82 46.48
CA VAL B 199 -17.17 12.23 45.09
C VAL B 199 -17.60 13.69 44.96
N PRO B 200 -16.80 14.55 44.33
CA PRO B 200 -17.27 15.92 44.04
C PRO B 200 -18.60 15.90 43.32
N GLY B 201 -19.55 16.71 43.83
CA GLY B 201 -20.88 16.75 43.28
C GLY B 201 -21.83 15.68 43.78
N ALA B 202 -21.37 14.69 44.55
CA ALA B 202 -22.29 13.72 45.15
C ALA B 202 -23.31 14.42 46.04
N LEU B 203 -24.52 13.87 46.09
CA LEU B 203 -25.63 14.50 46.79
C LEU B 203 -26.30 13.50 47.75
N GLY B 204 -26.97 14.05 48.74
CA GLY B 204 -27.73 13.24 49.68
C GLY B 204 -29.15 13.76 49.83
N GLU B 205 -30.10 12.82 49.86
CA GLU B 205 -31.50 13.18 49.93
C GLU B 205 -32.20 12.32 50.98
N ASN B 206 -33.28 12.85 51.53
CA ASN B 206 -34.06 12.17 52.55
C ASN B 206 -35.21 11.43 51.88
N GLY B 207 -35.30 10.13 52.14
CA GLY B 207 -36.44 9.36 51.71
C GLY B 207 -36.38 9.01 50.23
N ASN B 208 -37.13 7.98 49.86
CA ASN B 208 -37.30 7.66 48.44
C ASN B 208 -37.86 8.86 47.69
N GLY B 209 -38.81 9.58 48.30
CA GLY B 209 -39.32 10.79 47.68
C GLY B 209 -38.24 11.79 47.33
N GLY B 210 -37.28 11.97 48.24
CA GLY B 210 -36.20 12.93 48.02
C GLY B 210 -35.23 12.51 46.92
N MET B 211 -35.03 11.20 46.76
CA MET B 211 -34.18 10.68 45.69
C MET B 211 -34.80 10.96 44.33
N VAL B 212 -36.13 10.82 44.22
CA VAL B 212 -36.80 11.03 42.94
C VAL B 212 -36.64 12.47 42.47
N THR B 213 -36.90 13.43 43.36
CA THR B 213 -36.84 14.84 43.01
C THR B 213 -35.40 15.34 42.90
N GLY B 214 -34.51 14.81 43.73
CA GLY B 214 -33.10 15.09 43.57
C GLY B 214 -32.55 14.57 42.25
N CYS B 215 -33.04 13.42 41.79
CA CYS B 215 -32.58 12.90 40.51
C CYS B 215 -33.19 13.67 39.35
N ALA B 216 -34.48 14.01 39.46
CA ALA B 216 -35.13 14.82 38.44
C ALA B 216 -34.50 16.21 38.36
N GLU B 217 -34.01 16.75 39.47
CA GLU B 217 -33.52 18.11 39.45
C GLU B 217 -32.15 18.25 38.79
N THR B 218 -31.40 17.16 38.62
CA THR B 218 -29.98 17.23 38.29
C THR B 218 -29.63 16.37 37.10
N PRO B 219 -29.34 16.96 35.94
CA PRO B 219 -28.94 16.16 34.78
C PRO B 219 -27.67 15.35 35.08
N GLY B 220 -27.65 14.12 34.59
CA GLY B 220 -26.56 13.20 34.88
C GLY B 220 -26.65 12.46 36.20
N CYS B 221 -27.74 12.63 36.95
CA CYS B 221 -27.84 11.99 38.26
C CYS B 221 -28.11 10.50 38.13
N VAL B 222 -27.56 9.72 39.06
CA VAL B 222 -27.87 8.30 39.19
C VAL B 222 -28.24 8.04 40.65
N ALA B 223 -29.26 7.21 40.86
CA ALA B 223 -29.90 7.12 42.15
C ALA B 223 -30.54 5.75 42.32
N TYR B 224 -30.46 5.19 43.51
CA TYR B 224 -31.13 3.95 43.84
C TYR B 224 -32.45 4.28 44.52
N ILE B 225 -33.54 3.70 44.02
CA ILE B 225 -34.89 4.09 44.41
C ILE B 225 -35.77 2.85 44.46
N GLY B 226 -36.54 2.71 45.54
CA GLY B 226 -37.40 1.55 45.70
C GLY B 226 -38.51 1.51 44.66
N ILE B 227 -38.98 0.29 44.40
CA ILE B 227 -39.89 0.11 43.26
C ILE B 227 -41.27 0.70 43.50
N SER B 228 -41.67 0.94 44.75
CA SER B 228 -42.94 1.63 44.95
C SER B 228 -42.86 3.09 44.53
N PHE B 229 -41.66 3.59 44.20
CA PHE B 229 -41.49 4.92 43.65
C PHE B 229 -41.13 4.91 42.16
N LEU B 230 -41.08 3.73 41.53
CA LEU B 230 -40.79 3.64 40.10
C LEU B 230 -41.77 4.44 39.26
N ASP B 231 -43.07 4.36 39.57
CA ASP B 231 -44.03 5.10 38.75
C ASP B 231 -43.78 6.59 38.83
N GLN B 232 -43.51 7.09 40.04
CA GLN B 232 -43.18 8.50 40.22
C GLN B 232 -41.93 8.87 39.44
N ALA B 233 -40.91 8.02 39.50
CA ALA B 233 -39.68 8.27 38.75
C ALA B 233 -39.94 8.30 37.24
N SER B 234 -40.79 7.39 36.76
CA SER B 234 -41.17 7.40 35.35
C SER B 234 -41.88 8.70 34.98
N GLN B 235 -42.77 9.17 35.85
CA GLN B 235 -43.55 10.35 35.51
C GLN B 235 -42.68 11.58 35.37
N ARG B 236 -41.62 11.68 36.15
CA ARG B 236 -40.69 12.79 36.06
C ARG B 236 -39.63 12.56 34.99
N GLY B 237 -39.82 11.58 34.12
CA GLY B 237 -38.93 11.40 32.98
C GLY B 237 -37.60 10.78 33.31
N LEU B 238 -37.49 10.05 34.41
CA LEU B 238 -36.21 9.45 34.77
C LEU B 238 -36.06 8.09 34.11
N GLY B 239 -34.83 7.78 33.69
CA GLY B 239 -34.56 6.47 33.14
C GLY B 239 -34.53 5.40 34.21
N GLU B 240 -34.79 4.17 33.77
CA GLU B 240 -34.72 3.00 34.64
C GLU B 240 -33.74 2.01 34.05
N ALA B 241 -32.77 1.59 34.85
CA ALA B 241 -31.67 0.74 34.37
C ALA B 241 -32.05 -0.73 34.35
N GLN B 242 -31.46 -1.47 33.40
CA GLN B 242 -31.39 -2.91 33.51
C GLN B 242 -30.11 -3.27 34.24
N LEU B 243 -30.24 -3.94 35.37
CA LEU B 243 -29.08 -4.30 36.18
C LEU B 243 -28.68 -5.74 35.91
N GLY B 244 -27.38 -6.00 35.95
CA GLY B 244 -26.86 -7.31 35.65
C GLY B 244 -26.79 -8.18 36.89
N ASN B 245 -27.16 -9.44 36.73
CA ASN B 245 -27.11 -10.39 37.82
C ASN B 245 -25.82 -11.19 37.72
N SER B 246 -25.68 -12.21 38.57
CA SER B 246 -24.44 -12.99 38.64
C SER B 246 -24.28 -13.92 37.46
N SER B 247 -25.35 -14.19 36.71
CA SER B 247 -25.23 -15.03 35.53
C SER B 247 -24.83 -14.24 34.29
N GLY B 248 -24.69 -12.92 34.40
CA GLY B 248 -24.31 -12.11 33.26
C GLY B 248 -25.47 -11.61 32.44
N ASN B 249 -26.69 -11.66 32.98
CA ASN B 249 -27.87 -11.17 32.30
C ASN B 249 -28.33 -9.86 32.93
N PHE B 250 -28.94 -9.01 32.11
CA PHE B 250 -29.44 -7.71 32.51
C PHE B 250 -30.96 -7.71 32.45
N LEU B 251 -31.59 -7.27 33.55
CA LEU B 251 -33.04 -7.38 33.68
C LEU B 251 -33.62 -6.13 34.33
N LEU B 252 -34.84 -5.79 33.92
CA LEU B 252 -35.62 -4.80 34.63
C LEU B 252 -36.33 -5.46 35.81
N PRO B 253 -36.66 -4.69 36.85
CA PRO B 253 -37.45 -5.26 37.94
C PRO B 253 -38.91 -5.38 37.52
N ASP B 254 -39.36 -6.59 37.24
CA ASP B 254 -40.74 -6.84 36.89
C ASP B 254 -41.17 -8.13 37.58
N ALA B 255 -42.45 -8.49 37.43
CA ALA B 255 -42.96 -9.67 38.13
C ALA B 255 -42.11 -10.90 37.84
N GLN B 256 -41.74 -11.11 36.57
CA GLN B 256 -41.06 -12.34 36.21
C GLN B 256 -39.66 -12.40 36.80
N SER B 257 -38.92 -11.29 36.73
CA SER B 257 -37.56 -11.27 37.24
C SER B 257 -37.52 -11.23 38.76
N ILE B 258 -38.53 -10.62 39.40
CA ILE B 258 -38.55 -10.63 40.86
C ILE B 258 -38.88 -12.03 41.38
N GLN B 259 -39.83 -12.69 40.73
CA GLN B 259 -40.22 -14.01 41.19
C GLN B 259 -39.13 -15.04 40.94
N ALA B 260 -38.48 -14.97 39.78
CA ALA B 260 -37.40 -15.91 39.51
C ALA B 260 -36.27 -15.75 40.51
N ALA B 261 -35.95 -14.49 40.86
CA ALA B 261 -34.95 -14.24 41.88
C ALA B 261 -35.40 -14.77 43.24
N ALA B 262 -36.65 -14.48 43.64
CA ALA B 262 -37.11 -14.94 44.94
C ALA B 262 -37.16 -16.46 45.02
N ALA B 263 -37.54 -17.12 43.91
CA ALA B 263 -37.82 -18.55 43.90
C ALA B 263 -36.72 -19.37 44.57
N GLY B 264 -35.46 -19.10 44.24
CA GLY B 264 -34.35 -19.78 44.87
C GLY B 264 -34.34 -19.68 46.38
N PHE B 265 -34.36 -18.45 46.88
CA PHE B 265 -34.25 -18.28 48.31
C PHE B 265 -35.49 -18.71 49.07
N ALA B 266 -36.63 -18.90 48.42
CA ALA B 266 -37.80 -19.43 49.14
C ALA B 266 -37.49 -20.78 49.77
N SER B 267 -36.61 -21.55 49.13
CA SER B 267 -36.15 -22.82 49.68
C SER B 267 -35.41 -22.61 51.00
N LYS B 268 -34.62 -21.53 51.11
CA LYS B 268 -33.56 -21.38 52.11
C LYS B 268 -33.88 -20.32 53.17
N THR B 269 -35.07 -19.74 53.16
CA THR B 269 -35.38 -18.72 54.15
C THR B 269 -35.41 -19.36 55.55
N PRO B 270 -34.67 -18.82 56.50
CA PRO B 270 -34.58 -19.44 57.83
C PRO B 270 -35.79 -19.07 58.68
N ALA B 271 -35.87 -19.71 59.85
CA ALA B 271 -37.00 -19.49 60.75
C ALA B 271 -37.14 -18.03 61.15
N ASN B 272 -36.03 -17.38 61.52
CA ASN B 272 -36.14 -15.98 61.88
C ASN B 272 -36.29 -15.06 60.66
N GLN B 273 -36.27 -15.61 59.44
CA GLN B 273 -36.55 -14.91 58.19
C GLN B 273 -35.52 -13.83 57.84
N ALA B 274 -34.41 -13.76 58.55
CA ALA B 274 -33.38 -12.78 58.25
C ALA B 274 -32.47 -13.37 57.19
N ILE B 275 -32.64 -12.93 55.94
CA ILE B 275 -31.87 -13.45 54.81
C ILE B 275 -31.77 -12.38 53.73
N SER B 276 -30.58 -12.28 53.12
CA SER B 276 -30.34 -11.40 51.98
C SER B 276 -30.64 -12.16 50.69
N MET B 277 -31.56 -11.63 49.89
CA MET B 277 -31.88 -12.19 48.59
C MET B 277 -31.22 -11.39 47.46
N ILE B 278 -30.10 -10.75 47.76
CA ILE B 278 -29.42 -9.89 46.80
C ILE B 278 -28.47 -10.72 45.94
N ASP B 279 -28.44 -10.43 44.64
CA ASP B 279 -27.44 -11.00 43.72
C ASP B 279 -27.48 -12.52 43.70
N GLY B 280 -28.68 -13.07 43.45
CA GLY B 280 -28.93 -14.48 43.60
C GLY B 280 -28.41 -15.30 42.43
N PRO B 281 -28.70 -16.62 42.49
CA PRO B 281 -28.18 -17.53 41.46
C PRO B 281 -29.05 -17.69 40.23
N ALA B 282 -30.35 -17.41 40.33
CA ALA B 282 -31.27 -17.69 39.23
C ALA B 282 -30.90 -16.86 37.99
N PRO B 283 -30.73 -17.49 36.82
CA PRO B 283 -30.26 -16.73 35.66
C PRO B 283 -31.25 -15.70 35.15
N ASP B 284 -32.55 -15.85 35.41
CA ASP B 284 -33.52 -14.85 34.99
C ASP B 284 -33.94 -13.95 36.14
N GLY B 285 -33.18 -13.93 37.23
CA GLY B 285 -33.57 -13.26 38.45
C GLY B 285 -33.00 -11.85 38.55
N TYR B 286 -33.84 -10.93 39.00
CA TYR B 286 -33.38 -9.57 39.25
C TYR B 286 -32.52 -9.55 40.51
N PRO B 287 -31.43 -8.80 40.50
CA PRO B 287 -30.46 -8.90 41.61
C PRO B 287 -30.83 -8.12 42.87
N ILE B 288 -31.71 -7.13 42.80
CA ILE B 288 -32.00 -6.34 43.99
C ILE B 288 -33.45 -6.53 44.42
N ILE B 289 -33.73 -7.60 45.15
CA ILE B 289 -35.05 -7.88 45.71
C ILE B 289 -34.91 -8.11 47.22
N ASN B 290 -36.04 -8.20 47.91
CA ASN B 290 -35.94 -8.25 49.37
C ASN B 290 -37.29 -8.61 49.99
N TYR B 291 -37.24 -9.08 51.23
CA TYR B 291 -38.45 -9.16 52.02
C TYR B 291 -38.70 -7.79 52.64
N GLU B 292 -39.97 -7.38 52.65
CA GLU B 292 -40.38 -6.23 53.44
C GLU B 292 -40.74 -6.75 54.82
N TYR B 293 -40.16 -6.12 55.84
CA TYR B 293 -40.19 -6.65 57.20
C TYR B 293 -41.01 -5.75 58.11
N ALA B 294 -41.86 -6.38 58.91
CA ALA B 294 -42.39 -5.77 60.11
C ALA B 294 -41.42 -6.08 61.26
N ILE B 295 -40.82 -5.03 61.81
CA ILE B 295 -40.03 -5.14 63.02
C ILE B 295 -40.98 -4.97 64.19
N VAL B 296 -41.18 -6.04 64.97
CA VAL B 296 -42.17 -6.04 66.03
C VAL B 296 -41.57 -6.74 67.24
N ASN B 297 -42.04 -6.34 68.42
CA ASN B 297 -41.65 -6.99 69.65
C ASN B 297 -42.61 -8.14 69.98
N ASN B 298 -42.07 -9.21 70.57
CA ASN B 298 -42.95 -10.32 70.92
C ASN B 298 -43.67 -10.10 72.25
N ARG B 299 -43.51 -8.93 72.87
CA ARG B 299 -44.32 -8.54 74.03
C ARG B 299 -44.97 -7.19 73.74
N GLN B 300 -46.30 -7.17 73.64
CA GLN B 300 -47.11 -5.97 73.55
C GLN B 300 -47.72 -5.64 74.93
N LYS B 301 -48.37 -4.48 75.02
CA LYS B 301 -48.79 -3.93 76.31
C LYS B 301 -49.88 -4.76 76.99
N ASP B 302 -50.64 -5.56 76.26
CA ASP B 302 -51.72 -6.35 76.84
C ASP B 302 -52.17 -7.38 75.82
N ALA B 303 -53.10 -8.23 76.24
CA ALA B 303 -53.56 -9.33 75.41
C ALA B 303 -54.30 -8.84 74.18
N ALA B 304 -55.18 -7.84 74.35
CA ALA B 304 -55.92 -7.34 73.21
C ALA B 304 -54.99 -6.82 72.13
N THR B 305 -53.95 -6.09 72.52
CA THR B 305 -53.03 -5.53 71.54
C THR B 305 -52.25 -6.62 70.82
N ALA B 306 -51.76 -7.62 71.56
CA ALA B 306 -51.03 -8.72 70.96
C ALA B 306 -51.92 -9.54 70.03
N GLN B 307 -53.20 -9.76 70.40
CA GLN B 307 -54.10 -10.46 69.49
C GLN B 307 -54.35 -9.63 68.25
N THR B 308 -54.65 -8.34 68.44
CA THR B 308 -54.93 -7.47 67.31
C THR B 308 -53.70 -7.28 66.42
N LEU B 309 -52.49 -7.25 67.01
CA LEU B 309 -51.28 -7.15 66.17
C LEU B 309 -51.08 -8.43 65.35
N GLN B 310 -51.31 -9.59 65.95
CA GLN B 310 -51.25 -10.85 65.21
C GLN B 310 -52.27 -10.87 64.06
N ALA B 311 -53.53 -10.56 64.37
CA ALA B 311 -54.57 -10.60 63.36
C ALA B 311 -54.23 -9.73 62.15
N PHE B 312 -53.68 -8.53 62.40
CA PHE B 312 -53.35 -7.63 61.31
C PHE B 312 -52.15 -8.12 60.51
N LEU B 313 -51.13 -8.66 61.18
CA LEU B 313 -49.96 -9.13 60.46
C LEU B 313 -50.32 -10.34 59.63
N HIS B 314 -51.08 -11.27 60.21
CA HIS B 314 -51.55 -12.42 59.45
C HIS B 314 -52.45 -12.02 58.30
N TRP B 315 -53.23 -10.95 58.48
CA TRP B 315 -54.06 -10.47 57.39
C TRP B 315 -53.19 -9.92 56.25
N ALA B 316 -52.11 -9.21 56.60
CA ALA B 316 -51.30 -8.56 55.58
C ALA B 316 -50.61 -9.58 54.69
N ILE B 317 -50.16 -10.71 55.27
CA ILE B 317 -49.47 -11.72 54.48
C ILE B 317 -50.42 -12.64 53.74
N THR B 318 -51.73 -12.58 54.01
CA THR B 318 -52.71 -13.34 53.24
C THR B 318 -53.55 -12.38 52.46
N ASP B 319 -54.66 -11.86 53.01
CA ASP B 319 -55.49 -10.91 52.25
C ASP B 319 -54.68 -9.73 51.74
N GLY B 320 -53.70 -9.27 52.52
CA GLY B 320 -52.88 -8.14 52.12
C GLY B 320 -51.91 -8.44 51.00
N ASN B 321 -51.66 -9.72 50.72
CA ASN B 321 -50.76 -10.11 49.64
C ASN B 321 -51.47 -10.32 48.32
N LYS B 322 -52.78 -10.11 48.24
CA LYS B 322 -53.48 -10.22 46.96
C LYS B 322 -53.04 -9.11 46.01
N ALA B 323 -53.08 -9.43 44.70
CA ALA B 323 -52.65 -8.48 43.67
C ALA B 323 -53.38 -7.15 43.77
N SER B 324 -54.62 -7.17 44.22
CA SER B 324 -55.37 -5.96 44.53
C SER B 324 -54.50 -4.91 45.22
N PHE B 325 -53.73 -5.32 46.23
CA PHE B 325 -52.85 -4.41 46.93
C PHE B 325 -51.45 -4.33 46.29
N LEU B 326 -50.84 -5.48 46.02
CA LEU B 326 -49.41 -5.50 45.72
C LEU B 326 -49.07 -4.92 44.35
N ASP B 327 -49.97 -5.07 43.37
CA ASP B 327 -49.69 -4.52 42.05
C ASP B 327 -49.70 -2.99 42.05
N GLN B 328 -50.25 -2.36 43.08
CA GLN B 328 -50.26 -0.90 43.14
C GLN B 328 -48.88 -0.34 43.43
N VAL B 329 -48.02 -1.12 44.10
CA VAL B 329 -46.67 -0.73 44.43
C VAL B 329 -45.63 -1.63 43.77
N HIS B 330 -46.05 -2.52 42.86
CA HIS B 330 -45.16 -3.38 42.08
C HIS B 330 -44.41 -4.38 42.96
N PHE B 331 -45.09 -4.88 43.99
CA PHE B 331 -44.53 -5.88 44.88
C PHE B 331 -44.95 -7.28 44.45
N GLN B 332 -44.27 -8.27 45.00
CA GLN B 332 -44.67 -9.65 44.74
C GLN B 332 -45.07 -10.35 46.04
N PRO B 333 -45.90 -11.39 45.97
CA PRO B 333 -46.36 -12.05 47.20
C PRO B 333 -45.31 -12.97 47.78
N LEU B 334 -45.43 -13.21 49.07
CA LEU B 334 -44.61 -14.20 49.74
C LEU B 334 -44.97 -15.59 49.21
N PRO B 335 -44.00 -16.49 49.04
CA PRO B 335 -44.34 -17.87 48.71
C PRO B 335 -45.03 -18.55 49.91
N PRO B 336 -45.83 -19.58 49.65
CA PRO B 336 -46.59 -20.17 50.79
C PRO B 336 -45.69 -20.69 51.90
N ALA B 337 -44.54 -21.25 51.56
CA ALA B 337 -43.64 -21.72 52.61
C ALA B 337 -43.07 -20.57 53.42
N VAL B 338 -42.95 -19.38 52.81
CA VAL B 338 -42.53 -18.22 53.58
C VAL B 338 -43.71 -17.66 54.38
N VAL B 339 -44.94 -17.84 53.90
CA VAL B 339 -46.11 -17.44 54.67
C VAL B 339 -46.19 -18.22 55.98
N LYS B 340 -45.82 -19.51 55.92
CA LYS B 340 -45.86 -20.33 57.13
C LYS B 340 -44.82 -19.87 58.14
N LEU B 341 -43.63 -19.53 57.67
CA LEU B 341 -42.59 -19.02 58.57
C LEU B 341 -43.00 -17.70 59.20
N SER B 342 -43.64 -16.83 58.42
CA SER B 342 -44.10 -15.56 58.98
C SER B 342 -45.18 -15.79 60.03
N ASP B 343 -46.13 -16.69 59.74
CA ASP B 343 -47.15 -17.06 60.71
C ASP B 343 -46.54 -17.53 62.02
N ALA B 344 -45.47 -18.33 61.95
CA ALA B 344 -44.91 -18.92 63.17
C ALA B 344 -44.30 -17.85 64.06
N LEU B 345 -43.67 -16.83 63.47
CA LEU B 345 -43.16 -15.73 64.29
C LEU B 345 -44.30 -14.89 64.86
N ILE B 346 -45.34 -14.66 64.06
CA ILE B 346 -46.49 -13.86 64.49
C ILE B 346 -47.20 -14.52 65.67
N ALA B 347 -47.36 -15.83 65.61
CA ALA B 347 -48.06 -16.56 66.67
C ALA B 347 -47.36 -16.44 68.01
N THR B 348 -46.13 -15.94 68.05
CA THR B 348 -45.41 -15.80 69.31
C THR B 348 -45.63 -14.43 69.94
N ILE B 349 -46.31 -13.51 69.27
CA ILE B 349 -46.53 -12.20 69.85
C ILE B 349 -47.49 -12.36 71.02
N SER B 350 -47.06 -11.94 72.21
CA SER B 350 -47.85 -12.10 73.41
C SER B 350 -47.72 -10.84 74.27
N SER B 351 -47.92 -11.00 75.57
CA SER B 351 -47.99 -9.87 76.51
C SER B 351 -47.55 -10.29 77.91
N SER C 5 -0.59 18.14 21.38
CA SER C 5 -1.66 19.00 20.86
C SER C 5 -2.85 19.14 21.83
N ALA C 6 -3.74 18.15 21.84
CA ALA C 6 -4.92 18.22 22.72
C ALA C 6 -4.53 18.18 24.19
N LEU C 7 -3.50 17.39 24.53
CA LEU C 7 -2.87 17.43 25.85
C LEU C 7 -1.54 18.17 25.72
N THR C 8 -1.21 18.98 26.73
CA THR C 8 -0.02 19.84 26.68
C THR C 8 1.08 19.25 27.57
N GLN C 9 2.23 18.95 26.96
CA GLN C 9 3.41 18.56 27.71
C GLN C 9 4.55 19.55 27.45
N PRO C 10 5.46 19.70 28.40
CA PRO C 10 6.67 20.48 28.10
C PRO C 10 7.44 19.81 26.96
N ARG C 11 8.02 20.64 26.10
CA ARG C 11 8.81 20.08 24.99
C ARG C 11 10.00 19.30 25.51
N SER C 12 10.61 19.75 26.61
CA SER C 12 11.84 19.14 27.12
C SER C 12 11.82 19.12 28.64
N VAL C 13 12.46 18.08 29.20
CA VAL C 13 12.82 18.02 30.61
C VAL C 13 14.20 17.36 30.72
N SER C 14 14.81 17.54 31.87
CA SER C 14 16.14 17.00 32.09
C SER C 14 16.38 16.80 33.58
N GLY C 15 17.29 15.85 33.87
CA GLY C 15 17.85 15.66 35.19
C GLY C 15 19.08 14.78 35.09
N SER C 16 19.78 14.69 36.22
CA SER C 16 21.05 13.99 36.35
C SER C 16 20.82 12.52 36.68
N PRO C 17 21.79 11.66 36.36
CA PRO C 17 21.67 10.24 36.71
C PRO C 17 21.39 10.04 38.19
N GLY C 18 20.56 9.05 38.50
CA GLY C 18 20.20 8.77 39.86
C GLY C 18 19.13 9.67 40.45
N GLN C 19 18.79 10.78 39.78
CA GLN C 19 17.83 11.78 40.24
C GLN C 19 16.44 11.52 39.64
N SER C 20 15.51 12.47 39.84
CA SER C 20 14.16 12.33 39.35
C SER C 20 13.82 13.43 38.34
N VAL C 21 12.94 13.10 37.40
CA VAL C 21 12.31 14.10 36.56
C VAL C 21 10.81 13.84 36.57
N THR C 22 10.05 14.92 36.43
CA THR C 22 8.61 14.86 36.29
C THR C 22 8.19 15.51 34.99
N ILE C 23 7.28 14.85 34.28
CA ILE C 23 6.76 15.34 33.01
C ILE C 23 5.27 15.56 33.22
N SER C 24 4.81 16.80 33.00
CA SER C 24 3.41 17.14 33.16
C SER C 24 2.64 16.96 31.84
N CYS C 25 1.33 16.77 32.01
CA CYS C 25 0.40 16.50 30.93
C CYS C 25 -0.91 17.17 31.31
N THR C 26 -1.17 18.36 30.78
CA THR C 26 -2.36 19.13 31.14
C THR C 26 -3.46 18.91 30.09
N GLY C 27 -4.59 18.40 30.56
CA GLY C 27 -5.76 18.27 29.74
C GLY C 27 -6.90 19.07 30.34
N SER C 28 -8.08 18.47 30.42
CA SER C 28 -9.27 19.16 30.88
C SER C 28 -10.23 18.15 31.48
N ARG C 29 -11.37 18.65 31.95
CA ARG C 29 -12.40 17.78 32.51
C ARG C 29 -12.89 16.75 31.49
N SER C 30 -12.82 17.06 30.18
CA SER C 30 -13.36 16.13 29.19
C SER C 30 -12.37 15.04 28.76
N ASP C 31 -11.16 15.00 29.33
CA ASP C 31 -10.26 13.88 29.04
C ASP C 31 -9.55 13.41 30.30
N VAL C 32 -8.39 14.01 30.61
CA VAL C 32 -7.60 13.63 31.77
C VAL C 32 -8.45 13.64 33.03
N GLY C 33 -9.23 14.68 33.21
CA GLY C 33 -10.07 14.79 34.38
C GLY C 33 -11.43 14.15 34.27
N GLY C 34 -11.73 13.50 33.15
CA GLY C 34 -13.06 12.97 32.93
C GLY C 34 -13.18 11.47 33.08
N TYR C 35 -12.04 10.79 33.13
CA TYR C 35 -11.95 9.34 33.12
C TYR C 35 -10.63 8.96 33.78
N ASP C 36 -10.51 7.69 34.16
CA ASP C 36 -9.25 7.18 34.70
C ASP C 36 -8.49 6.37 33.66
N TYR C 37 -8.41 6.85 32.41
CA TYR C 37 -7.71 6.09 31.37
C TYR C 37 -6.55 6.90 30.81
N VAL C 38 -5.64 7.32 31.70
CA VAL C 38 -4.44 8.04 31.28
C VAL C 38 -3.32 7.02 31.13
N SER C 39 -2.58 7.15 30.04
CA SER C 39 -1.43 6.28 29.83
C SER C 39 -0.21 7.10 29.45
N TRP C 40 0.94 6.47 29.52
CA TRP C 40 2.20 7.08 29.12
C TRP C 40 2.95 6.12 28.24
N TYR C 41 3.53 6.65 27.17
CA TYR C 41 4.33 5.87 26.24
C TYR C 41 5.74 6.44 26.18
N GLN C 42 6.72 5.54 26.12
CA GLN C 42 8.12 5.89 25.88
C GLN C 42 8.49 5.56 24.43
N GLN C 43 9.20 6.46 23.76
CA GLN C 43 9.61 6.18 22.38
C GLN C 43 11.07 6.58 22.18
N HIS C 44 11.91 5.60 22.01
CA HIS C 44 13.30 5.90 21.68
C HIS C 44 13.40 6.26 20.19
N PRO C 45 14.37 7.10 19.82
CA PRO C 45 14.53 7.49 18.41
C PRO C 45 14.52 6.26 17.50
N GLY C 46 13.68 6.33 16.45
CA GLY C 46 13.57 5.27 15.47
C GLY C 46 12.81 4.03 15.89
N ARG C 47 12.34 3.96 17.13
CA ARG C 47 11.74 2.72 17.63
C ARG C 47 10.23 2.90 17.84
N VAL C 48 9.56 1.78 18.10
CA VAL C 48 8.12 1.82 18.29
C VAL C 48 7.82 2.30 19.72
N PRO C 49 6.72 3.03 19.93
CA PRO C 49 6.36 3.43 21.30
C PRO C 49 6.16 2.21 22.19
N LYS C 50 6.38 2.42 23.49
CA LYS C 50 6.22 1.35 24.47
C LYS C 50 5.38 1.86 25.64
N LEU C 51 4.34 1.12 25.99
CA LEU C 51 3.44 1.54 27.05
C LEU C 51 4.17 1.42 28.39
N MET C 52 4.24 2.51 29.15
CA MET C 52 4.88 2.49 30.46
C MET C 52 3.92 2.62 31.63
N ILE C 53 2.80 3.30 31.43
CA ILE C 53 1.84 3.54 32.49
C ILE C 53 0.45 3.46 31.89
N TYR C 54 -0.48 2.83 32.60
CA TYR C 54 -1.88 2.79 32.18
C TYR C 54 -2.75 2.93 33.42
N ASP C 55 -4.04 3.22 33.21
CA ASP C 55 -4.97 3.46 34.33
C ASP C 55 -4.43 4.51 35.29
N VAL C 56 -3.84 5.57 34.73
CA VAL C 56 -3.26 6.70 35.46
C VAL C 56 -1.97 6.34 36.22
N THR C 57 -1.95 5.22 36.96
CA THR C 57 -0.84 4.93 37.87
C THR C 57 -0.22 3.55 37.74
N LYS C 58 -0.72 2.68 36.87
CA LYS C 58 -0.31 1.29 36.89
C LYS C 58 0.74 1.02 35.83
N ARG C 59 1.55 -0.01 36.07
CA ARG C 59 2.66 -0.35 35.20
C ARG C 59 2.41 -1.69 34.54
N PRO C 60 2.56 -1.79 33.22
CA PRO C 60 2.56 -3.11 32.58
C PRO C 60 3.67 -3.96 33.17
N SER C 61 3.50 -5.28 33.02
CA SER C 61 4.54 -6.22 33.41
C SER C 61 5.87 -5.89 32.73
N GLY C 62 6.95 -5.84 33.52
CA GLY C 62 8.26 -5.54 33.01
C GLY C 62 8.73 -4.11 33.21
N VAL C 63 7.81 -3.16 33.33
CA VAL C 63 8.21 -1.76 33.52
C VAL C 63 8.63 -1.56 34.97
N PRO C 64 9.83 -1.07 35.25
CA PRO C 64 10.28 -0.98 36.65
C PRO C 64 9.52 0.10 37.42
N ASP C 65 9.51 -0.04 38.73
CA ASP C 65 8.69 0.82 39.59
C ASP C 65 9.21 2.25 39.67
N ARG C 66 10.39 2.54 39.13
CA ARG C 66 10.87 3.93 39.10
C ARG C 66 10.11 4.80 38.10
N PHE C 67 9.31 4.21 37.23
CA PHE C 67 8.31 4.92 36.43
C PHE C 67 7.00 4.94 37.21
N SER C 68 6.48 6.13 37.48
CA SER C 68 5.26 6.20 38.27
C SER C 68 4.40 7.35 37.76
N GLY C 69 3.09 7.11 37.73
CA GLY C 69 2.14 8.06 37.16
C GLY C 69 1.22 8.60 38.23
N SER C 70 0.80 9.84 38.05
CA SER C 70 -0.08 10.49 39.01
C SER C 70 -1.00 11.45 38.26
N ARG C 71 -2.01 11.95 38.98
CA ARG C 71 -2.90 12.96 38.45
C ARG C 71 -3.31 13.90 39.58
N SER C 72 -3.44 15.19 39.26
CA SER C 72 -4.12 16.15 40.13
C SER C 72 -5.00 17.02 39.24
N GLY C 73 -6.30 17.02 39.52
CA GLY C 73 -7.21 17.74 38.64
C GLY C 73 -7.11 17.23 37.20
N ASN C 74 -6.89 18.16 36.26
CA ASN C 74 -6.82 17.86 34.85
C ASN C 74 -5.38 17.65 34.34
N THR C 75 -4.40 17.58 35.24
CA THR C 75 -3.00 17.42 34.88
C THR C 75 -2.48 16.08 35.37
N ALA C 76 -2.04 15.24 34.44
CA ALA C 76 -1.33 14.00 34.76
C ALA C 76 0.18 14.23 34.74
N SER C 77 0.90 13.38 35.48
CA SER C 77 2.33 13.51 35.61
C SER C 77 2.99 12.15 35.55
N LEU C 78 4.08 12.09 34.81
CA LEU C 78 4.97 10.95 34.79
C LEU C 78 6.24 11.34 35.54
N THR C 79 6.61 10.54 36.52
CA THR C 79 7.79 10.78 37.33
C THR C 79 8.73 9.59 37.15
N ILE C 80 9.96 9.89 36.77
CA ILE C 80 11.01 8.88 36.60
C ILE C 80 12.08 9.17 37.63
N SER C 81 12.41 8.18 38.46
CA SER C 81 13.19 8.44 39.67
C SER C 81 14.60 7.85 39.66
N GLY C 82 14.85 6.74 39.03
CA GLY C 82 16.23 6.27 39.17
C GLY C 82 17.02 6.57 37.91
N LEU C 83 17.04 7.83 37.50
CA LEU C 83 17.34 8.21 36.12
C LEU C 83 18.62 7.55 35.61
N GLN C 84 18.51 6.91 34.43
CA GLN C 84 19.61 6.23 33.76
C GLN C 84 19.73 6.75 32.32
N ALA C 85 20.92 6.56 31.74
CA ALA C 85 21.22 7.07 30.41
C ALA C 85 20.21 6.59 29.37
N ASP C 86 19.74 5.34 29.50
CA ASP C 86 18.79 4.84 28.51
C ASP C 86 17.37 5.35 28.74
N ASP C 87 17.15 6.21 29.73
CA ASP C 87 15.88 6.91 29.83
C ASP C 87 15.77 8.06 28.84
N GLU C 88 16.88 8.44 28.18
CA GLU C 88 16.82 9.47 27.17
C GLU C 88 15.97 8.97 26.00
N ALA C 89 14.84 9.64 25.79
CA ALA C 89 13.80 9.20 24.87
C ALA C 89 12.69 10.23 24.87
N ASP C 90 11.71 10.03 24.01
CA ASP C 90 10.51 10.86 24.01
C ASP C 90 9.41 10.16 24.83
N TYR C 91 8.59 10.96 25.53
CA TYR C 91 7.49 10.45 26.35
C TYR C 91 6.19 11.12 25.94
N TYR C 92 5.16 10.32 25.72
CA TYR C 92 3.83 10.82 25.33
C TYR C 92 2.81 10.44 26.40
N CYS C 93 1.98 11.39 26.78
CA CYS C 93 0.78 11.02 27.53
C CYS C 93 -0.36 10.83 26.55
N SER C 94 -1.38 10.09 27.01
CA SER C 94 -2.54 9.81 26.22
C SER C 94 -3.72 9.68 27.16
N SER C 95 -4.92 9.95 26.62
CA SER C 95 -6.13 9.81 27.44
C SER C 95 -7.33 9.54 26.55
N PHE C 96 -8.31 8.82 27.09
CA PHE C 96 -9.64 8.85 26.49
C PHE C 96 -10.18 10.27 26.55
N ALA C 97 -10.95 10.66 25.52
CA ALA C 97 -11.52 12.01 25.49
C ALA C 97 -13.00 12.03 25.12
N GLY C 98 -13.74 10.95 25.36
CA GLY C 98 -15.15 10.91 25.06
C GLY C 98 -15.43 10.15 23.77
N SER C 99 -16.70 9.85 23.60
CA SER C 99 -17.18 9.04 22.49
C SER C 99 -17.29 9.81 21.19
N SER C 100 -16.77 11.04 21.14
CA SER C 100 -16.67 11.76 19.87
C SER C 100 -15.24 11.80 19.35
N THR C 101 -14.27 12.21 20.16
CA THR C 101 -12.88 12.29 19.69
C THR C 101 -12.03 11.10 20.11
N TYR C 102 -12.46 10.32 21.11
CA TYR C 102 -11.88 9.04 21.49
C TYR C 102 -10.46 9.13 22.07
N VAL C 103 -9.42 9.05 21.26
CA VAL C 103 -8.06 8.97 21.81
C VAL C 103 -7.32 10.26 21.49
N VAL C 104 -6.77 10.89 22.54
CA VAL C 104 -5.90 12.05 22.34
C VAL C 104 -4.52 11.74 22.91
N PHE C 105 -3.52 12.45 22.40
CA PHE C 105 -2.14 12.31 22.84
C PHE C 105 -1.62 13.68 23.19
N GLY C 106 -0.68 13.74 24.12
CA GLY C 106 0.10 14.96 24.27
C GLY C 106 1.07 15.12 23.09
N GLY C 107 1.72 16.28 23.04
CA GLY C 107 2.66 16.52 21.96
C GLY C 107 4.04 15.93 22.14
N GLY C 108 4.32 15.29 23.28
CA GLY C 108 5.62 14.66 23.46
C GLY C 108 6.65 15.50 24.19
N THR C 109 7.44 14.85 25.03
CA THR C 109 8.49 15.50 25.82
C THR C 109 9.77 14.73 25.57
N THR C 110 10.86 15.42 25.26
CA THR C 110 12.17 14.78 25.14
C THR C 110 12.91 14.89 26.46
N LEU C 111 13.38 13.77 26.97
CA LEU C 111 14.10 13.74 28.23
C LEU C 111 15.60 13.75 27.95
N THR C 112 16.32 14.62 28.65
CA THR C 112 17.78 14.70 28.60
C THR C 112 18.36 14.25 29.94
N VAL C 113 19.31 13.32 29.91
CA VAL C 113 20.06 12.99 31.10
C VAL C 113 21.28 13.90 31.13
N LEU C 114 21.33 14.75 32.15
CA LEU C 114 22.36 15.76 32.30
C LEU C 114 23.71 15.12 32.63
N GLY C 115 24.78 15.88 32.37
CA GLY C 115 26.09 15.54 32.88
C GLY C 115 26.89 14.57 32.05
N GLN C 116 26.41 14.18 30.87
CA GLN C 116 27.19 13.30 30.01
C GLN C 116 28.45 14.02 29.56
N PRO C 117 29.58 13.32 29.47
CA PRO C 117 30.85 14.00 29.13
C PRO C 117 30.92 14.42 27.67
N LYS C 118 31.72 15.45 27.42
CA LYS C 118 31.93 15.91 26.07
C LYS C 118 32.68 14.85 25.28
N ALA C 119 32.24 14.61 24.04
CA ALA C 119 32.87 13.62 23.18
C ALA C 119 33.11 14.26 21.82
N ALA C 120 34.36 14.24 21.37
CA ALA C 120 34.73 14.81 20.08
C ALA C 120 34.24 13.90 18.94
N PRO C 121 33.87 14.48 17.79
CA PRO C 121 33.39 13.66 16.67
C PRO C 121 34.51 12.81 16.08
N SER C 122 34.16 11.57 15.69
CA SER C 122 34.96 10.82 14.72
C SER C 122 34.51 11.22 13.32
N VAL C 123 35.47 11.45 12.43
CA VAL C 123 35.17 11.96 11.10
C VAL C 123 35.81 11.03 10.08
N THR C 124 35.00 10.49 9.16
CA THR C 124 35.49 9.77 8.00
C THR C 124 35.12 10.55 6.74
N LEU C 125 36.09 10.74 5.85
CA LEU C 125 35.89 11.45 4.58
C LEU C 125 36.15 10.48 3.42
N PHE C 126 35.12 10.21 2.61
CA PHE C 126 35.33 9.39 1.42
C PHE C 126 35.38 10.25 0.16
N PRO C 127 36.29 9.93 -0.76
CA PRO C 127 36.33 10.62 -2.05
C PRO C 127 35.28 10.07 -2.99
N PRO C 128 35.06 10.71 -4.14
CA PRO C 128 34.20 10.12 -5.17
C PRO C 128 34.63 8.69 -5.47
N SER C 129 33.67 7.79 -5.58
CA SER C 129 33.99 6.47 -6.11
C SER C 129 34.31 6.58 -7.61
N SER C 130 35.08 5.62 -8.12
CA SER C 130 35.34 5.59 -9.56
C SER C 130 34.04 5.34 -10.33
N GLU C 131 33.15 4.50 -9.78
CA GLU C 131 31.86 4.26 -10.43
C GLU C 131 31.08 5.57 -10.61
N GLU C 132 31.07 6.43 -9.58
CA GLU C 132 30.30 7.66 -9.69
C GLU C 132 30.92 8.62 -10.70
N LEU C 133 32.26 8.75 -10.67
CA LEU C 133 32.95 9.52 -11.69
C LEU C 133 32.59 9.02 -13.08
N GLN C 134 32.38 7.71 -13.22
CA GLN C 134 32.01 7.19 -14.54
C GLN C 134 30.61 7.63 -14.94
N ALA C 135 29.78 8.02 -13.97
CA ALA C 135 28.50 8.65 -14.26
C ALA C 135 28.61 10.17 -14.40
N ASN C 136 29.82 10.71 -14.47
CA ASN C 136 30.02 12.15 -14.62
C ASN C 136 29.52 12.93 -13.41
N LYS C 137 29.60 12.32 -12.23
CA LYS C 137 29.24 12.96 -10.96
C LYS C 137 30.36 12.68 -9.96
N ALA C 138 30.42 13.50 -8.90
CA ALA C 138 31.48 13.38 -7.90
C ALA C 138 30.93 13.86 -6.56
N THR C 139 30.79 12.94 -5.59
CA THR C 139 30.33 13.31 -4.26
C THR C 139 31.41 12.97 -3.25
N LEU C 140 31.78 13.95 -2.44
CA LEU C 140 32.59 13.72 -1.27
C LEU C 140 31.66 13.51 -0.08
N VAL C 141 31.96 12.49 0.73
CA VAL C 141 31.09 12.04 1.81
C VAL C 141 31.86 12.21 3.11
N CYS C 142 31.47 13.20 3.91
CA CYS C 142 32.05 13.41 5.23
C CYS C 142 31.07 12.91 6.29
N LEU C 143 31.46 11.85 7.01
CA LEU C 143 30.62 11.18 7.99
C LEU C 143 31.16 11.44 9.39
N ILE C 144 30.25 11.86 10.29
CA ILE C 144 30.59 12.44 11.58
C ILE C 144 29.77 11.70 12.64
N SER C 145 30.43 11.07 13.61
CA SER C 145 29.70 10.24 14.57
C SER C 145 30.26 10.38 15.98
N ASP C 146 29.51 9.82 16.92
CA ASP C 146 29.93 9.70 18.32
C ASP C 146 30.31 11.04 18.93
N PHE C 147 29.62 12.14 18.59
CA PHE C 147 29.93 13.37 19.30
C PHE C 147 28.86 13.70 20.33
N TYR C 148 29.28 14.45 21.36
CA TYR C 148 28.38 14.92 22.42
C TYR C 148 28.97 16.18 23.02
N PRO C 149 28.18 17.26 23.18
CA PRO C 149 26.75 17.40 22.86
C PRO C 149 26.49 17.40 21.35
N GLY C 150 25.20 17.41 20.97
CA GLY C 150 24.78 17.17 19.61
C GLY C 150 24.71 18.38 18.70
N ALA C 151 25.78 19.16 18.62
CA ALA C 151 25.84 20.26 17.69
C ALA C 151 27.24 20.35 17.09
N VAL C 152 27.29 20.53 15.78
CA VAL C 152 28.53 20.50 15.05
C VAL C 152 28.40 21.49 13.89
N THR C 153 29.53 22.06 13.46
CA THR C 153 29.52 22.89 12.26
C THR C 153 30.58 22.38 11.29
N VAL C 154 30.23 22.42 10.01
CA VAL C 154 31.02 21.77 8.98
C VAL C 154 31.42 22.80 7.93
N ALA C 155 32.70 22.85 7.59
CA ALA C 155 33.20 23.75 6.57
C ALA C 155 34.11 22.96 5.65
N TRP C 156 33.98 23.20 4.34
CA TRP C 156 34.75 22.49 3.32
C TRP C 156 35.78 23.41 2.70
N LYS C 157 36.95 22.88 2.43
CA LYS C 157 37.98 23.67 1.75
C LYS C 157 38.38 22.95 0.46
N ALA C 158 38.54 23.71 -0.61
CA ALA C 158 39.16 23.21 -1.83
C ALA C 158 40.56 23.81 -1.87
N ASP C 159 41.56 22.96 -1.63
CA ASP C 159 42.93 23.40 -1.48
C ASP C 159 43.03 24.51 -0.45
N SER C 160 43.36 25.73 -0.89
CA SER C 160 43.46 26.87 0.00
C SER C 160 42.10 27.45 0.35
N SER C 161 41.16 27.27 -0.49
CA SER C 161 40.00 28.15 -0.41
C SER C 161 38.82 27.47 0.27
N PRO C 162 37.98 28.26 0.93
CA PRO C 162 36.70 27.73 1.41
C PRO C 162 35.76 27.47 0.24
N VAL C 163 35.04 26.35 0.31
CA VAL C 163 34.08 25.97 -0.71
C VAL C 163 32.71 26.50 -0.32
N LYS C 164 32.13 27.32 -1.19
CA LYS C 164 30.83 27.91 -0.92
C LYS C 164 29.69 26.98 -1.36
N ALA C 165 29.71 26.53 -2.61
CA ALA C 165 28.59 25.86 -3.24
C ALA C 165 28.74 24.34 -3.22
N GLY C 166 27.61 23.66 -3.36
CA GLY C 166 27.56 22.21 -3.45
C GLY C 166 27.59 21.46 -2.13
N VAL C 167 27.55 22.15 -1.00
CA VAL C 167 27.57 21.52 0.32
C VAL C 167 26.14 21.30 0.80
N GLU C 168 25.87 20.09 1.32
CA GLU C 168 24.62 19.78 2.00
C GLU C 168 24.94 18.97 3.26
N THR C 169 24.47 19.44 4.41
CA THR C 169 24.83 18.90 5.72
C THR C 169 23.56 18.58 6.51
N THR C 170 23.44 17.36 7.01
CA THR C 170 22.24 17.00 7.78
C THR C 170 22.20 17.71 9.13
N THR C 171 21.03 17.66 9.76
CA THR C 171 20.94 17.94 11.18
C THR C 171 21.62 16.83 11.97
N PRO C 172 22.07 17.12 13.20
CA PRO C 172 22.58 16.04 14.05
C PRO C 172 21.43 15.11 14.44
N SER C 173 21.75 13.83 14.58
CA SER C 173 20.77 12.83 14.96
C SER C 173 21.28 12.04 16.14
N LYS C 174 20.35 11.62 16.98
CA LYS C 174 20.65 10.93 18.22
C LYS C 174 20.96 9.48 17.91
N GLN C 175 22.18 9.03 18.23
CA GLN C 175 22.58 7.63 18.10
C GLN C 175 22.02 6.80 19.24
N SER C 176 22.03 5.48 19.05
CA SER C 176 21.52 4.63 20.11
C SER C 176 22.41 4.63 21.35
N ASN C 177 23.61 5.18 21.29
CA ASN C 177 24.44 5.26 22.50
C ASN C 177 24.36 6.62 23.18
N ASN C 178 23.39 7.46 22.77
CA ASN C 178 23.07 8.80 23.25
C ASN C 178 24.04 9.86 22.72
N LYS C 179 25.14 9.48 22.06
CA LYS C 179 25.89 10.48 21.30
C LYS C 179 25.17 10.76 19.97
N TYR C 180 25.78 11.61 19.13
CA TYR C 180 25.10 12.13 17.96
C TYR C 180 25.91 11.85 16.70
N ALA C 181 25.23 12.00 15.56
CA ALA C 181 25.76 11.71 14.24
C ALA C 181 25.25 12.77 13.27
N ALA C 182 26.05 13.03 12.23
CA ALA C 182 25.65 13.92 11.14
C ALA C 182 26.48 13.56 9.90
N SER C 183 26.04 14.06 8.75
CA SER C 183 26.82 13.82 7.54
C SER C 183 26.77 15.06 6.64
N SER C 184 27.86 15.27 5.92
CA SER C 184 27.95 16.38 4.97
C SER C 184 28.42 15.88 3.61
N TYR C 185 27.75 16.39 2.57
CA TYR C 185 27.95 15.95 1.20
C TYR C 185 28.38 17.14 0.37
N LEU C 186 29.54 17.02 -0.29
CA LEU C 186 30.02 18.02 -1.25
C LEU C 186 29.89 17.41 -2.63
N SER C 187 29.03 17.99 -3.46
CA SER C 187 28.70 17.45 -4.77
C SER C 187 29.46 18.25 -5.82
N LEU C 188 30.24 17.56 -6.64
CA LEU C 188 31.06 18.19 -7.66
C LEU C 188 30.84 17.50 -8.99
N THR C 189 31.27 18.17 -10.06
CA THR C 189 31.51 17.50 -11.33
C THR C 189 32.89 16.84 -11.29
N PRO C 190 33.13 15.84 -12.14
CA PRO C 190 34.48 15.26 -12.20
C PRO C 190 35.55 16.29 -12.50
N GLU C 191 35.24 17.27 -13.36
CA GLU C 191 36.21 18.32 -13.67
C GLU C 191 36.60 19.10 -12.41
N GLN C 192 35.61 19.59 -11.65
CA GLN C 192 35.93 20.31 -10.43
C GLN C 192 36.74 19.43 -9.49
N TRP C 193 36.39 18.14 -9.40
CA TRP C 193 37.10 17.24 -8.49
C TRP C 193 38.57 17.17 -8.84
N LYS C 194 38.87 16.96 -10.13
CA LYS C 194 40.25 16.85 -10.61
C LYS C 194 40.97 18.19 -10.67
N SER C 195 40.25 19.31 -10.55
CA SER C 195 40.85 20.63 -10.73
C SER C 195 41.63 21.12 -9.52
N HIS C 196 41.52 20.45 -8.38
CA HIS C 196 42.18 20.90 -7.15
C HIS C 196 43.13 19.84 -6.62
N ARG C 197 44.14 20.30 -5.90
CA ARG C 197 45.10 19.38 -5.33
C ARG C 197 44.48 18.53 -4.22
N SER C 198 43.52 19.08 -3.47
CA SER C 198 42.89 18.32 -2.41
C SER C 198 41.60 19.00 -2.00
N TYR C 199 40.78 18.26 -1.26
CA TYR C 199 39.58 18.79 -0.63
C TYR C 199 39.58 18.38 0.83
N SER C 200 38.99 19.22 1.68
CA SER C 200 38.96 18.95 3.11
C SER C 200 37.56 19.16 3.68
N CYS C 201 37.22 18.33 4.65
CA CYS C 201 36.03 18.49 5.47
C CYS C 201 36.49 18.83 6.89
N GLN C 202 36.05 19.97 7.39
CA GLN C 202 36.49 20.48 8.69
C GLN C 202 35.30 20.53 9.63
N VAL C 203 35.35 19.73 10.69
CA VAL C 203 34.23 19.51 11.59
C VAL C 203 34.58 20.18 12.92
N THR C 204 33.87 21.26 13.25
CA THR C 204 34.11 21.99 14.48
C THR C 204 33.05 21.60 15.52
N HIS C 205 33.51 21.29 16.72
CA HIS C 205 32.65 20.80 17.79
C HIS C 205 33.17 21.39 19.10
N GLU C 206 32.32 22.19 19.76
CA GLU C 206 32.68 22.79 21.04
C GLU C 206 34.04 23.46 20.97
N GLY C 207 34.28 24.22 19.89
CA GLY C 207 35.49 24.99 19.76
C GLY C 207 36.71 24.25 19.23
N SER C 208 36.61 22.94 19.03
CA SER C 208 37.72 22.14 18.52
C SER C 208 37.37 21.59 17.14
N THR C 209 38.32 21.70 16.21
CA THR C 209 38.09 21.38 14.81
C THR C 209 38.81 20.09 14.42
N VAL C 210 38.07 19.15 13.85
CA VAL C 210 38.62 17.90 13.34
C VAL C 210 38.58 17.97 11.82
N GLU C 211 39.73 17.74 11.19
CA GLU C 211 39.87 17.90 9.75
C GLU C 211 40.28 16.58 9.10
N LYS C 212 39.66 16.27 7.96
CA LYS C 212 40.10 15.18 7.10
C LYS C 212 40.21 15.72 5.68
N THR C 213 41.11 15.11 4.91
CA THR C 213 41.50 15.62 3.61
C THR C 213 41.63 14.47 2.62
N VAL C 214 41.31 14.76 1.37
CA VAL C 214 41.31 13.77 0.31
C VAL C 214 41.85 14.42 -0.95
N ALA C 215 42.45 13.61 -1.82
CA ALA C 215 43.04 14.13 -3.04
C ALA C 215 42.71 13.25 -4.24
N PRO C 216 42.49 13.84 -5.42
CA PRO C 216 42.39 13.12 -6.70
C PRO C 216 43.63 12.33 -7.03
N GLU D 1 -0.62 -13.57 23.58
CA GLU D 1 0.26 -12.51 23.08
C GLU D 1 -0.05 -12.18 21.61
N VAL D 2 0.22 -10.93 21.29
CA VAL D 2 -0.09 -10.36 19.99
C VAL D 2 1.23 -10.02 19.31
N GLN D 3 1.29 -10.22 18.00
CA GLN D 3 2.48 -9.93 17.20
C GLN D 3 2.00 -9.34 15.88
N LEU D 4 2.05 -8.02 15.76
CA LEU D 4 1.50 -7.31 14.61
C LEU D 4 2.60 -6.93 13.64
N VAL D 5 2.33 -7.08 12.34
CA VAL D 5 3.22 -6.66 11.26
C VAL D 5 2.42 -5.85 10.25
N GLU D 6 2.83 -4.60 10.00
CA GLU D 6 2.18 -3.80 8.96
C GLU D 6 2.74 -4.18 7.59
N SER D 7 1.91 -3.94 6.58
CA SER D 7 2.23 -4.22 5.18
C SER D 7 1.63 -3.10 4.34
N GLY D 8 2.22 -2.87 3.16
CA GLY D 8 1.87 -1.71 2.36
C GLY D 8 2.69 -0.53 2.80
N GLY D 9 2.48 0.58 2.13
CA GLY D 9 3.29 1.76 2.32
C GLY D 9 3.92 2.20 1.02
N GLY D 10 4.57 3.35 1.07
CA GLY D 10 5.19 3.92 -0.11
C GLY D 10 4.54 5.24 -0.51
N LEU D 11 4.83 5.64 -1.75
CA LEU D 11 4.45 6.95 -2.29
C LEU D 11 3.06 6.92 -2.88
N VAL D 12 2.27 7.96 -2.56
CA VAL D 12 0.94 8.16 -3.13
C VAL D 12 0.84 9.58 -3.64
N GLN D 13 0.23 9.74 -4.80
CA GLN D 13 -0.10 11.09 -5.27
C GLN D 13 -1.31 11.63 -4.50
N PRO D 14 -1.32 12.91 -4.15
CA PRO D 14 -2.51 13.52 -3.51
C PRO D 14 -3.77 13.20 -4.30
N GLY D 15 -4.82 12.85 -3.58
CA GLY D 15 -6.08 12.51 -4.21
C GLY D 15 -6.28 11.04 -4.49
N ARG D 16 -5.20 10.30 -4.58
CA ARG D 16 -5.27 8.85 -4.86
C ARG D 16 -5.37 8.03 -3.58
N SER D 17 -5.44 6.73 -3.73
CA SER D 17 -5.69 5.91 -2.55
CA SER D 17 -5.70 6.00 -2.52
C SER D 17 -4.57 4.90 -2.32
N LEU D 18 -4.55 4.35 -1.11
CA LEU D 18 -3.57 3.34 -0.75
C LEU D 18 -4.12 2.51 0.40
N ARG D 19 -3.76 1.23 0.43
CA ARG D 19 -4.24 0.32 1.47
C ARG D 19 -3.06 -0.20 2.29
N LEU D 20 -3.22 -0.18 3.61
CA LEU D 20 -2.30 -0.85 4.51
C LEU D 20 -2.99 -2.05 5.15
N SER D 21 -2.19 -3.04 5.50
CA SER D 21 -2.73 -4.16 6.24
C SER D 21 -1.87 -4.37 7.46
N CYS D 22 -2.50 -4.95 8.47
CA CYS D 22 -1.89 -5.25 9.75
C CYS D 22 -2.23 -6.70 10.04
N THR D 23 -1.22 -7.54 10.17
CA THR D 23 -1.45 -8.96 10.42
C THR D 23 -0.93 -9.34 11.80
N ASP D 24 -1.74 -10.11 12.54
CA ASP D 24 -1.37 -10.61 13.85
C ASP D 24 -1.05 -12.09 13.71
N SER D 25 0.17 -12.47 14.07
CA SER D 25 0.54 -13.87 14.01
C SER D 25 0.18 -14.64 15.28
N GLY D 26 -0.36 -13.97 16.30
CA GLY D 26 -0.88 -14.66 17.45
C GLY D 26 -2.22 -15.30 17.15
N PHE D 27 -2.90 -15.69 18.24
CA PHE D 27 -4.17 -16.42 18.14
C PHE D 27 -5.35 -15.67 18.73
N THR D 28 -5.19 -14.42 19.15
CA THR D 28 -6.27 -13.74 19.84
C THR D 28 -6.84 -12.57 19.04
N PHE D 29 -6.51 -12.47 17.75
CA PHE D 29 -6.85 -11.29 16.96
C PHE D 29 -8.33 -10.96 17.06
N SER D 30 -9.19 -11.97 16.96
CA SER D 30 -10.63 -11.73 16.94
C SER D 30 -11.17 -11.20 18.25
N GLU D 31 -10.36 -11.17 19.31
CA GLU D 31 -10.79 -10.80 20.65
C GLU D 31 -10.53 -9.34 21.01
N TYR D 32 -9.96 -8.53 20.11
CA TYR D 32 -9.65 -7.18 20.52
C TYR D 32 -9.95 -6.19 19.40
N ALA D 33 -10.12 -4.92 19.79
CA ALA D 33 -10.28 -3.85 18.82
C ALA D 33 -8.91 -3.47 18.27
N LEU D 34 -8.80 -3.34 16.95
CA LEU D 34 -7.53 -3.03 16.32
C LEU D 34 -7.49 -1.57 15.92
N SER D 35 -6.42 -0.87 16.32
CA SER D 35 -6.27 0.55 16.06
C SER D 35 -5.11 0.84 15.11
N TRP D 36 -5.20 2.02 14.51
CA TRP D 36 -4.09 2.61 13.77
C TRP D 36 -3.73 3.93 14.43
N VAL D 37 -2.44 4.14 14.57
CA VAL D 37 -1.87 5.36 15.11
C VAL D 37 -0.78 5.77 14.14
N ARG D 38 -0.73 7.06 13.81
CA ARG D 38 0.27 7.53 12.85
C ARG D 38 1.18 8.55 13.51
N GLN D 39 2.34 8.77 12.86
CA GLN D 39 3.33 9.72 13.36
C GLN D 39 4.05 10.34 12.17
N ALA D 40 3.78 11.60 11.89
CA ALA D 40 4.52 12.26 10.83
C ALA D 40 5.98 12.41 11.27
N PRO D 41 6.93 12.38 10.33
CA PRO D 41 8.35 12.39 10.71
C PRO D 41 8.68 13.64 11.52
N GLY D 42 9.43 13.43 12.61
CA GLY D 42 9.77 14.50 13.52
C GLY D 42 8.65 14.98 14.41
N LYS D 43 7.46 14.38 14.35
CA LYS D 43 6.28 14.93 15.03
C LYS D 43 5.73 13.91 16.04
N GLY D 44 4.51 14.21 16.56
CA GLY D 44 3.94 13.43 17.64
C GLY D 44 3.01 12.31 17.15
N LEU D 45 2.64 11.45 18.09
CA LEU D 45 1.69 10.38 17.79
C LEU D 45 0.31 10.97 17.59
N GLU D 46 -0.46 10.38 16.69
CA GLU D 46 -1.83 10.81 16.41
C GLU D 46 -2.70 9.59 16.14
N TRP D 47 -3.79 9.46 16.90
CA TRP D 47 -4.75 8.38 16.70
C TRP D 47 -5.48 8.55 15.37
N VAL D 48 -5.67 7.45 14.67
CA VAL D 48 -6.28 7.45 13.34
C VAL D 48 -7.67 6.81 13.37
N GLY D 49 -7.78 5.63 13.98
CA GLY D 49 -9.06 4.94 14.08
C GLY D 49 -8.90 3.59 14.71
N PHE D 50 -10.04 2.95 14.94
CA PHE D 50 -10.02 1.56 15.37
C PHE D 50 -11.27 0.84 14.86
N ILE D 51 -11.23 -0.48 14.95
CA ILE D 51 -12.36 -1.33 14.61
C ILE D 51 -12.59 -2.27 15.78
N ARG D 52 -13.83 -2.35 16.23
CA ARG D 52 -14.18 -3.19 17.37
C ARG D 52 -14.18 -4.66 16.97
N SER D 53 -14.17 -5.53 17.97
CA SER D 53 -14.22 -6.95 17.67
C SER D 53 -15.61 -7.32 17.15
N LYS D 54 -15.71 -8.52 16.57
CA LYS D 54 -16.99 -9.00 16.11
C LYS D 54 -18.00 -9.12 17.25
N ALA D 55 -17.53 -9.47 18.46
CA ALA D 55 -18.44 -9.57 19.59
C ALA D 55 -19.15 -8.26 19.85
N TYR D 56 -18.54 -7.14 19.46
CA TYR D 56 -19.14 -5.83 19.68
C TYR D 56 -19.60 -5.19 18.37
N GLY D 57 -19.87 -5.99 17.34
CA GLY D 57 -20.43 -5.48 16.11
C GLY D 57 -19.41 -5.16 15.03
N GLY D 58 -18.11 -5.15 15.34
CA GLY D 58 -17.15 -4.83 14.30
C GLY D 58 -17.27 -3.41 13.76
N THR D 59 -17.87 -2.49 14.51
CA THR D 59 -18.02 -1.09 14.14
C THR D 59 -16.68 -0.35 14.29
N THR D 60 -16.62 0.88 13.75
CA THR D 60 -15.40 1.64 13.60
C THR D 60 -15.52 3.05 14.16
N GLU D 61 -14.38 3.65 14.47
CA GLU D 61 -14.28 5.05 14.86
C GLU D 61 -13.02 5.65 14.26
N TYR D 62 -13.04 6.97 14.02
CA TYR D 62 -11.97 7.60 13.23
C TYR D 62 -11.71 9.01 13.73
N ALA D 63 -10.48 9.46 13.54
CA ALA D 63 -10.15 10.85 13.82
C ALA D 63 -10.89 11.77 12.86
N ALA D 64 -11.14 13.00 13.33
CA ALA D 64 -11.97 13.93 12.57
C ALA D 64 -11.43 14.15 11.16
N SER D 65 -10.10 14.26 11.01
CA SER D 65 -9.54 14.66 9.72
C SER D 65 -9.53 13.55 8.68
N VAL D 66 -9.73 12.29 9.09
CA VAL D 66 -9.75 11.16 8.16
C VAL D 66 -11.16 10.60 7.97
N LYS D 67 -12.10 10.98 8.81
CA LYS D 67 -13.47 10.49 8.70
C LYS D 67 -14.01 10.77 7.30
N GLY D 68 -14.56 9.74 6.66
CA GLY D 68 -15.08 9.90 5.33
C GLY D 68 -14.14 9.47 4.22
N ARG D 69 -12.84 9.39 4.49
CA ARG D 69 -11.94 8.88 3.47
C ARG D 69 -11.12 7.67 3.89
N PHE D 70 -11.05 7.36 5.19
CA PHE D 70 -10.38 6.15 5.63
C PHE D 70 -11.42 5.11 6.04
N THR D 71 -11.14 3.84 5.75
CA THR D 71 -12.01 2.75 6.16
C THR D 71 -11.15 1.64 6.73
N ILE D 72 -11.37 1.33 7.99
CA ILE D 72 -10.76 0.18 8.63
C ILE D 72 -11.71 -1.01 8.51
N SER D 73 -11.17 -2.17 8.17
CA SER D 73 -11.96 -3.39 8.15
C SER D 73 -11.07 -4.51 8.66
N ARG D 74 -11.68 -5.67 8.94
CA ARG D 74 -10.92 -6.81 9.45
C ARG D 74 -11.45 -8.09 8.82
N ASP D 75 -10.54 -9.03 8.60
CA ASP D 75 -10.90 -10.39 8.17
C ASP D 75 -10.33 -11.33 9.22
N ASP D 76 -11.20 -11.75 10.14
CA ASP D 76 -10.75 -12.53 11.28
C ASP D 76 -10.17 -13.87 10.87
N SER D 77 -10.63 -14.45 9.75
CA SER D 77 -10.14 -15.76 9.33
C SER D 77 -8.66 -15.72 8.96
N LYS D 78 -8.10 -14.53 8.71
CA LYS D 78 -6.69 -14.35 8.41
C LYS D 78 -5.97 -13.53 9.46
N SER D 79 -6.64 -13.15 10.56
CA SER D 79 -6.07 -12.27 11.58
C SER D 79 -5.42 -11.05 10.93
N VAL D 80 -6.18 -10.35 10.08
CA VAL D 80 -5.68 -9.20 9.35
C VAL D 80 -6.70 -8.08 9.41
N ALA D 81 -6.23 -6.87 9.60
CA ALA D 81 -7.07 -5.69 9.47
C ALA D 81 -6.51 -4.82 8.35
N TYR D 82 -7.41 -4.17 7.63
CA TYR D 82 -7.05 -3.29 6.52
C TYR D 82 -7.35 -1.85 6.86
N LEU D 83 -6.43 -0.96 6.52
CA LEU D 83 -6.67 0.47 6.54
C LEU D 83 -6.67 0.93 5.09
N GLN D 84 -7.87 1.21 4.55
CA GLN D 84 -8.04 1.70 3.18
C GLN D 84 -8.17 3.21 3.22
N MET D 85 -7.26 3.91 2.54
CA MET D 85 -7.20 5.36 2.61
C MET D 85 -7.48 5.94 1.24
N ASN D 86 -8.58 6.68 1.11
CA ASN D 86 -8.90 7.35 -0.13
C ASN D 86 -8.56 8.84 -0.01
N SER D 87 -8.54 9.50 -1.16
CA SER D 87 -8.33 10.96 -1.25
C SER D 87 -7.21 11.43 -0.31
N LEU D 88 -6.05 10.77 -0.44
CA LEU D 88 -4.95 11.07 0.46
C LEU D 88 -4.44 12.50 0.25
N LYS D 89 -4.05 13.12 1.34
CA LYS D 89 -3.52 14.47 1.30
C LYS D 89 -2.11 14.46 1.82
N THR D 90 -1.39 15.56 1.57
CA THR D 90 -0.01 15.66 2.03
C THR D 90 0.08 15.52 3.55
N GLU D 91 -0.90 16.09 4.28
CA GLU D 91 -0.90 15.99 5.74
C GLU D 91 -1.00 14.54 6.23
N ASP D 92 -1.39 13.60 5.37
CA ASP D 92 -1.48 12.20 5.77
C ASP D 92 -0.12 11.50 5.71
N THR D 93 0.91 12.18 5.23
CA THR D 93 2.27 11.62 5.24
C THR D 93 2.69 11.29 6.67
N ALA D 94 3.01 10.02 6.93
CA ALA D 94 3.34 9.63 8.29
C ALA D 94 3.76 8.17 8.30
N VAL D 95 4.43 7.78 9.37
CA VAL D 95 4.58 6.37 9.71
C VAL D 95 3.27 5.92 10.34
N TYR D 96 2.66 4.86 9.80
CA TYR D 96 1.41 4.31 10.29
C TYR D 96 1.70 3.03 11.08
N PHE D 97 1.37 3.03 12.38
CA PHE D 97 1.46 1.83 13.21
C PHE D 97 0.07 1.21 13.37
N CYS D 98 -0.01 -0.10 13.36
CA CYS D 98 -1.22 -0.69 13.93
C CYS D 98 -0.90 -1.17 15.34
N THR D 99 -1.91 -1.15 16.22
CA THR D 99 -1.71 -1.34 17.65
C THR D 99 -2.84 -2.17 18.23
N GLY D 100 -2.53 -2.91 19.28
CA GLY D 100 -3.49 -3.76 19.95
C GLY D 100 -3.40 -3.65 21.47
N PRO D 101 -4.53 -3.90 22.15
CA PRO D 101 -4.53 -3.87 23.62
C PRO D 101 -4.48 -5.25 24.24
N ARG D 102 -3.97 -5.33 25.47
CA ARG D 102 -4.22 -6.48 26.33
C ARG D 102 -5.69 -6.45 26.77
N PRO D 103 -6.18 -7.50 27.42
CA PRO D 103 -7.56 -7.43 27.95
C PRO D 103 -7.66 -6.46 29.12
N TYR D 104 -8.63 -5.55 29.04
CA TYR D 104 -8.94 -4.61 30.13
C TYR D 104 -10.44 -4.48 30.29
N TYR D 105 -10.89 -4.46 31.56
CA TYR D 105 -12.30 -4.22 31.89
C TYR D 105 -13.24 -5.12 31.09
N ASP D 106 -12.78 -6.34 30.79
CA ASP D 106 -13.54 -7.30 30.00
C ASP D 106 -14.13 -6.68 28.72
N SER D 107 -13.43 -5.70 28.14
CA SER D 107 -14.04 -5.02 27.01
C SER D 107 -13.01 -4.40 26.07
N SER D 108 -11.87 -5.06 25.88
CA SER D 108 -10.93 -4.53 24.90
C SER D 108 -11.39 -4.79 23.47
N GLY D 109 -12.39 -5.65 23.26
CA GLY D 109 -13.01 -5.76 21.95
C GLY D 109 -13.84 -4.55 21.60
N TYR D 110 -14.36 -3.84 22.60
CA TYR D 110 -15.20 -2.66 22.42
C TYR D 110 -14.39 -1.38 22.40
N TYR D 111 -13.39 -1.27 23.26
CA TYR D 111 -12.55 -0.09 23.29
C TYR D 111 -11.13 -0.54 23.61
N PRO D 112 -10.15 -0.22 22.75
CA PRO D 112 -8.76 -0.61 23.03
C PRO D 112 -8.16 0.34 24.04
N TYR D 113 -8.29 0.00 25.32
CA TYR D 113 -8.02 0.96 26.39
C TYR D 113 -6.61 1.51 26.28
N TYR D 114 -5.63 0.64 26.03
CA TYR D 114 -4.23 1.02 26.00
C TYR D 114 -3.49 0.25 24.91
N PHE D 115 -2.41 0.84 24.40
CA PHE D 115 -1.71 0.28 23.25
C PHE D 115 -0.53 -0.53 23.77
N ASP D 116 -0.80 -1.77 24.16
CA ASP D 116 0.24 -2.67 24.64
C ASP D 116 1.16 -3.14 23.53
N TYR D 117 0.58 -3.48 22.37
CA TYR D 117 1.29 -4.11 21.26
C TYR D 117 1.28 -3.19 20.06
N TRP D 118 2.44 -3.05 19.44
CA TRP D 118 2.64 -2.19 18.27
C TRP D 118 3.31 -2.99 17.15
N GLY D 119 2.89 -2.73 15.92
CA GLY D 119 3.65 -3.14 14.75
C GLY D 119 4.92 -2.30 14.64
N GLN D 120 5.68 -2.54 13.59
CA GLN D 120 6.91 -1.79 13.46
C GLN D 120 6.74 -0.49 12.67
N GLY D 121 5.58 -0.28 12.06
CA GLY D 121 5.27 0.98 11.42
C GLY D 121 5.67 0.96 9.95
N THR D 122 4.89 1.63 9.11
CA THR D 122 5.18 1.66 7.69
C THR D 122 4.94 3.08 7.17
N LEU D 123 5.89 3.58 6.39
CA LEU D 123 5.86 4.99 5.99
C LEU D 123 4.98 5.16 4.75
N VAL D 124 4.07 6.11 4.84
CA VAL D 124 3.23 6.52 3.72
C VAL D 124 3.64 7.94 3.40
N THR D 125 4.13 8.17 2.20
CA THR D 125 4.45 9.51 1.75
C THR D 125 3.42 9.94 0.72
N VAL D 126 2.77 11.09 0.96
CA VAL D 126 1.79 11.62 0.01
C VAL D 126 2.39 12.86 -0.64
N SER D 127 2.68 12.77 -1.95
CA SER D 127 3.34 13.87 -2.63
C SER D 127 3.15 13.71 -4.13
N SER D 128 3.15 14.83 -4.84
CA SER D 128 3.07 14.80 -6.29
C SER D 128 4.43 14.61 -6.98
N ALA D 129 5.53 14.68 -6.23
CA ALA D 129 6.83 14.29 -6.80
C ALA D 129 6.82 12.80 -7.13
N SER D 130 7.60 12.43 -8.16
CA SER D 130 7.62 11.05 -8.63
C SER D 130 8.74 10.25 -7.98
N THR D 131 8.55 8.92 -7.95
CA THR D 131 9.54 8.05 -7.34
CA THR D 131 9.53 8.04 -7.35
C THR D 131 10.83 8.09 -8.13
N LYS D 132 11.95 7.92 -7.43
CA LYS D 132 13.25 7.77 -8.07
C LYS D 132 14.07 6.82 -7.22
N GLY D 133 14.52 5.72 -7.82
CA GLY D 133 15.41 4.81 -7.14
C GLY D 133 16.82 5.33 -7.11
N PRO D 134 17.59 4.92 -6.10
CA PRO D 134 18.93 5.50 -5.91
C PRO D 134 19.96 4.86 -6.84
N SER D 135 21.04 5.60 -7.08
CA SER D 135 22.29 5.03 -7.55
C SER D 135 23.10 4.64 -6.33
N VAL D 136 23.77 3.48 -6.40
CA VAL D 136 24.47 2.93 -5.26
C VAL D 136 25.94 2.77 -5.63
N PHE D 137 26.81 3.41 -4.86
CA PHE D 137 28.23 3.42 -5.18
C PHE D 137 29.04 2.88 -4.02
N PRO D 138 30.07 2.08 -4.30
CA PRO D 138 30.90 1.54 -3.22
C PRO D 138 31.83 2.63 -2.69
N LEU D 139 31.99 2.66 -1.37
CA LEU D 139 32.90 3.58 -0.70
C LEU D 139 34.08 2.74 -0.20
N ALA D 140 35.13 2.72 -1.00
CA ALA D 140 36.19 1.73 -0.81
C ALA D 140 37.00 2.04 0.43
N PRO D 141 37.45 1.01 1.15
CA PRO D 141 38.29 1.27 2.33
C PRO D 141 39.69 1.69 1.90
N GLY D 149 44.17 -0.79 13.73
CA GLY D 149 44.02 -1.95 12.87
C GLY D 149 42.60 -2.13 12.38
N THR D 150 42.05 -1.06 11.82
CA THR D 150 40.62 -1.01 11.56
C THR D 150 40.37 -0.16 10.31
N ALA D 151 39.42 -0.62 9.48
CA ALA D 151 39.13 0.04 8.22
C ALA D 151 37.63 0.32 8.10
N ALA D 152 37.28 1.50 7.61
CA ALA D 152 35.90 1.86 7.35
C ALA D 152 35.62 1.75 5.86
N LEU D 153 34.58 1.01 5.51
CA LEU D 153 34.12 0.92 4.13
C LEU D 153 32.61 1.13 4.14
N GLY D 154 32.06 1.42 2.97
CA GLY D 154 30.68 1.84 2.96
C GLY D 154 30.01 1.77 1.61
N CYS D 155 28.75 2.21 1.60
CA CYS D 155 27.96 2.34 0.38
C CYS D 155 27.27 3.69 0.39
N LEU D 156 27.39 4.41 -0.71
CA LEU D 156 26.71 5.68 -0.89
C LEU D 156 25.43 5.41 -1.67
N VAL D 157 24.30 5.82 -1.10
CA VAL D 157 22.99 5.57 -1.67
C VAL D 157 22.45 6.92 -2.13
N LYS D 158 22.63 7.24 -3.41
CA LYS D 158 22.51 8.61 -3.89
C LYS D 158 21.24 8.87 -4.69
N ASP D 159 20.53 9.94 -4.33
CA ASP D 159 19.47 10.58 -5.11
C ASP D 159 18.24 9.69 -5.28
N TYR D 160 17.48 9.50 -4.21
CA TYR D 160 16.26 8.70 -4.29
C TYR D 160 15.08 9.47 -3.71
N PHE D 161 13.89 8.96 -3.99
CA PHE D 161 12.69 9.56 -3.45
C PHE D 161 11.55 8.57 -3.57
N PRO D 162 10.73 8.40 -2.53
CA PRO D 162 10.83 9.05 -1.22
C PRO D 162 11.59 8.20 -0.23
N GLU D 163 11.68 8.61 1.04
CA GLU D 163 12.04 7.66 2.09
C GLU D 163 11.04 6.49 2.08
N PRO D 164 11.40 5.32 2.60
CA PRO D 164 12.65 4.87 3.19
C PRO D 164 13.50 4.00 2.27
N VAL D 165 14.79 3.92 2.58
CA VAL D 165 15.68 2.92 2.03
C VAL D 165 16.21 2.06 3.18
N THR D 166 16.28 0.75 2.96
CA THR D 166 16.96 -0.13 3.91
C THR D 166 18.32 -0.56 3.36
N VAL D 167 19.31 -0.60 4.24
CA VAL D 167 20.64 -1.07 3.90
C VAL D 167 20.99 -2.19 4.86
N SER D 168 21.39 -3.34 4.32
CA SER D 168 22.01 -4.38 5.12
C SER D 168 23.39 -4.69 4.55
N TRP D 169 24.15 -5.49 5.28
CA TRP D 169 25.48 -5.90 4.86
C TRP D 169 25.55 -7.41 4.89
N ASN D 170 25.97 -8.01 3.78
CA ASN D 170 26.11 -9.45 3.68
C ASN D 170 24.77 -10.14 4.02
N SER D 171 23.72 -9.64 3.37
CA SER D 171 22.34 -10.12 3.59
C SER D 171 21.99 -10.23 5.06
N GLY D 172 22.47 -9.28 5.85
CA GLY D 172 22.09 -9.24 7.25
C GLY D 172 22.92 -10.12 8.16
N ALA D 173 23.89 -10.87 7.63
CA ALA D 173 24.80 -11.61 8.49
C ALA D 173 25.80 -10.70 9.21
N LEU D 174 25.96 -9.47 8.74
CA LEU D 174 26.91 -8.51 9.30
C LEU D 174 26.12 -7.33 9.85
N THR D 175 26.17 -7.14 11.16
CA THR D 175 25.46 -6.11 11.90
C THR D 175 26.37 -5.31 12.82
N SER D 176 27.36 -5.95 13.43
CA SER D 176 28.32 -5.26 14.27
C SER D 176 29.14 -4.27 13.46
N GLY D 177 29.32 -3.06 14.02
CA GLY D 177 30.08 -2.02 13.39
C GLY D 177 29.38 -1.31 12.25
N VAL D 178 28.08 -1.53 12.06
CA VAL D 178 27.33 -0.92 10.98
C VAL D 178 26.71 0.38 11.45
N HIS D 179 26.92 1.44 10.69
CA HIS D 179 26.31 2.75 10.96
C HIS D 179 25.70 3.25 9.66
N THR D 180 24.38 3.16 9.56
CA THR D 180 23.66 3.72 8.42
C THR D 180 23.18 5.11 8.84
N PHE D 181 23.74 6.15 8.19
CA PHE D 181 23.45 7.51 8.63
C PHE D 181 22.10 7.98 8.11
N PRO D 182 21.40 8.80 8.90
CA PRO D 182 20.17 9.45 8.38
C PRO D 182 20.44 10.19 7.07
N ALA D 183 19.45 10.16 6.19
CA ALA D 183 19.62 10.72 4.87
C ALA D 183 19.71 12.24 4.92
N VAL D 184 20.47 12.81 3.98
CA VAL D 184 20.41 14.23 3.71
C VAL D 184 19.30 14.47 2.68
N LEU D 185 18.57 15.56 2.83
CA LEU D 185 17.55 15.97 1.87
C LEU D 185 18.10 17.17 1.10
N GLN D 186 18.45 16.95 -0.16
CA GLN D 186 19.08 17.99 -0.95
C GLN D 186 18.04 18.96 -1.49
N SER D 187 18.52 20.13 -1.92
CA SER D 187 17.62 21.15 -2.45
C SER D 187 16.94 20.70 -3.74
N SER D 188 17.46 19.66 -4.38
CA SER D 188 16.79 19.03 -5.51
C SER D 188 15.50 18.32 -5.12
N GLY D 189 15.28 18.08 -3.83
CA GLY D 189 14.16 17.27 -3.40
C GLY D 189 14.47 15.79 -3.32
N LEU D 190 15.70 15.38 -3.60
CA LEU D 190 16.11 13.98 -3.55
C LEU D 190 16.95 13.73 -2.31
N TYR D 191 16.84 12.50 -1.79
CA TYR D 191 17.62 12.10 -0.61
C TYR D 191 18.88 11.38 -1.02
N SER D 192 19.87 11.43 -0.15
CA SER D 192 21.03 10.57 -0.23
C SER D 192 21.38 10.13 1.18
N LEU D 193 21.88 8.90 1.31
CA LEU D 193 22.38 8.42 2.60
C LEU D 193 23.65 7.61 2.35
N SER D 194 24.38 7.39 3.44
CA SER D 194 25.53 6.50 3.42
C SER D 194 25.40 5.50 4.57
N SER D 195 25.94 4.32 4.33
CA SER D 195 26.08 3.25 5.32
C SER D 195 27.54 2.86 5.38
N VAL D 196 28.11 2.85 6.58
CA VAL D 196 29.51 2.47 6.75
C VAL D 196 29.61 1.36 7.77
N VAL D 197 30.52 0.42 7.52
CA VAL D 197 30.78 -0.68 8.42
C VAL D 197 32.27 -0.66 8.76
N THR D 198 32.57 -0.81 10.05
CA THR D 198 33.93 -0.81 10.56
C THR D 198 34.38 -2.25 10.77
N VAL D 199 35.50 -2.61 10.15
CA VAL D 199 35.97 -4.00 10.12
C VAL D 199 37.48 -4.02 10.38
N PRO D 200 38.03 -5.19 10.77
CA PRO D 200 39.48 -5.28 10.89
C PRO D 200 40.16 -5.11 9.54
N SER D 201 41.30 -4.41 9.56
CA SER D 201 42.12 -4.27 8.36
C SER D 201 42.48 -5.63 7.76
N SER D 202 42.80 -6.61 8.62
CA SER D 202 43.26 -7.93 8.16
C SER D 202 42.18 -8.67 7.39
N SER D 203 40.93 -8.29 7.55
CA SER D 203 39.83 -8.99 6.89
C SER D 203 39.62 -8.50 5.46
N LEU D 204 40.17 -7.33 5.10
CA LEU D 204 39.91 -6.79 3.77
C LEU D 204 40.41 -7.71 2.67
N GLY D 205 41.51 -8.44 2.91
CA GLY D 205 42.03 -9.34 1.91
C GLY D 205 41.38 -10.71 1.83
N THR D 206 40.47 -11.05 2.78
CA THR D 206 39.90 -12.39 2.85
C THR D 206 38.39 -12.45 3.08
N GLN D 207 37.73 -11.34 3.39
CA GLN D 207 36.30 -11.34 3.62
C GLN D 207 35.58 -10.52 2.56
N THR D 208 34.49 -11.08 2.04
CA THR D 208 33.65 -10.37 1.08
C THR D 208 32.66 -9.45 1.79
N TYR D 209 32.62 -8.19 1.37
CA TYR D 209 31.67 -7.23 1.90
C TYR D 209 30.77 -6.73 0.79
N ILE D 210 29.47 -6.88 0.99
CA ILE D 210 28.45 -6.49 0.03
C ILE D 210 27.35 -5.76 0.79
N CYS D 211 26.98 -4.58 0.31
CA CYS D 211 25.85 -3.85 0.88
C CYS D 211 24.60 -4.14 0.07
N ASN D 212 23.50 -4.37 0.77
CA ASN D 212 22.23 -4.68 0.12
C ASN D 212 21.28 -3.50 0.33
N VAL D 213 20.89 -2.85 -0.77
CA VAL D 213 20.10 -1.62 -0.74
C VAL D 213 18.73 -1.93 -1.33
N ASN D 214 17.67 -1.63 -0.58
CA ASN D 214 16.31 -1.82 -1.05
C ASN D 214 15.56 -0.49 -0.97
N HIS D 215 15.01 -0.04 -2.10
CA HIS D 215 14.13 1.13 -2.15
C HIS D 215 12.83 0.62 -2.77
N LYS D 216 11.90 0.20 -1.92
CA LYS D 216 10.73 -0.49 -2.45
C LYS D 216 9.83 0.41 -3.31
N PRO D 217 9.70 1.74 -3.07
CA PRO D 217 8.76 2.49 -3.91
C PRO D 217 9.19 2.55 -5.38
N SER D 218 10.49 2.47 -5.66
CA SER D 218 10.94 2.38 -7.05
C SER D 218 11.22 0.96 -7.49
N ASN D 219 10.97 -0.04 -6.63
CA ASN D 219 11.28 -1.43 -6.92
C ASN D 219 12.76 -1.63 -7.25
N THR D 220 13.63 -0.91 -6.57
CA THR D 220 15.06 -1.06 -6.74
C THR D 220 15.61 -1.90 -5.59
N LYS D 221 16.30 -2.98 -5.96
CA LYS D 221 17.09 -3.82 -5.05
C LYS D 221 18.44 -3.93 -5.70
N VAL D 222 19.48 -3.43 -5.06
CA VAL D 222 20.81 -3.45 -5.64
C VAL D 222 21.81 -3.91 -4.58
N ASP D 223 22.77 -4.71 -5.01
CA ASP D 223 23.84 -5.21 -4.15
C ASP D 223 25.16 -4.74 -4.73
N LYS D 224 26.01 -4.13 -3.91
CA LYS D 224 27.31 -3.69 -4.38
C LYS D 224 28.40 -4.27 -3.52
N ARG D 225 29.36 -4.93 -4.17
CA ARG D 225 30.55 -5.42 -3.48
C ARG D 225 31.51 -4.27 -3.30
N VAL D 226 32.03 -4.12 -2.08
CA VAL D 226 32.94 -3.04 -1.73
C VAL D 226 34.34 -3.64 -1.55
N GLU D 227 35.28 -3.14 -2.34
CA GLU D 227 36.66 -3.63 -2.54
C GLU D 227 37.69 -2.59 -2.12
N PRO D 228 38.84 -3.01 -1.60
CA PRO D 228 40.01 -2.12 -1.72
C PRO D 228 40.36 -1.95 -3.19
N SER E 5 24.24 -9.91 -37.90
CA SER E 5 24.91 -11.16 -37.54
C SER E 5 24.01 -12.10 -36.74
N ALA E 6 23.21 -11.54 -35.81
CA ALA E 6 22.31 -12.34 -35.00
C ALA E 6 21.03 -12.72 -35.74
N LEU E 7 20.53 -11.83 -36.58
CA LEU E 7 19.56 -12.17 -37.61
C LEU E 7 20.29 -12.17 -38.96
N THR E 8 19.89 -13.07 -39.85
CA THR E 8 20.57 -13.25 -41.13
C THR E 8 19.76 -12.62 -42.25
N GLN E 9 20.36 -11.64 -42.93
CA GLN E 9 19.80 -11.08 -44.16
C GLN E 9 20.68 -11.41 -45.34
N PRO E 10 20.12 -11.45 -46.56
CA PRO E 10 20.97 -11.55 -47.74
C PRO E 10 21.83 -10.31 -47.88
N ARG E 11 23.11 -10.51 -48.20
CA ARG E 11 24.00 -9.36 -48.23
C ARG E 11 23.56 -8.34 -49.27
N SER E 12 22.99 -8.81 -50.39
CA SER E 12 22.68 -7.95 -51.53
C SER E 12 21.33 -8.33 -52.15
N VAL E 13 20.62 -7.31 -52.62
CA VAL E 13 19.29 -7.43 -53.21
C VAL E 13 19.22 -6.45 -54.37
N SER E 14 18.51 -6.83 -55.44
CA SER E 14 18.43 -5.93 -56.57
C SER E 14 17.07 -6.08 -57.24
N GLY E 15 16.62 -4.99 -57.86
CA GLY E 15 15.40 -5.02 -58.66
C GLY E 15 15.40 -3.87 -59.65
N SER E 16 14.55 -4.00 -60.66
CA SER E 16 14.40 -3.00 -61.71
C SER E 16 13.43 -1.91 -61.29
N PRO E 17 13.50 -0.72 -61.90
CA PRO E 17 12.60 0.36 -61.50
C PRO E 17 11.14 -0.04 -61.69
N GLY E 18 10.32 0.31 -60.70
CA GLY E 18 8.90 0.01 -60.75
C GLY E 18 8.52 -1.37 -60.26
N GLN E 19 9.47 -2.29 -60.12
CA GLN E 19 9.19 -3.65 -59.71
C GLN E 19 9.22 -3.77 -58.18
N SER E 20 9.25 -4.99 -57.67
CA SER E 20 9.34 -5.26 -56.25
C SER E 20 10.62 -6.03 -55.93
N VAL E 21 11.10 -5.86 -54.71
CA VAL E 21 12.15 -6.70 -54.13
C VAL E 21 11.77 -7.01 -52.70
N THR E 22 12.18 -8.20 -52.24
CA THR E 22 11.93 -8.60 -50.86
C THR E 22 13.26 -8.88 -50.18
N ILE E 23 13.43 -8.32 -48.98
CA ILE E 23 14.60 -8.54 -48.16
C ILE E 23 14.16 -9.43 -47.00
N SER E 24 14.75 -10.62 -46.90
CA SER E 24 14.40 -11.56 -45.84
C SER E 24 15.26 -11.33 -44.60
N CYS E 25 14.80 -11.88 -43.47
CA CYS E 25 15.48 -11.67 -42.20
C CYS E 25 15.09 -12.83 -41.29
N THR E 26 15.95 -13.84 -41.24
CA THR E 26 15.65 -15.10 -40.58
C THR E 26 16.21 -15.09 -39.17
N GLY E 27 15.34 -15.30 -38.19
CA GLY E 27 15.77 -15.40 -36.82
C GLY E 27 15.37 -16.73 -36.20
N SER E 28 14.79 -16.67 -35.00
CA SER E 28 14.44 -17.87 -34.27
C SER E 28 13.21 -17.58 -33.43
N ARG E 29 12.72 -18.62 -32.74
CA ARG E 29 11.64 -18.45 -31.79
C ARG E 29 12.05 -17.53 -30.65
N SER E 30 13.35 -17.37 -30.40
CA SER E 30 13.84 -16.49 -29.35
C SER E 30 13.84 -15.02 -29.75
N ASP E 31 13.60 -14.69 -31.02
CA ASP E 31 13.54 -13.28 -31.39
C ASP E 31 12.39 -13.02 -32.34
N VAL E 32 12.61 -13.21 -33.63
CA VAL E 32 11.61 -12.81 -34.63
C VAL E 32 10.29 -13.53 -34.39
N GLY E 33 10.35 -14.82 -34.08
CA GLY E 33 9.15 -15.61 -33.85
C GLY E 33 8.69 -15.67 -32.42
N GLY E 34 9.29 -14.89 -31.52
CA GLY E 34 8.91 -14.98 -30.12
C GLY E 34 8.17 -13.78 -29.56
N TYR E 35 8.17 -12.69 -30.32
CA TYR E 35 7.48 -11.46 -29.95
C TYR E 35 6.96 -10.86 -31.25
N ASP E 36 6.29 -9.72 -31.15
CA ASP E 36 5.87 -8.97 -32.34
C ASP E 36 6.58 -7.61 -32.43
N TYR E 37 7.88 -7.59 -32.12
CA TYR E 37 8.64 -6.35 -32.12
C TYR E 37 9.73 -6.40 -33.19
N VAL E 38 9.34 -6.64 -34.44
CA VAL E 38 10.25 -6.66 -35.58
C VAL E 38 10.19 -5.30 -36.27
N SER E 39 11.35 -4.75 -36.59
CA SER E 39 11.41 -3.46 -37.25
C SER E 39 12.46 -3.49 -38.37
N TRP E 40 12.37 -2.48 -39.24
CA TRP E 40 13.26 -2.33 -40.39
C TRP E 40 13.73 -0.88 -40.46
N TYR E 41 15.03 -0.71 -40.71
CA TYR E 41 15.64 0.61 -40.83
C TYR E 41 16.27 0.74 -42.22
N GLN E 42 16.18 1.95 -42.76
CA GLN E 42 16.81 2.28 -44.03
C GLN E 42 17.95 3.25 -43.73
N GLN E 43 19.12 3.00 -44.32
CA GLN E 43 20.28 3.86 -44.11
C GLN E 43 20.89 4.19 -45.46
N HIS E 44 20.79 5.46 -45.85
CA HIS E 44 21.54 5.96 -47.00
C HIS E 44 22.99 6.24 -46.60
N PRO E 45 23.93 6.22 -47.56
CA PRO E 45 25.35 6.37 -47.22
C PRO E 45 25.64 7.68 -46.51
N GLY E 46 26.34 7.59 -45.37
CA GLY E 46 26.66 8.77 -44.59
C GLY E 46 25.50 9.41 -43.88
N ARG E 47 24.36 8.73 -43.76
CA ARG E 47 23.23 9.29 -43.02
C ARG E 47 22.83 8.35 -41.90
N VAL E 48 22.05 8.89 -40.95
CA VAL E 48 21.59 8.10 -39.81
C VAL E 48 20.49 7.14 -40.28
N PRO E 49 20.33 5.98 -39.63
CA PRO E 49 19.23 5.09 -40.00
C PRO E 49 17.88 5.76 -39.78
N LYS E 50 16.88 5.28 -40.51
CA LYS E 50 15.52 5.81 -40.44
C LYS E 50 14.55 4.63 -40.31
N LEU E 51 13.73 4.67 -39.27
CA LEU E 51 12.73 3.63 -39.03
C LEU E 51 11.70 3.62 -40.15
N MET E 52 11.51 2.46 -40.76
CA MET E 52 10.59 2.25 -41.87
C MET E 52 9.41 1.35 -41.52
N ILE E 53 9.65 0.32 -40.72
CA ILE E 53 8.60 -0.62 -40.30
C ILE E 53 8.80 -0.89 -38.82
N TYR E 54 7.69 -1.03 -38.09
CA TYR E 54 7.72 -1.46 -36.70
C TYR E 54 6.48 -2.31 -36.43
N ASP E 55 6.50 -3.05 -35.31
CA ASP E 55 5.44 -4.01 -34.99
C ASP E 55 5.21 -4.94 -36.18
N VAL E 56 6.31 -5.38 -36.80
CA VAL E 56 6.33 -6.36 -37.89
C VAL E 56 5.80 -5.81 -39.23
N THR E 57 4.71 -5.03 -39.19
CA THR E 57 3.99 -4.64 -40.41
C THR E 57 3.59 -3.16 -40.48
N LYS E 58 3.79 -2.38 -39.42
CA LYS E 58 3.34 -0.99 -39.36
C LYS E 58 4.42 -0.03 -39.87
N ARG E 59 3.97 1.07 -40.46
CA ARG E 59 4.87 2.09 -40.97
CA ARG E 59 4.87 2.08 -40.96
C ARG E 59 4.77 3.34 -40.13
N PRO E 60 5.90 3.92 -39.71
CA PRO E 60 5.86 5.24 -39.06
C PRO E 60 5.21 6.26 -39.99
N SER E 61 4.74 7.35 -39.41
CA SER E 61 4.13 8.39 -40.22
C SER E 61 5.17 9.00 -41.15
N GLY E 62 4.83 9.12 -42.42
CA GLY E 62 5.77 9.59 -43.42
C GLY E 62 6.18 8.50 -44.39
N VAL E 63 6.39 7.29 -43.88
CA VAL E 63 6.89 6.18 -44.70
C VAL E 63 5.80 5.74 -45.67
N PRO E 64 6.09 5.62 -46.96
CA PRO E 64 5.06 5.26 -47.94
C PRO E 64 4.67 3.79 -47.88
N ASP E 65 3.48 3.52 -48.42
CA ASP E 65 2.89 2.18 -48.37
C ASP E 65 3.65 1.16 -49.22
N ARG E 66 4.50 1.62 -50.13
CA ARG E 66 5.28 0.67 -50.92
C ARG E 66 6.28 -0.11 -50.07
N PHE E 67 6.56 0.35 -48.85
CA PHE E 67 7.34 -0.41 -47.90
C PHE E 67 6.39 -1.26 -47.07
N SER E 68 6.52 -2.57 -47.20
CA SER E 68 5.63 -3.51 -46.55
C SER E 68 6.45 -4.47 -45.71
N GLY E 69 6.00 -4.71 -44.48
CA GLY E 69 6.60 -5.69 -43.59
C GLY E 69 5.66 -6.86 -43.38
N SER E 70 6.24 -8.07 -43.35
CA SER E 70 5.48 -9.27 -43.05
C SER E 70 6.39 -10.23 -42.29
N ARG E 71 5.84 -11.38 -41.91
CA ARG E 71 6.61 -12.41 -41.24
C ARG E 71 5.96 -13.77 -41.44
N SER E 72 6.79 -14.79 -41.63
CA SER E 72 6.34 -16.18 -41.65
C SER E 72 7.25 -16.99 -40.73
N GLY E 73 6.71 -17.41 -39.59
CA GLY E 73 7.52 -18.17 -38.66
C GLY E 73 8.59 -17.30 -38.04
N ASN E 74 9.83 -17.78 -38.08
CA ASN E 74 10.97 -17.06 -37.54
C ASN E 74 11.65 -16.18 -38.58
N THR E 75 10.98 -15.90 -39.70
CA THR E 75 11.56 -15.13 -40.79
C THR E 75 10.66 -13.95 -41.14
N ALA E 76 11.17 -12.74 -40.93
CA ALA E 76 10.49 -11.55 -41.38
C ALA E 76 11.06 -11.10 -42.72
N SER E 77 10.22 -10.43 -43.51
CA SER E 77 10.60 -9.95 -44.82
C SER E 77 10.15 -8.51 -44.95
N LEU E 78 10.99 -7.69 -45.56
CA LEU E 78 10.62 -6.35 -45.98
C LEU E 78 10.41 -6.39 -47.49
N THR E 79 9.30 -5.79 -47.95
CA THR E 79 9.00 -5.73 -49.38
C THR E 79 8.92 -4.28 -49.80
N ILE E 80 9.62 -3.94 -50.89
CA ILE E 80 9.67 -2.60 -51.43
C ILE E 80 9.06 -2.68 -52.82
N SER E 81 7.92 -2.04 -53.01
CA SER E 81 7.25 -1.99 -54.30
C SER E 81 7.53 -0.66 -54.99
N GLY E 82 7.25 -0.63 -56.30
CA GLY E 82 7.51 0.54 -57.12
C GLY E 82 8.89 1.15 -56.91
N LEU E 83 9.94 0.34 -57.07
CA LEU E 83 11.28 0.80 -56.76
C LEU E 83 11.61 2.08 -57.52
N GLN E 84 12.16 3.05 -56.80
CA GLN E 84 12.70 4.29 -57.33
C GLN E 84 14.21 4.32 -57.11
N ALA E 85 14.84 5.30 -57.75
CA ALA E 85 16.28 5.52 -57.60
C ALA E 85 16.67 5.70 -56.13
N ASP E 86 15.91 6.51 -55.40
CA ASP E 86 16.24 6.83 -54.01
C ASP E 86 16.06 5.65 -53.06
N ASP E 87 15.61 4.50 -53.53
CA ASP E 87 15.53 3.32 -52.67
C ASP E 87 16.89 2.67 -52.44
N GLU E 88 17.87 3.00 -53.26
CA GLU E 88 19.23 2.50 -53.07
C GLU E 88 19.78 2.88 -51.70
N ALA E 89 19.95 1.89 -50.83
CA ALA E 89 20.29 2.13 -49.44
C ALA E 89 20.64 0.80 -48.80
N ASP E 90 21.10 0.88 -47.57
CA ASP E 90 21.17 -0.33 -46.77
C ASP E 90 19.88 -0.48 -45.97
N TYR E 91 19.48 -1.73 -45.74
CA TYR E 91 18.28 -2.01 -44.96
C TYR E 91 18.63 -2.99 -43.87
N TYR E 92 18.21 -2.69 -42.64
CA TYR E 92 18.54 -3.50 -41.48
C TYR E 92 17.25 -3.95 -40.83
N CYS E 93 17.18 -5.23 -40.49
CA CYS E 93 16.09 -5.72 -39.67
C CYS E 93 16.52 -5.77 -38.21
N SER E 94 15.54 -5.80 -37.32
CA SER E 94 15.84 -5.72 -35.89
C SER E 94 14.66 -6.31 -35.14
N SER E 95 14.92 -6.76 -33.92
CA SER E 95 13.92 -7.50 -33.15
C SER E 95 14.35 -7.57 -31.70
N PHE E 96 13.37 -7.60 -30.81
CA PHE E 96 13.62 -7.97 -29.43
C PHE E 96 14.01 -9.44 -29.37
N ALA E 97 14.95 -9.77 -28.49
CA ALA E 97 15.48 -11.12 -28.42
C ALA E 97 15.52 -11.63 -26.99
N GLY E 98 14.53 -11.29 -26.18
CA GLY E 98 14.47 -11.76 -24.82
C GLY E 98 15.23 -10.87 -23.84
N SER E 99 15.01 -11.13 -22.54
CA SER E 99 15.47 -10.29 -21.45
C SER E 99 16.93 -10.56 -21.06
N SER E 100 17.69 -11.26 -21.89
CA SER E 100 19.13 -11.36 -21.75
C SER E 100 19.87 -10.68 -22.88
N THR E 101 19.44 -10.91 -24.12
CA THR E 101 20.09 -10.32 -25.29
C THR E 101 19.49 -8.98 -25.68
N TYR E 102 18.18 -8.83 -25.47
CA TYR E 102 17.43 -7.61 -25.73
C TYR E 102 17.34 -7.30 -27.23
N VAL E 103 18.26 -6.49 -27.77
CA VAL E 103 18.11 -5.98 -29.13
C VAL E 103 19.12 -6.69 -30.03
N VAL E 104 18.63 -7.24 -31.15
CA VAL E 104 19.52 -7.78 -32.17
C VAL E 104 19.21 -7.12 -33.51
N PHE E 105 20.21 -7.13 -34.39
CA PHE E 105 20.12 -6.57 -35.72
C PHE E 105 20.48 -7.63 -36.75
N GLY E 106 19.89 -7.50 -37.93
CA GLY E 106 20.42 -8.20 -39.09
C GLY E 106 21.72 -7.57 -39.54
N GLY E 107 22.45 -8.29 -40.38
CA GLY E 107 23.70 -7.76 -40.91
C GLY E 107 23.54 -6.63 -41.91
N GLY E 108 22.35 -6.45 -42.46
CA GLY E 108 22.10 -5.36 -43.40
C GLY E 108 22.13 -5.82 -44.85
N THR E 109 21.32 -5.16 -45.67
CA THR E 109 21.15 -5.52 -47.07
C THR E 109 21.31 -4.26 -47.92
N THR E 110 22.20 -4.31 -48.90
CA THR E 110 22.39 -3.21 -49.86
C THR E 110 21.44 -3.44 -51.02
N LEU E 111 20.60 -2.45 -51.30
CA LEU E 111 19.64 -2.50 -52.39
C LEU E 111 20.23 -1.81 -53.62
N THR E 112 20.19 -2.50 -54.74
CA THR E 112 20.57 -1.93 -56.03
C THR E 112 19.35 -1.87 -56.93
N VAL E 113 19.12 -0.69 -57.51
CA VAL E 113 18.12 -0.55 -58.58
C VAL E 113 18.84 -0.72 -59.91
N LEU E 114 18.27 -1.56 -60.79
CA LEU E 114 19.02 -2.17 -61.89
C LEU E 114 19.21 -1.28 -63.11
N GLY E 115 18.30 -0.34 -63.39
CA GLY E 115 18.31 0.23 -64.74
C GLY E 115 19.16 1.46 -65.04
N GLN E 116 20.09 1.80 -64.18
CA GLN E 116 20.58 3.18 -64.26
C GLN E 116 21.55 3.38 -65.42
N PRO E 117 21.62 4.59 -65.97
CA PRO E 117 22.43 4.82 -67.18
C PRO E 117 23.89 5.07 -66.86
N LYS E 118 24.75 4.69 -67.81
CA LYS E 118 26.17 4.96 -67.69
C LYS E 118 26.43 6.45 -67.62
N ALA E 119 27.37 6.83 -66.75
CA ALA E 119 27.72 8.23 -66.52
C ALA E 119 29.23 8.37 -66.48
N ALA E 120 29.77 9.19 -67.39
CA ALA E 120 31.22 9.38 -67.43
C ALA E 120 31.67 10.27 -66.28
N PRO E 121 32.88 10.04 -65.76
CA PRO E 121 33.34 10.84 -64.62
C PRO E 121 33.66 12.26 -65.03
N SER E 122 33.34 13.19 -64.15
CA SER E 122 33.87 14.54 -64.19
C SER E 122 35.19 14.55 -63.42
N VAL E 123 36.25 15.06 -64.05
CA VAL E 123 37.58 15.01 -63.47
C VAL E 123 38.09 16.44 -63.27
N THR E 124 38.65 16.70 -62.09
CA THR E 124 39.23 17.99 -61.76
C THR E 124 40.61 17.75 -61.15
N LEU E 125 41.63 18.37 -61.73
CA LEU E 125 43.03 18.16 -61.34
C LEU E 125 43.61 19.49 -60.87
N PHE E 126 43.98 19.55 -59.59
CA PHE E 126 44.63 20.76 -59.09
C PHE E 126 46.14 20.55 -58.97
N PRO E 127 46.96 21.55 -59.30
CA PRO E 127 48.40 21.43 -59.08
C PRO E 127 48.75 21.72 -57.62
N PRO E 128 50.01 21.51 -57.21
CA PRO E 128 50.40 21.94 -55.86
C PRO E 128 50.23 23.44 -55.71
N SER E 129 49.79 23.85 -54.53
CA SER E 129 49.64 25.27 -54.24
C SER E 129 51.00 25.89 -53.94
N SER E 130 51.07 27.21 -54.13
CA SER E 130 52.29 27.93 -53.78
C SER E 130 52.60 27.74 -52.30
N GLU E 131 51.56 27.65 -51.47
CA GLU E 131 51.79 27.53 -50.04
C GLU E 131 52.35 26.16 -49.69
N GLU E 132 51.87 25.10 -50.34
CA GLU E 132 52.46 23.79 -50.08
C GLU E 132 53.88 23.72 -50.62
N LEU E 133 54.15 24.36 -51.76
CA LEU E 133 55.50 24.37 -52.31
C LEU E 133 56.45 25.09 -51.36
N GLN E 134 56.02 26.24 -50.82
CA GLN E 134 56.82 26.95 -49.82
C GLN E 134 57.04 26.10 -48.58
N ALA E 135 56.17 25.14 -48.32
CA ALA E 135 56.34 24.15 -47.26
C ALA E 135 57.20 22.96 -47.69
N ASN E 136 57.85 23.04 -48.86
CA ASN E 136 58.74 21.99 -49.36
C ASN E 136 57.99 20.67 -49.59
N LYS E 137 56.76 20.78 -50.06
CA LYS E 137 55.93 19.62 -50.37
C LYS E 137 55.16 19.91 -51.65
N ALA E 138 54.63 18.84 -52.26
CA ALA E 138 53.84 19.00 -53.48
C ALA E 138 52.85 17.85 -53.58
N THR E 139 51.57 18.18 -53.73
CA THR E 139 50.53 17.19 -53.94
C THR E 139 49.70 17.62 -55.14
N LEU E 140 49.54 16.72 -56.09
CA LEU E 140 48.54 16.89 -57.13
C LEU E 140 47.25 16.21 -56.69
N VAL E 141 46.12 16.88 -56.94
CA VAL E 141 44.82 16.42 -56.50
C VAL E 141 43.93 16.20 -57.71
N CYS E 142 43.57 14.93 -57.94
CA CYS E 142 42.65 14.54 -58.99
C CYS E 142 41.31 14.17 -58.33
N LEU E 143 40.28 14.97 -58.56
CA LEU E 143 38.95 14.72 -58.02
C LEU E 143 38.05 14.15 -59.10
N ILE E 144 37.38 13.04 -58.79
CA ILE E 144 36.60 12.28 -59.76
C ILE E 144 35.18 12.17 -59.26
N SER E 145 34.21 12.63 -60.04
CA SER E 145 32.84 12.69 -59.51
C SER E 145 31.82 12.38 -60.59
N ASP E 146 30.63 11.95 -60.13
CA ASP E 146 29.45 11.79 -60.97
C ASP E 146 29.58 10.71 -62.03
N PHE E 147 30.31 9.63 -61.75
CA PHE E 147 30.32 8.49 -62.65
C PHE E 147 29.42 7.37 -62.14
N TYR E 148 28.93 6.56 -63.08
CA TYR E 148 28.13 5.40 -62.81
C TYR E 148 28.35 4.44 -63.97
N PRO E 149 28.59 3.13 -63.71
CA PRO E 149 28.67 2.48 -62.39
C PRO E 149 29.95 2.83 -61.63
N GLY E 150 30.03 2.39 -60.37
CA GLY E 150 31.01 2.89 -59.42
C GLY E 150 32.36 2.22 -59.39
N ALA E 151 33.03 2.19 -60.52
CA ALA E 151 34.34 1.56 -60.66
C ALA E 151 35.12 2.37 -61.69
N VAL E 152 36.31 2.81 -61.29
CA VAL E 152 37.18 3.65 -62.09
C VAL E 152 38.61 3.21 -61.83
N THR E 153 39.44 3.23 -62.88
CA THR E 153 40.88 3.06 -62.73
C THR E 153 41.60 4.37 -63.01
N VAL E 154 42.64 4.65 -62.23
CA VAL E 154 43.34 5.93 -62.27
C VAL E 154 44.81 5.67 -62.58
N ALA E 155 45.29 6.25 -63.67
CA ALA E 155 46.71 6.24 -64.02
C ALA E 155 47.21 7.68 -64.04
N TRP E 156 48.39 7.89 -63.46
CA TRP E 156 49.06 9.18 -63.54
C TRP E 156 50.21 9.12 -64.54
N LYS E 157 50.44 10.24 -65.23
CA LYS E 157 51.58 10.37 -66.12
C LYS E 157 52.47 11.51 -65.67
N ALA E 158 53.79 11.29 -65.74
CA ALA E 158 54.80 12.34 -65.59
C ALA E 158 55.30 12.62 -66.99
N ASP E 159 54.92 13.76 -67.55
CA ASP E 159 55.14 14.06 -68.95
C ASP E 159 54.64 12.90 -69.82
N SER E 160 55.54 12.17 -70.48
CA SER E 160 55.14 11.08 -71.35
C SER E 160 55.06 9.73 -70.64
N SER E 161 55.53 9.64 -69.40
CA SER E 161 55.69 8.31 -68.83
C SER E 161 54.70 8.05 -67.70
N PRO E 162 54.30 6.79 -67.50
CA PRO E 162 53.54 6.44 -66.31
C PRO E 162 54.35 6.67 -65.05
N VAL E 163 53.66 6.97 -63.95
CA VAL E 163 54.38 7.18 -62.71
C VAL E 163 54.24 5.96 -61.80
N LYS E 164 53.10 5.84 -61.12
CA LYS E 164 52.82 4.76 -60.15
C LYS E 164 53.85 4.72 -59.02
N ALA E 165 54.12 5.87 -58.43
CA ALA E 165 54.85 5.96 -57.16
C ALA E 165 54.47 7.29 -56.54
N GLY E 166 54.13 7.26 -55.25
CA GLY E 166 53.51 8.42 -54.64
C GLY E 166 52.05 8.61 -54.99
N VAL E 167 51.41 7.60 -55.57
CA VAL E 167 50.00 7.64 -55.94
C VAL E 167 49.17 6.97 -54.86
N GLU E 168 48.11 7.64 -54.41
CA GLU E 168 47.15 7.08 -53.47
C GLU E 168 45.76 7.45 -53.95
N THR E 169 44.96 6.43 -54.27
CA THR E 169 43.62 6.59 -54.83
C THR E 169 42.62 5.96 -53.86
N THR E 170 41.51 6.65 -53.62
CA THR E 170 40.48 6.15 -52.72
C THR E 170 39.66 5.07 -53.40
N THR E 171 38.90 4.34 -52.58
CA THR E 171 37.81 3.53 -53.11
C THR E 171 36.73 4.45 -53.65
N PRO E 172 35.92 3.98 -54.58
CA PRO E 172 34.73 4.74 -54.96
C PRO E 172 33.72 4.75 -53.82
N SER E 173 33.00 5.86 -53.71
CA SER E 173 31.95 6.00 -52.71
C SER E 173 30.72 6.61 -53.37
N LYS E 174 29.56 6.18 -52.87
CA LYS E 174 28.28 6.58 -53.45
C LYS E 174 27.94 8.01 -53.04
N GLN E 175 27.67 8.85 -54.04
CA GLN E 175 27.21 10.21 -53.81
C GLN E 175 25.71 10.22 -53.50
N SER E 176 25.21 11.39 -53.16
CA SER E 176 23.80 11.50 -52.82
C SER E 176 22.90 11.42 -54.05
N ASN E 177 23.45 11.60 -55.25
CA ASN E 177 22.67 11.47 -56.47
C ASN E 177 22.79 10.08 -57.10
N ASN E 178 23.28 9.10 -56.33
CA ASN E 178 23.44 7.70 -56.74
C ASN E 178 24.60 7.51 -57.72
N LYS E 179 25.20 8.59 -58.20
CA LYS E 179 26.48 8.47 -58.87
C LYS E 179 27.58 8.19 -57.82
N TYR E 180 28.83 8.13 -58.29
CA TYR E 180 29.94 7.78 -57.45
C TYR E 180 31.04 8.82 -57.58
N ALA E 181 31.90 8.88 -56.55
CA ALA E 181 33.01 9.82 -56.46
C ALA E 181 34.26 9.09 -56.02
N ALA E 182 35.41 9.56 -56.50
CA ALA E 182 36.70 9.04 -56.07
C ALA E 182 37.71 10.18 -56.13
N SER E 183 38.82 9.99 -55.43
CA SER E 183 39.89 10.97 -55.48
C SER E 183 41.22 10.24 -55.52
N SER E 184 42.21 10.88 -56.16
CA SER E 184 43.56 10.36 -56.30
C SER E 184 44.57 11.45 -56.00
N TYR E 185 45.59 11.10 -55.24
CA TYR E 185 46.60 12.06 -54.82
C TYR E 185 47.99 11.58 -55.26
N LEU E 186 48.76 12.48 -55.86
CA LEU E 186 50.12 12.16 -56.29
C LEU E 186 51.05 13.10 -55.51
N SER E 187 51.80 12.53 -54.56
CA SER E 187 52.65 13.32 -53.69
C SER E 187 54.06 13.35 -54.25
N LEU E 188 54.59 14.55 -54.46
CA LEU E 188 55.91 14.74 -55.04
C LEU E 188 56.70 15.71 -54.17
N THR E 189 58.02 15.65 -54.29
CA THR E 189 58.83 16.76 -53.83
C THR E 189 58.69 17.91 -54.81
N PRO E 190 58.91 19.14 -54.36
CA PRO E 190 58.93 20.27 -55.31
C PRO E 190 59.92 20.07 -56.44
N GLU E 191 61.08 19.47 -56.16
CA GLU E 191 62.06 19.22 -57.23
C GLU E 191 61.48 18.33 -58.31
N GLN E 192 60.81 17.23 -57.91
CA GLN E 192 60.12 16.37 -58.87
C GLN E 192 59.06 17.14 -59.65
N TRP E 193 58.25 17.94 -58.94
CA TRP E 193 57.21 18.72 -59.58
C TRP E 193 57.78 19.59 -60.69
N LYS E 194 58.86 20.33 -60.40
CA LYS E 194 59.46 21.23 -61.36
C LYS E 194 60.19 20.52 -62.49
N SER E 195 60.54 19.25 -62.32
CA SER E 195 61.45 18.60 -63.26
C SER E 195 60.75 17.98 -64.47
N HIS E 196 59.42 18.11 -64.59
CA HIS E 196 58.70 17.60 -65.73
C HIS E 196 57.84 18.69 -66.36
N ARG E 197 57.78 18.67 -67.69
CA ARG E 197 56.94 19.62 -68.41
C ARG E 197 55.50 19.58 -67.92
N SER E 198 54.99 18.39 -67.58
CA SER E 198 53.59 18.29 -67.22
C SER E 198 53.36 17.03 -66.41
N TYR E 199 52.20 16.98 -65.79
CA TYR E 199 51.69 15.80 -65.13
C TYR E 199 50.24 15.64 -65.54
N SER E 200 49.81 14.38 -65.70
CA SER E 200 48.44 14.09 -66.11
C SER E 200 47.81 13.08 -65.18
N CYS E 201 46.52 13.27 -64.95
CA CYS E 201 45.66 12.29 -64.28
C CYS E 201 44.75 11.70 -65.35
N GLN E 202 44.78 10.39 -65.50
CA GLN E 202 43.98 9.69 -66.49
C GLN E 202 43.01 8.76 -65.79
N VAL E 203 41.72 8.97 -66.07
CA VAL E 203 40.65 8.28 -65.36
C VAL E 203 39.92 7.41 -66.37
N THR E 204 40.00 6.10 -66.19
CA THR E 204 39.41 5.16 -67.13
C THR E 204 38.15 4.60 -66.51
N HIS E 205 37.03 4.74 -67.21
CA HIS E 205 35.72 4.33 -66.70
C HIS E 205 34.99 3.59 -67.80
N GLU E 206 34.74 2.29 -67.58
CA GLU E 206 34.09 1.43 -68.57
C GLU E 206 34.75 1.57 -69.94
N GLY E 207 36.07 1.47 -69.97
CA GLY E 207 36.81 1.49 -71.23
C GLY E 207 36.91 2.83 -71.93
N SER E 208 36.66 3.94 -71.24
CA SER E 208 36.77 5.25 -71.83
C SER E 208 37.52 6.16 -70.87
N THR E 209 38.58 6.81 -71.35
CA THR E 209 39.52 7.53 -70.51
C THR E 209 39.30 9.04 -70.59
N VAL E 210 39.19 9.66 -69.44
CA VAL E 210 39.15 11.11 -69.30
C VAL E 210 40.47 11.54 -68.67
N GLU E 211 41.13 12.53 -69.27
CA GLU E 211 42.45 12.92 -68.81
C GLU E 211 42.48 14.43 -68.59
N LYS E 212 43.13 14.85 -67.51
CA LYS E 212 43.42 16.24 -67.25
C LYS E 212 44.92 16.40 -67.01
N THR E 213 45.45 17.56 -67.37
CA THR E 213 46.89 17.78 -67.36
C THR E 213 47.17 19.14 -66.74
N VAL E 214 48.25 19.23 -65.96
CA VAL E 214 48.72 20.48 -65.37
C VAL E 214 50.22 20.61 -65.60
N ALA E 215 50.70 21.86 -65.66
CA ALA E 215 52.12 22.10 -65.83
C ALA E 215 52.62 23.08 -64.77
N PRO E 216 53.88 22.91 -64.32
CA PRO E 216 54.51 23.82 -63.36
C PRO E 216 54.65 25.28 -63.83
N GLU F 1 9.71 15.93 -31.16
CA GLU F 1 9.75 16.21 -29.72
C GLU F 1 11.09 15.80 -29.11
N VAL F 2 11.92 15.11 -29.89
CA VAL F 2 13.20 14.58 -29.45
C VAL F 2 14.27 15.00 -30.47
N GLN F 3 15.35 15.62 -29.98
CA GLN F 3 16.43 16.12 -30.83
C GLN F 3 17.76 15.80 -30.13
N LEU F 4 18.41 14.72 -30.58
CA LEU F 4 19.57 14.18 -29.89
C LEU F 4 20.86 14.63 -30.54
N VAL F 5 21.86 14.96 -29.73
CA VAL F 5 23.18 15.35 -30.21
C VAL F 5 24.22 14.69 -29.31
N GLU F 6 25.02 13.78 -29.88
CA GLU F 6 26.13 13.18 -29.18
C GLU F 6 27.36 14.09 -29.22
N SER F 7 28.24 13.93 -28.23
CA SER F 7 29.55 14.57 -28.22
C SER F 7 30.55 13.68 -27.50
N GLY F 8 31.81 14.10 -27.53
CA GLY F 8 32.86 13.41 -26.80
C GLY F 8 33.67 12.39 -27.59
N GLY F 9 33.33 12.13 -28.84
CA GLY F 9 34.08 11.16 -29.62
C GLY F 9 35.47 11.66 -29.99
N GLY F 10 36.31 10.74 -30.41
CA GLY F 10 37.66 11.11 -30.81
C GLY F 10 38.64 9.96 -30.59
N LEU F 11 39.90 10.32 -30.40
CA LEU F 11 40.98 9.35 -30.36
C LEU F 11 41.23 8.88 -28.92
N VAL F 12 41.21 7.56 -28.73
CA VAL F 12 41.56 6.96 -27.44
C VAL F 12 42.50 5.78 -27.67
N GLN F 13 43.47 5.60 -26.77
CA GLN F 13 44.39 4.49 -26.81
C GLN F 13 43.72 3.20 -26.33
N PRO F 14 44.10 2.06 -26.91
CA PRO F 14 43.59 0.77 -26.42
C PRO F 14 43.84 0.63 -24.93
N GLY F 15 42.87 0.05 -24.23
CA GLY F 15 42.98 -0.13 -22.79
C GLY F 15 42.53 1.04 -21.95
N ARG F 16 42.33 2.21 -22.53
CA ARG F 16 41.95 3.41 -21.79
C ARG F 16 40.43 3.59 -21.88
N SER F 17 39.95 4.74 -21.39
CA SER F 17 38.53 5.00 -21.27
C SER F 17 38.14 6.28 -22.00
N LEU F 18 36.83 6.39 -22.29
CA LEU F 18 36.27 7.55 -22.97
C LEU F 18 34.79 7.60 -22.65
N ARG F 19 34.29 8.78 -22.32
CA ARG F 19 32.89 8.97 -21.98
C ARG F 19 32.23 9.83 -23.04
N LEU F 20 31.14 9.33 -23.61
CA LEU F 20 30.30 10.06 -24.54
C LEU F 20 29.07 10.60 -23.82
N SER F 21 28.52 11.67 -24.37
CA SER F 21 27.31 12.30 -23.83
C SER F 21 26.30 12.49 -24.94
N CYS F 22 25.03 12.26 -24.60
CA CYS F 22 23.88 12.48 -25.49
C CYS F 22 22.91 13.44 -24.81
N THR F 23 22.56 14.54 -25.47
CA THR F 23 21.62 15.50 -24.90
C THR F 23 20.36 15.60 -25.76
N ASP F 24 19.21 15.71 -25.10
CA ASP F 24 17.94 15.98 -25.77
C ASP F 24 17.59 17.45 -25.58
N SER F 25 17.42 18.16 -26.69
CA SER F 25 16.95 19.53 -26.59
C SER F 25 15.43 19.61 -26.45
N GLY F 26 14.71 18.51 -26.63
CA GLY F 26 13.28 18.48 -26.39
C GLY F 26 12.95 18.45 -24.91
N PHE F 27 11.66 18.27 -24.62
CA PHE F 27 11.18 18.31 -23.25
C PHE F 27 10.73 16.95 -22.70
N THR F 28 11.00 15.85 -23.41
CA THR F 28 10.50 14.55 -22.99
C THR F 28 11.60 13.56 -22.59
N PHE F 29 12.81 14.04 -22.36
CA PHE F 29 13.94 13.13 -22.09
C PHE F 29 13.63 12.15 -20.96
N SER F 30 13.11 12.65 -19.84
CA SER F 30 12.78 11.77 -18.73
C SER F 30 11.71 10.73 -19.07
N GLU F 31 11.06 10.86 -20.22
CA GLU F 31 9.91 10.03 -20.57
C GLU F 31 10.28 8.75 -21.32
N TYR F 32 11.53 8.58 -21.77
CA TYR F 32 11.85 7.41 -22.59
C TYR F 32 13.19 6.79 -22.19
N ALA F 33 13.36 5.53 -22.56
CA ALA F 33 14.62 4.84 -22.36
C ALA F 33 15.62 5.25 -23.44
N LEU F 34 16.82 5.65 -23.02
CA LEU F 34 17.87 6.13 -23.93
C LEU F 34 18.81 4.99 -24.30
N SER F 35 19.05 4.81 -25.62
CA SER F 35 19.88 3.73 -26.15
C SER F 35 21.14 4.26 -26.82
N TRP F 36 22.19 3.45 -26.80
CA TRP F 36 23.33 3.66 -27.68
C TRP F 36 23.40 2.53 -28.69
N VAL F 37 23.65 2.89 -29.96
CA VAL F 37 23.88 1.95 -31.05
C VAL F 37 25.14 2.41 -31.79
N ARG F 38 26.01 1.47 -32.15
CA ARG F 38 27.24 1.83 -32.83
C ARG F 38 27.34 1.17 -34.20
N GLN F 39 28.28 1.65 -35.00
CA GLN F 39 28.46 1.15 -36.36
C GLN F 39 29.93 1.34 -36.74
N ALA F 40 30.69 0.24 -36.81
CA ALA F 40 32.05 0.35 -37.26
C ALA F 40 32.08 0.73 -38.73
N PRO F 41 33.10 1.50 -39.18
CA PRO F 41 33.14 1.97 -40.57
C PRO F 41 32.90 0.85 -41.58
N GLY F 42 31.90 1.05 -42.45
CA GLY F 42 31.58 0.06 -43.46
C GLY F 42 30.86 -1.17 -42.97
N LYS F 43 30.43 -1.20 -41.71
CA LYS F 43 29.82 -2.41 -41.17
C LYS F 43 28.40 -2.10 -40.69
N GLY F 44 27.82 -3.08 -39.99
CA GLY F 44 26.41 -3.01 -39.64
C GLY F 44 26.15 -2.38 -38.29
N LEU F 45 24.86 -2.21 -37.99
CA LEU F 45 24.44 -1.66 -36.72
C LEU F 45 24.59 -2.70 -35.61
N GLU F 46 25.07 -2.25 -34.45
CA GLU F 46 25.20 -3.10 -33.29
C GLU F 46 24.68 -2.33 -32.08
N TRP F 47 23.68 -2.90 -31.40
CA TRP F 47 23.15 -2.28 -30.19
C TRP F 47 24.20 -2.36 -29.07
N VAL F 48 24.44 -1.24 -28.39
CA VAL F 48 25.43 -1.16 -27.32
C VAL F 48 24.76 -1.36 -25.96
N GLY F 49 23.76 -0.53 -25.65
CA GLY F 49 23.00 -0.68 -24.42
C GLY F 49 21.90 0.36 -24.35
N PHE F 50 21.10 0.29 -23.27
CA PHE F 50 20.16 1.37 -22.99
C PHE F 50 20.01 1.55 -21.47
N ILE F 51 19.41 2.67 -21.09
CA ILE F 51 19.07 2.95 -19.70
C ILE F 51 17.60 3.37 -19.64
N ARG F 52 16.86 2.72 -18.76
CA ARG F 52 15.43 2.95 -18.59
C ARG F 52 15.13 4.32 -17.98
N SER F 53 13.88 4.76 -18.13
CA SER F 53 13.44 5.99 -17.49
C SER F 53 13.37 5.79 -15.97
N LYS F 54 13.33 6.91 -15.25
CA LYS F 54 13.30 6.81 -13.79
C LYS F 54 11.99 6.22 -13.29
N ALA F 55 10.91 6.30 -14.06
CA ALA F 55 9.68 5.64 -13.66
C ALA F 55 9.84 4.13 -13.62
N TYR F 56 10.86 3.56 -14.26
CA TYR F 56 11.07 2.13 -14.23
C TYR F 56 12.36 1.75 -13.51
N GLY F 57 12.88 2.64 -12.67
CA GLY F 57 14.07 2.36 -11.89
C GLY F 57 15.36 2.87 -12.47
N GLY F 58 15.36 3.39 -13.70
CA GLY F 58 16.58 3.92 -14.30
C GLY F 58 17.67 2.91 -14.49
N THR F 59 17.31 1.64 -14.63
CA THR F 59 18.27 0.54 -14.75
C THR F 59 18.76 0.40 -16.19
N THR F 60 19.80 -0.40 -16.37
CA THR F 60 20.50 -0.48 -17.65
C THR F 60 20.57 -1.92 -18.15
N GLU F 61 20.78 -2.05 -19.45
CA GLU F 61 21.09 -3.32 -20.08
C GLU F 61 22.17 -3.08 -21.15
N TYR F 62 23.03 -4.08 -21.37
CA TYR F 62 24.13 -3.94 -22.32
C TYR F 62 24.29 -5.19 -23.18
N ALA F 63 24.83 -4.99 -24.38
CA ALA F 63 25.22 -6.11 -25.23
C ALA F 63 26.29 -6.94 -24.53
N ALA F 64 26.30 -8.24 -24.81
CA ALA F 64 27.31 -9.11 -24.22
C ALA F 64 28.71 -8.62 -24.56
N SER F 65 28.91 -8.12 -25.79
CA SER F 65 30.22 -7.69 -26.25
C SER F 65 30.79 -6.50 -25.49
N VAL F 66 30.00 -5.80 -24.67
CA VAL F 66 30.49 -4.64 -23.94
C VAL F 66 30.16 -4.69 -22.46
N LYS F 67 29.46 -5.73 -21.99
CA LYS F 67 29.09 -5.79 -20.58
C LYS F 67 30.33 -5.92 -19.72
N GLY F 68 30.33 -5.20 -18.59
CA GLY F 68 31.49 -5.10 -17.73
C GLY F 68 32.44 -3.98 -18.09
N ARG F 69 32.46 -3.54 -19.35
CA ARG F 69 33.32 -2.45 -19.78
C ARG F 69 32.57 -1.13 -19.93
N PHE F 70 31.33 -1.18 -20.40
CA PHE F 70 30.54 0.03 -20.69
C PHE F 70 29.50 0.24 -19.62
N THR F 71 29.29 1.49 -19.25
CA THR F 71 28.24 1.88 -18.31
C THR F 71 27.49 3.06 -18.87
N ILE F 72 26.17 3.01 -18.78
CA ILE F 72 25.30 4.09 -19.23
C ILE F 72 24.70 4.74 -17.99
N SER F 73 24.76 6.07 -17.94
CA SER F 73 24.13 6.83 -16.87
C SER F 73 23.24 7.90 -17.50
N ARG F 74 22.27 8.38 -16.70
CA ARG F 74 21.44 9.47 -17.16
C ARG F 74 21.32 10.54 -16.06
N ASP F 75 21.26 11.80 -16.50
CA ASP F 75 21.03 12.97 -15.67
C ASP F 75 19.82 13.73 -16.24
N ASP F 76 18.63 13.40 -15.76
CA ASP F 76 17.42 14.03 -16.28
C ASP F 76 17.42 15.54 -16.06
N SER F 77 18.00 16.02 -14.96
CA SER F 77 18.03 17.45 -14.69
C SER F 77 18.70 18.24 -15.81
N LYS F 78 19.57 17.61 -16.59
CA LYS F 78 20.22 18.28 -17.70
C LYS F 78 19.88 17.65 -19.05
N SER F 79 18.86 16.79 -19.10
CA SER F 79 18.41 16.15 -20.34
C SER F 79 19.59 15.50 -21.08
N VAL F 80 20.48 14.86 -20.32
CA VAL F 80 21.70 14.27 -20.88
C VAL F 80 21.84 12.84 -20.38
N ALA F 81 22.36 11.97 -21.25
CA ALA F 81 22.76 10.61 -20.89
C ALA F 81 24.24 10.43 -21.23
N TYR F 82 24.84 9.42 -20.63
CA TYR F 82 26.27 9.18 -20.82
C TYR F 82 26.53 7.73 -21.19
N LEU F 83 27.55 7.54 -22.00
CA LEU F 83 28.09 6.22 -22.30
C LEU F 83 29.56 6.22 -21.86
N GLN F 84 29.83 5.54 -20.75
CA GLN F 84 31.18 5.42 -20.22
C GLN F 84 31.83 4.16 -20.76
N MET F 85 32.97 4.30 -21.42
CA MET F 85 33.59 3.19 -22.12
C MET F 85 34.98 2.92 -21.54
N ASN F 86 35.13 1.79 -20.85
CA ASN F 86 36.39 1.40 -20.25
C ASN F 86 37.04 0.29 -21.05
N SER F 87 38.33 0.09 -20.80
CA SER F 87 39.14 -0.95 -21.42
C SER F 87 38.81 -1.10 -22.90
N LEU F 88 38.99 0.00 -23.63
CA LEU F 88 38.59 0.03 -25.01
C LEU F 88 39.56 -0.79 -25.86
N LYS F 89 39.00 -1.49 -26.83
CA LYS F 89 39.76 -2.26 -27.80
C LYS F 89 39.50 -1.72 -29.20
N THR F 90 40.42 -2.01 -30.11
CA THR F 90 40.31 -1.49 -31.46
C THR F 90 38.99 -1.88 -32.11
N GLU F 91 38.46 -3.07 -31.78
CA GLU F 91 37.16 -3.44 -32.32
C GLU F 91 36.00 -2.60 -31.77
N ASP F 92 36.26 -1.70 -30.80
CA ASP F 92 35.24 -0.74 -30.39
C ASP F 92 35.21 0.51 -31.25
N THR F 93 36.16 0.67 -32.18
CA THR F 93 36.15 1.79 -33.13
C THR F 93 34.85 1.76 -33.93
N ALA F 94 34.12 2.88 -33.88
CA ALA F 94 32.80 2.94 -34.50
C ALA F 94 32.25 4.35 -34.35
N VAL F 95 31.29 4.66 -35.22
CA VAL F 95 30.39 5.77 -34.98
C VAL F 95 29.37 5.33 -33.92
N TYR F 96 29.23 6.11 -32.86
CA TYR F 96 28.29 5.82 -31.78
C TYR F 96 27.09 6.76 -31.90
N PHE F 97 25.91 6.16 -32.04
CA PHE F 97 24.65 6.92 -32.06
C PHE F 97 23.93 6.77 -30.72
N CYS F 98 23.28 7.84 -30.29
CA CYS F 98 22.25 7.72 -29.28
C CYS F 98 20.89 7.79 -29.95
N THR F 99 19.96 6.97 -29.48
CA THR F 99 18.66 6.81 -30.13
C THR F 99 17.55 6.89 -29.09
N GLY F 100 16.40 7.39 -29.51
CA GLY F 100 15.23 7.46 -28.68
C GLY F 100 14.00 6.89 -29.37
N PRO F 101 13.03 6.41 -28.56
CA PRO F 101 11.76 5.92 -29.12
C PRO F 101 10.61 6.89 -28.91
N ARG F 102 9.62 6.82 -29.78
CA ARG F 102 8.34 7.44 -29.51
C ARG F 102 7.63 6.60 -28.45
N PRO F 103 6.51 7.07 -27.90
CA PRO F 103 5.75 6.24 -26.97
C PRO F 103 5.17 5.00 -27.64
N TYR F 104 5.42 3.84 -27.05
CA TYR F 104 4.84 2.58 -27.48
C TYR F 104 4.37 1.78 -26.27
N TYR F 105 3.18 1.18 -26.39
CA TYR F 105 2.64 0.30 -25.36
C TYR F 105 2.73 0.93 -23.96
N ASP F 106 2.63 2.26 -23.91
CA ASP F 106 2.75 3.03 -22.65
C ASP F 106 3.95 2.58 -21.83
N SER F 107 5.02 2.14 -22.50
CA SER F 107 6.18 1.67 -21.75
C SER F 107 7.49 1.89 -22.49
N SER F 108 7.60 2.96 -23.27
CA SER F 108 8.90 3.24 -23.90
C SER F 108 9.98 3.64 -22.89
N GLY F 109 9.60 3.92 -21.63
CA GLY F 109 10.58 4.14 -20.58
C GLY F 109 11.19 2.87 -20.07
N TYR F 110 10.53 1.74 -20.29
CA TYR F 110 11.03 0.46 -19.82
C TYR F 110 11.79 -0.30 -20.89
N TYR F 111 11.41 -0.13 -22.14
CA TYR F 111 12.06 -0.80 -23.25
C TYR F 111 11.95 0.10 -24.48
N PRO F 112 13.07 0.55 -25.08
CA PRO F 112 12.96 1.36 -26.30
C PRO F 112 12.54 0.52 -27.49
N TYR F 113 11.23 0.35 -27.70
CA TYR F 113 10.74 -0.61 -28.68
C TYR F 113 11.38 -0.39 -30.04
N TYR F 114 11.39 0.86 -30.51
CA TYR F 114 11.94 1.17 -31.82
C TYR F 114 12.70 2.49 -31.78
N PHE F 115 13.63 2.65 -32.72
CA PHE F 115 14.52 3.80 -32.74
C PHE F 115 14.00 4.82 -33.75
N ASP F 116 13.06 5.66 -33.28
CA ASP F 116 12.49 6.73 -34.10
C ASP F 116 13.46 7.91 -34.28
N TYR F 117 14.19 8.24 -33.23
CA TYR F 117 15.04 9.43 -33.19
C TYR F 117 16.50 9.00 -33.09
N TRP F 118 17.35 9.57 -33.95
CA TRP F 118 18.78 9.27 -33.97
C TRP F 118 19.56 10.57 -33.87
N GLY F 119 20.64 10.55 -33.12
CA GLY F 119 21.62 11.61 -33.21
C GLY F 119 22.40 11.47 -34.50
N GLN F 120 23.27 12.45 -34.74
CA GLN F 120 24.10 12.44 -35.93
C GLN F 120 25.25 11.45 -35.83
N GLY F 121 25.59 11.00 -34.63
CA GLY F 121 26.69 10.08 -34.47
C GLY F 121 27.98 10.80 -34.13
N THR F 122 28.85 10.11 -33.39
CA THR F 122 30.15 10.64 -33.03
C THR F 122 31.18 9.51 -33.14
N LEU F 123 32.26 9.77 -33.89
CA LEU F 123 33.21 8.72 -34.24
C LEU F 123 34.26 8.55 -33.15
N VAL F 124 34.40 7.33 -32.66
CA VAL F 124 35.40 6.97 -31.66
C VAL F 124 36.43 6.09 -32.34
N THR F 125 37.70 6.49 -32.27
CA THR F 125 38.81 5.74 -32.86
C THR F 125 39.71 5.23 -31.75
N VAL F 126 39.74 3.91 -31.56
CA VAL F 126 40.65 3.28 -30.62
C VAL F 126 41.89 2.85 -31.39
N SER F 127 43.01 3.54 -31.14
CA SER F 127 44.27 3.25 -31.83
C SER F 127 45.42 3.77 -30.99
N SER F 128 46.60 3.15 -31.17
CA SER F 128 47.83 3.58 -30.51
C SER F 128 48.54 4.72 -31.24
N ALA F 129 48.15 5.05 -32.46
CA ALA F 129 48.79 6.16 -33.15
C ALA F 129 48.43 7.47 -32.47
N SER F 130 49.32 8.45 -32.60
CA SER F 130 49.13 9.75 -31.99
C SER F 130 48.32 10.66 -32.91
N THR F 131 47.59 11.59 -32.32
CA THR F 131 46.83 12.53 -33.13
C THR F 131 47.76 13.48 -33.88
N LYS F 132 47.27 13.97 -35.02
CA LYS F 132 48.02 14.92 -35.83
C LYS F 132 47.04 15.81 -36.57
N GLY F 133 47.14 17.11 -36.34
CA GLY F 133 46.35 18.08 -37.06
C GLY F 133 46.79 18.21 -38.50
N PRO F 134 45.88 18.66 -39.36
CA PRO F 134 46.19 18.79 -40.78
C PRO F 134 46.88 20.11 -41.13
N SER F 135 47.57 20.07 -42.27
CA SER F 135 47.92 21.26 -43.02
C SER F 135 46.75 21.55 -43.95
N VAL F 136 46.49 22.83 -44.19
CA VAL F 136 45.39 23.24 -45.05
C VAL F 136 45.96 24.15 -46.12
N PHE F 137 45.71 23.81 -47.38
CA PHE F 137 46.22 24.57 -48.49
C PHE F 137 45.08 24.99 -49.42
N PRO F 138 45.10 26.22 -49.93
CA PRO F 138 44.11 26.61 -50.92
C PRO F 138 44.32 25.88 -52.23
N LEU F 139 43.22 25.56 -52.91
CA LEU F 139 43.22 24.98 -54.25
C LEU F 139 42.65 26.04 -55.19
N ALA F 140 43.54 26.89 -55.72
CA ALA F 140 43.11 28.09 -56.43
C ALA F 140 42.43 27.73 -57.75
N PRO F 141 41.36 28.44 -58.13
CA PRO F 141 40.62 28.19 -59.37
C PRO F 141 41.50 28.36 -60.61
N GLY F 149 32.43 29.77 -67.84
CA GLY F 149 31.13 29.43 -67.29
C GLY F 149 31.13 29.22 -65.79
N THR F 150 31.73 28.12 -65.35
CA THR F 150 31.89 27.80 -63.93
C THR F 150 33.36 27.69 -63.60
N ALA F 151 33.67 27.79 -62.31
CA ALA F 151 35.02 27.64 -61.78
C ALA F 151 34.98 26.69 -60.60
N ALA F 152 36.02 25.87 -60.48
CA ALA F 152 36.18 24.98 -59.32
C ALA F 152 37.36 25.47 -58.50
N LEU F 153 37.09 25.81 -57.24
CA LEU F 153 38.13 26.14 -56.26
C LEU F 153 37.94 25.25 -55.05
N GLY F 154 38.96 25.17 -54.19
CA GLY F 154 38.87 24.22 -53.12
C GLY F 154 39.91 24.39 -52.04
N CYS F 155 39.90 23.44 -51.13
CA CYS F 155 40.85 23.43 -50.04
C CYS F 155 41.34 22.00 -49.87
N LEU F 156 42.64 21.85 -49.66
CA LEU F 156 43.30 20.58 -49.45
C LEU F 156 43.61 20.45 -47.96
N VAL F 157 43.22 19.35 -47.38
CA VAL F 157 43.33 19.10 -45.95
C VAL F 157 44.26 17.90 -45.80
N LYS F 158 45.51 18.16 -45.46
CA LYS F 158 46.58 17.20 -45.69
C LYS F 158 47.14 16.65 -44.39
N ASP F 159 47.24 15.32 -44.31
CA ASP F 159 48.01 14.60 -43.30
C ASP F 159 47.46 14.81 -41.89
N TYR F 160 46.31 14.19 -41.64
CA TYR F 160 45.70 14.27 -40.31
C TYR F 160 45.35 12.88 -39.82
N PHE F 161 45.26 12.77 -38.49
CA PHE F 161 44.79 11.54 -37.86
C PHE F 161 44.22 11.92 -36.51
N PRO F 162 43.10 11.32 -36.09
CA PRO F 162 42.25 10.43 -36.89
C PRO F 162 41.20 11.20 -37.68
N GLU F 163 40.29 10.45 -38.32
CA GLU F 163 39.03 11.03 -38.71
C GLU F 163 38.30 11.47 -37.43
N PRO F 164 37.37 12.42 -37.52
CA PRO F 164 36.88 13.12 -38.73
C PRO F 164 37.39 14.55 -38.87
N VAL F 165 37.25 15.10 -40.07
CA VAL F 165 37.50 16.51 -40.34
C VAL F 165 36.21 17.08 -40.90
N THR F 166 35.87 18.29 -40.48
CA THR F 166 34.73 19.00 -41.04
C THR F 166 35.26 20.18 -41.85
N VAL F 167 34.60 20.43 -42.97
CA VAL F 167 34.89 21.57 -43.84
C VAL F 167 33.56 22.25 -44.14
N SER F 168 33.52 23.56 -43.92
CA SER F 168 32.44 24.41 -44.40
C SER F 168 33.07 25.52 -45.23
N TRP F 169 32.22 26.28 -45.92
CA TRP F 169 32.66 27.41 -46.73
C TRP F 169 31.90 28.66 -46.32
N ASN F 170 32.63 29.74 -46.08
CA ASN F 170 32.05 31.03 -45.69
C ASN F 170 31.14 30.86 -44.48
N SER F 171 31.69 30.18 -43.46
CA SER F 171 30.99 29.85 -42.23
C SER F 171 29.66 29.16 -42.50
N GLY F 172 29.56 28.43 -43.60
CA GLY F 172 28.34 27.73 -43.92
C GLY F 172 27.33 28.50 -44.76
N ALA F 173 27.58 29.79 -45.02
CA ALA F 173 26.70 30.54 -45.92
C ALA F 173 26.75 30.00 -47.35
N LEU F 174 27.80 29.25 -47.71
CA LEU F 174 27.91 28.66 -49.03
C LEU F 174 27.81 27.15 -48.90
N THR F 175 26.76 26.57 -49.49
CA THR F 175 26.58 25.12 -49.47
C THR F 175 26.32 24.60 -50.87
N SER F 176 25.65 25.40 -51.70
CA SER F 176 25.39 25.02 -53.07
C SER F 176 26.70 24.84 -53.82
N GLY F 177 26.85 23.69 -54.49
CA GLY F 177 28.05 23.43 -55.24
C GLY F 177 29.25 23.00 -54.42
N VAL F 178 29.05 22.62 -53.16
CA VAL F 178 30.13 22.14 -52.31
C VAL F 178 30.26 20.64 -52.48
N HIS F 179 31.47 20.17 -52.73
CA HIS F 179 31.73 18.73 -52.74
C HIS F 179 32.94 18.47 -51.85
N THR F 180 32.69 17.84 -50.71
CA THR F 180 33.76 17.43 -49.81
C THR F 180 33.94 15.92 -49.98
N PHE F 181 35.11 15.52 -50.48
CA PHE F 181 35.33 14.15 -50.88
C PHE F 181 35.73 13.29 -49.67
N PRO F 182 35.36 12.01 -49.70
CA PRO F 182 35.88 11.08 -48.69
C PRO F 182 37.40 11.10 -48.66
N ALA F 183 37.94 10.94 -47.45
CA ALA F 183 39.38 11.03 -47.25
C ALA F 183 40.11 9.84 -47.87
N VAL F 184 41.38 10.06 -48.19
CA VAL F 184 42.30 9.00 -48.58
C VAL F 184 43.14 8.64 -47.36
N LEU F 185 43.24 7.35 -47.06
CA LEU F 185 44.15 6.84 -46.03
C LEU F 185 45.45 6.42 -46.72
N GLN F 186 46.50 7.22 -46.55
CA GLN F 186 47.75 6.95 -47.22
C GLN F 186 48.60 5.97 -46.42
N SER F 187 49.63 5.43 -47.09
CA SER F 187 50.44 4.37 -46.52
C SER F 187 51.15 4.80 -45.25
N SER F 188 51.36 6.11 -45.04
CA SER F 188 51.88 6.62 -43.77
C SER F 188 50.90 6.49 -42.61
N GLY F 189 49.65 6.12 -42.88
CA GLY F 189 48.66 6.11 -41.82
C GLY F 189 47.99 7.44 -41.57
N LEU F 190 48.33 8.47 -42.34
CA LEU F 190 47.66 9.77 -42.24
C LEU F 190 46.62 9.91 -43.35
N TYR F 191 45.57 10.66 -43.04
CA TYR F 191 44.48 10.95 -43.95
C TYR F 191 44.72 12.28 -44.66
N SER F 192 44.14 12.40 -45.84
CA SER F 192 44.11 13.65 -46.62
C SER F 192 42.75 13.75 -47.28
N LEU F 193 42.25 14.95 -47.43
CA LEU F 193 40.91 15.14 -47.99
C LEU F 193 40.86 16.47 -48.75
N SER F 194 39.93 16.57 -49.67
CA SER F 194 39.76 17.82 -50.43
C SER F 194 38.29 18.20 -50.45
N SER F 195 38.03 19.48 -50.28
CA SER F 195 36.71 20.03 -50.49
C SER F 195 36.81 21.02 -51.65
N VAL F 196 35.89 20.90 -52.60
CA VAL F 196 35.92 21.73 -53.79
C VAL F 196 34.54 22.34 -53.97
N VAL F 197 34.49 23.62 -54.25
CA VAL F 197 33.23 24.30 -54.50
C VAL F 197 33.23 24.84 -55.93
N THR F 198 32.11 24.62 -56.63
CA THR F 198 31.89 25.14 -57.96
C THR F 198 31.11 26.46 -57.88
N VAL F 199 31.65 27.50 -58.51
CA VAL F 199 31.07 28.84 -58.48
C VAL F 199 31.12 29.42 -59.90
N PRO F 200 30.26 30.40 -60.18
CA PRO F 200 30.37 31.12 -61.44
C PRO F 200 31.71 31.85 -61.55
N SER F 201 32.23 31.90 -62.79
CA SER F 201 33.48 32.62 -63.04
C SER F 201 33.34 34.10 -62.73
N SER F 202 32.14 34.64 -62.92
CA SER F 202 31.84 36.01 -62.51
C SER F 202 32.20 36.24 -61.05
N SER F 203 31.94 35.25 -60.20
CA SER F 203 32.11 35.41 -58.76
C SER F 203 33.55 35.63 -58.36
N LEU F 204 34.50 35.17 -59.18
CA LEU F 204 35.85 34.96 -58.69
C LEU F 204 36.53 36.28 -58.33
N GLY F 205 36.19 37.37 -59.01
CA GLY F 205 36.76 38.66 -58.72
C GLY F 205 35.96 39.54 -57.79
N THR F 206 34.78 39.09 -57.34
CA THR F 206 33.91 39.92 -56.51
C THR F 206 33.42 39.27 -55.23
N GLN F 207 33.69 37.98 -55.02
CA GLN F 207 33.10 37.24 -53.91
C GLN F 207 34.21 36.53 -53.15
N THR F 208 34.24 36.73 -51.83
CA THR F 208 35.28 36.14 -51.00
C THR F 208 34.95 34.68 -50.71
N TYR F 209 35.93 33.80 -50.93
CA TYR F 209 35.74 32.37 -50.69
C TYR F 209 36.75 31.89 -49.66
N ILE F 210 36.24 31.52 -48.49
CA ILE F 210 37.04 31.10 -47.34
C ILE F 210 36.58 29.70 -46.97
N CYS F 211 37.51 28.79 -46.75
CA CYS F 211 37.14 27.48 -46.23
C CYS F 211 37.54 27.40 -44.76
N ASN F 212 36.65 26.83 -43.94
CA ASN F 212 36.78 26.67 -42.50
C ASN F 212 36.97 25.19 -42.22
N VAL F 213 38.12 24.83 -41.69
CA VAL F 213 38.50 23.43 -41.46
C VAL F 213 38.57 23.19 -39.96
N ASN F 214 37.95 22.12 -39.49
CA ASN F 214 38.01 21.78 -38.07
C ASN F 214 38.41 20.32 -37.92
N HIS F 215 39.50 20.08 -37.21
CA HIS F 215 39.92 18.73 -36.80
C HIS F 215 39.92 18.70 -35.28
N LYS F 216 38.78 18.33 -34.71
CA LYS F 216 38.68 18.40 -33.25
C LYS F 216 39.67 17.50 -32.51
N PRO F 217 39.97 16.27 -32.96
CA PRO F 217 40.93 15.45 -32.18
C PRO F 217 42.23 16.16 -31.87
N SER F 218 42.70 17.05 -32.74
CA SER F 218 43.93 17.79 -32.52
C SER F 218 43.70 19.27 -32.25
N ASN F 219 42.45 19.69 -32.05
CA ASN F 219 42.09 21.09 -31.84
C ASN F 219 42.67 21.99 -32.93
N THR F 220 42.60 21.50 -34.17
CA THR F 220 42.99 22.31 -35.33
C THR F 220 41.75 22.97 -35.90
N LYS F 221 41.75 24.30 -35.93
CA LYS F 221 40.71 25.06 -36.60
C LYS F 221 41.40 26.05 -37.51
N VAL F 222 41.19 25.93 -38.82
CA VAL F 222 41.89 26.73 -39.79
C VAL F 222 40.89 27.33 -40.77
N ASP F 223 41.04 28.61 -41.07
CA ASP F 223 40.35 29.29 -42.16
C ASP F 223 41.37 29.68 -43.22
N LYS F 224 41.09 29.34 -44.48
CA LYS F 224 41.98 29.67 -45.57
C LYS F 224 41.19 30.36 -46.67
N ARG F 225 41.61 31.57 -47.03
CA ARG F 225 41.03 32.24 -48.18
C ARG F 225 41.60 31.65 -49.46
N VAL F 226 40.72 31.39 -50.42
CA VAL F 226 41.11 30.83 -51.72
C VAL F 226 40.91 31.93 -52.75
N GLU F 227 42.00 32.36 -53.36
CA GLU F 227 41.89 33.40 -54.37
C GLU F 227 42.39 32.87 -55.72
N PRO F 228 41.93 33.47 -56.82
CA PRO F 228 42.59 33.13 -58.08
C PRO F 228 43.95 33.80 -58.19
#